data_3TIH
#
_entry.id   3TIH
#
_cell.length_a   55.574
_cell.length_b   197.208
_cell.length_c   83.321
_cell.angle_alpha   90.00
_cell.angle_beta   91.25
_cell.angle_gamma   90.00
#
_symmetry.space_group_name_H-M   'P 1 21 1'
#
_entity_poly.entity_id   1
_entity_poly.type   'polypeptide(L)'
_entity_poly.pdbx_seq_one_letter_code
;VWKEAKTTLFCASDAKSYEREVHNVWATHACVPTDPDPQELVMANVTENFNMWKNDMVDQMHEDIISLWDQSLKPCVKLT
GGSTITQACPKVSFDPIPIHYCAPAGYAILKCNNKTFSGKGPCSNVSTVQCTHGIRPVVSTQLLLNGSLAEEEIVIRSEN
LTDNAKTIIVHLNKSVEIECIRPGNGGSGSGGDIRKAYCKINGSEWNETLTKVSEKLKEYFNKTIRFAQHSGGDLEVTTH
SFNCRGEFFYCNTSELFNSNATESNITLPCRIKQIINMWQGVGRAMYAPPIRGEIKCTSNITGILLTRDGGNNNNSTEEI
FRPEGGNMRDNWRSELYKYKVVEIK
;
_entity_poly.pdbx_strand_id   A,B,C,D
#
# COMPACT_ATOMS: atom_id res chain seq x y z
N VAL A 1 9.58 19.68 -29.12
CA VAL A 1 8.84 19.59 -30.38
C VAL A 1 7.78 18.50 -30.30
N TRP A 2 6.58 18.81 -30.77
CA TRP A 2 5.47 17.87 -30.74
C TRP A 2 4.66 17.97 -32.03
N LYS A 3 3.65 17.12 -32.17
CA LYS A 3 2.79 17.16 -33.34
C LYS A 3 1.38 16.66 -33.03
N GLU A 4 0.39 17.31 -33.63
CA GLU A 4 -1.01 16.98 -33.39
C GLU A 4 -1.40 15.70 -34.11
N ALA A 5 -1.23 14.57 -33.44
CA ALA A 5 -1.59 13.28 -34.00
C ALA A 5 -2.80 12.68 -33.28
N LYS A 6 -3.44 11.71 -33.92
CA LYS A 6 -4.64 11.11 -33.36
C LYS A 6 -4.48 9.60 -33.21
N THR A 7 -4.92 9.08 -32.06
CA THR A 7 -4.81 7.66 -31.78
C THR A 7 -5.99 7.15 -30.95
N THR A 8 -5.96 5.87 -30.61
CA THR A 8 -7.02 5.26 -29.81
C THR A 8 -6.89 5.61 -28.34
N LEU A 9 -7.93 6.22 -27.79
CA LEU A 9 -7.95 6.62 -26.39
C LEU A 9 -8.54 5.51 -25.52
N PHE A 10 -8.73 5.81 -24.24
CA PHE A 10 -9.37 4.89 -23.31
C PHE A 10 -9.98 5.65 -22.14
N CYS A 11 -11.00 5.07 -21.54
CA CYS A 11 -11.72 5.73 -20.46
C CYS A 11 -11.12 5.42 -19.09
N ALA A 12 -11.44 6.26 -18.11
CA ALA A 12 -11.02 6.04 -16.73
C ALA A 12 -12.07 6.62 -15.79
N SER A 13 -12.63 5.78 -14.92
CA SER A 13 -13.71 6.23 -14.04
C SER A 13 -13.72 5.50 -12.71
N ASP A 14 -14.42 6.07 -11.74
CA ASP A 14 -14.59 5.45 -10.43
C ASP A 14 -15.65 4.36 -10.49
N ALA A 15 -15.49 3.44 -11.43
CA ALA A 15 -16.46 2.38 -11.64
C ALA A 15 -16.52 1.43 -10.46
N LYS A 16 -17.62 0.68 -10.39
CA LYS A 16 -17.85 -0.24 -9.28
C LYS A 16 -18.22 -1.63 -9.79
N SER A 17 -17.51 -2.63 -9.28
CA SER A 17 -17.69 -4.00 -9.74
C SER A 17 -18.81 -4.72 -9.00
N TYR A 18 -19.94 -4.04 -8.84
CA TYR A 18 -21.09 -4.63 -8.15
C TYR A 18 -22.40 -3.94 -8.50
N GLU A 19 -22.35 -2.62 -8.67
CA GLU A 19 -23.56 -1.82 -8.84
C GLU A 19 -24.29 -2.17 -10.12
N ARG A 20 -25.60 -1.92 -10.14
CA ARG A 20 -26.43 -2.25 -11.30
C ARG A 20 -26.78 -1.03 -12.14
N GLU A 21 -26.00 0.04 -12.00
CA GLU A 21 -26.21 1.23 -12.80
C GLU A 21 -25.79 0.91 -14.23
N VAL A 22 -26.45 1.51 -15.21
CA VAL A 22 -26.13 1.27 -16.61
C VAL A 22 -24.69 1.67 -16.93
N HIS A 23 -24.28 2.81 -16.39
CA HIS A 23 -22.92 3.29 -16.59
C HIS A 23 -21.93 2.45 -15.78
N ASN A 24 -22.21 2.30 -14.49
CA ASN A 24 -21.31 1.58 -13.58
C ASN A 24 -21.15 0.09 -13.87
N VAL A 25 -21.72 -0.36 -14.99
CA VAL A 25 -21.56 -1.74 -15.44
C VAL A 25 -20.74 -1.77 -16.73
N TRP A 26 -21.01 -0.83 -17.63
CA TRP A 26 -20.23 -0.73 -18.86
C TRP A 26 -18.91 -0.01 -18.60
N ALA A 27 -18.93 0.98 -17.70
CA ALA A 27 -17.74 1.75 -17.40
C ALA A 27 -16.77 0.99 -16.50
N THR A 28 -16.94 -0.33 -16.43
CA THR A 28 -16.00 -1.20 -15.73
C THR A 28 -15.74 -2.42 -16.60
N HIS A 29 -16.42 -2.47 -17.74
CA HIS A 29 -16.26 -3.57 -18.69
C HIS A 29 -15.14 -3.29 -19.68
N ALA A 30 -15.03 -2.02 -20.10
CA ALA A 30 -13.99 -1.61 -21.03
C ALA A 30 -13.37 -0.30 -20.56
N CYS A 31 -13.27 -0.14 -19.25
CA CYS A 31 -12.80 1.11 -18.66
C CYS A 31 -11.93 0.81 -17.44
N VAL A 32 -11.16 1.79 -17.01
CA VAL A 32 -10.20 1.58 -15.92
C VAL A 32 -10.48 2.49 -14.72
N PRO A 33 -9.96 2.11 -13.54
CA PRO A 33 -10.06 2.97 -12.36
C PRO A 33 -9.35 4.30 -12.56
N THR A 34 -9.93 5.38 -12.02
CA THR A 34 -9.33 6.71 -12.14
C THR A 34 -7.99 6.78 -11.41
N ASP A 35 -6.97 7.24 -12.12
CA ASP A 35 -5.63 7.39 -11.53
C ASP A 35 -5.67 8.37 -10.36
N PRO A 36 -5.34 7.88 -9.16
CA PRO A 36 -5.47 8.63 -7.91
C PRO A 36 -4.55 9.85 -7.82
N ASP A 37 -3.32 9.73 -8.29
CA ASP A 37 -2.36 10.83 -8.21
C ASP A 37 -2.17 11.48 -9.59
N PRO A 38 -2.91 12.56 -9.85
CA PRO A 38 -2.85 13.23 -11.16
C PRO A 38 -1.55 14.02 -11.30
N GLN A 39 -1.19 14.36 -12.53
CA GLN A 39 0.02 15.14 -12.77
C GLN A 39 -0.11 16.13 -13.92
N GLU A 40 -0.21 17.40 -13.56
CA GLU A 40 -0.34 18.48 -14.53
C GLU A 40 0.92 19.33 -14.54
N LEU A 41 1.30 19.83 -15.71
CA LEU A 41 2.49 20.65 -15.85
C LEU A 41 2.17 21.99 -16.51
N VAL A 42 2.34 23.06 -15.75
CA VAL A 42 2.03 24.41 -16.22
C VAL A 42 3.11 24.93 -17.16
N MET A 43 2.86 24.83 -18.46
CA MET A 43 3.78 25.32 -19.47
C MET A 43 3.80 26.84 -19.46
N ALA A 44 4.98 27.43 -19.32
CA ALA A 44 5.08 28.89 -19.30
C ALA A 44 5.47 29.43 -20.67
N ASN A 45 4.95 30.60 -21.02
CA ASN A 45 5.16 31.22 -22.34
C ASN A 45 4.95 30.27 -23.51
N VAL A 46 3.95 29.40 -23.39
CA VAL A 46 3.64 28.44 -24.44
C VAL A 46 2.26 28.70 -25.01
N THR A 47 2.17 28.69 -26.35
CA THR A 47 0.89 28.87 -27.02
C THR A 47 0.64 27.77 -28.05
N GLU A 48 -0.59 27.27 -28.11
CA GLU A 48 -0.96 26.23 -29.05
C GLU A 48 -2.34 26.45 -29.64
N ASN A 49 -2.55 25.97 -30.86
CA ASN A 49 -3.82 26.16 -31.55
C ASN A 49 -4.78 24.99 -31.36
N PHE A 50 -5.67 25.12 -30.38
CA PHE A 50 -6.70 24.12 -30.14
C PHE A 50 -7.83 24.25 -31.14
N ASN A 51 -8.73 23.27 -31.11
CA ASN A 51 -9.96 23.31 -31.89
C ASN A 51 -10.92 22.25 -31.40
N MET A 52 -12.17 22.64 -31.17
CA MET A 52 -13.17 21.73 -30.63
C MET A 52 -14.01 21.08 -31.73
N TRP A 53 -14.17 21.80 -32.84
CA TRP A 53 -15.06 21.36 -33.92
C TRP A 53 -14.40 20.34 -34.83
N LYS A 54 -13.13 20.57 -35.16
CA LYS A 54 -12.37 19.64 -36.00
C LYS A 54 -11.56 18.72 -35.09
N ASN A 55 -11.98 18.60 -33.84
CA ASN A 55 -11.36 17.72 -32.87
C ASN A 55 -11.80 16.28 -33.10
N ASP A 56 -10.98 15.34 -32.63
CA ASP A 56 -11.29 13.92 -32.77
C ASP A 56 -11.70 13.29 -31.45
N MET A 57 -11.30 13.93 -30.35
CA MET A 57 -11.66 13.45 -29.01
C MET A 57 -13.17 13.42 -28.84
N VAL A 58 -13.84 14.36 -29.48
CA VAL A 58 -15.30 14.41 -29.48
C VAL A 58 -15.86 13.17 -30.15
N ASP A 59 -15.41 12.90 -31.38
CA ASP A 59 -15.85 11.74 -32.13
C ASP A 59 -15.47 10.43 -31.45
N GLN A 60 -14.40 10.46 -30.66
CA GLN A 60 -13.98 9.28 -29.90
C GLN A 60 -15.03 8.92 -28.86
N MET A 61 -15.30 9.87 -27.96
CA MET A 61 -16.26 9.66 -26.88
C MET A 61 -17.69 9.48 -27.40
N HIS A 62 -18.02 10.22 -28.45
CA HIS A 62 -19.34 10.14 -29.06
C HIS A 62 -19.68 8.73 -29.52
N GLU A 63 -18.72 8.06 -30.14
CA GLU A 63 -18.90 6.69 -30.60
C GLU A 63 -18.94 5.69 -29.44
N ASP A 64 -18.13 5.95 -28.42
CA ASP A 64 -18.04 5.05 -27.27
C ASP A 64 -19.33 5.01 -26.44
N ILE A 65 -20.10 6.10 -26.50
CA ILE A 65 -21.33 6.20 -25.72
C ILE A 65 -22.54 5.68 -26.51
N ILE A 66 -22.47 5.81 -27.83
CA ILE A 66 -23.49 5.22 -28.70
C ILE A 66 -23.51 3.71 -28.50
N SER A 67 -22.32 3.13 -28.37
CA SER A 67 -22.18 1.71 -28.11
C SER A 67 -22.82 1.35 -26.77
N LEU A 68 -22.62 2.23 -25.78
CA LEU A 68 -23.15 2.03 -24.44
C LEU A 68 -24.67 1.86 -24.49
N TRP A 69 -25.35 2.77 -25.17
CA TRP A 69 -26.80 2.76 -25.21
C TRP A 69 -27.37 1.66 -26.11
N ASP A 70 -26.61 1.26 -27.13
CA ASP A 70 -27.06 0.21 -28.04
C ASP A 70 -26.90 -1.18 -27.42
N GLN A 71 -26.36 -1.24 -26.21
CA GLN A 71 -26.21 -2.52 -25.51
C GLN A 71 -26.57 -2.42 -24.03
N SER A 72 -27.36 -1.41 -23.68
CA SER A 72 -27.82 -1.24 -22.31
C SER A 72 -29.29 -0.83 -22.28
N LEU A 73 -29.60 0.30 -22.89
CA LEU A 73 -30.99 0.74 -23.02
C LEU A 73 -31.66 0.01 -24.17
N LYS A 74 -32.05 -1.24 -23.92
CA LYS A 74 -32.68 -2.06 -24.94
C LYS A 74 -34.14 -1.69 -25.15
N PRO A 75 -34.47 -1.18 -26.35
CA PRO A 75 -35.85 -0.83 -26.70
C PRO A 75 -36.67 -2.08 -26.96
N CYS A 76 -37.95 -2.04 -26.62
CA CYS A 76 -38.84 -3.17 -26.85
C CYS A 76 -38.95 -3.44 -28.35
N VAL A 77 -38.74 -2.39 -29.13
CA VAL A 77 -38.70 -2.52 -30.58
C VAL A 77 -37.72 -1.49 -31.17
N LYS A 78 -36.60 -1.99 -31.71
CA LYS A 78 -35.64 -1.12 -32.37
C LYS A 78 -35.91 -1.13 -33.87
N LEU A 79 -36.44 -0.02 -34.38
CA LEU A 79 -36.86 0.05 -35.78
C LEU A 79 -36.05 1.05 -36.59
N THR A 80 -35.26 0.53 -37.53
CA THR A 80 -34.51 1.37 -38.46
C THR A 80 -34.60 0.85 -39.89
N GLY A 81 -35.02 1.73 -40.80
CA GLY A 81 -35.16 1.36 -42.20
C GLY A 81 -36.18 0.26 -42.41
N GLY A 82 -35.90 -0.64 -43.35
CA GLY A 82 -36.80 -1.73 -43.67
C GLY A 82 -36.81 -2.82 -42.63
N SER A 83 -35.64 -3.39 -42.35
CA SER A 83 -35.51 -4.46 -41.36
C SER A 83 -35.93 -3.99 -39.97
N THR A 84 -36.39 -4.93 -39.16
CA THR A 84 -36.89 -4.60 -37.83
C THR A 84 -36.52 -5.65 -36.79
N ILE A 85 -36.25 -5.20 -35.57
CA ILE A 85 -35.90 -6.09 -34.47
C ILE A 85 -36.61 -5.67 -33.19
N THR A 86 -37.19 -6.64 -32.49
CA THR A 86 -37.88 -6.37 -31.24
C THR A 86 -37.38 -7.31 -30.15
N GLN A 87 -36.84 -6.73 -29.08
CA GLN A 87 -36.34 -7.55 -27.96
C GLN A 87 -36.84 -7.08 -26.60
N ALA A 88 -36.21 -7.57 -25.54
CA ALA A 88 -36.62 -7.23 -24.18
C ALA A 88 -36.41 -5.76 -23.87
N CYS A 89 -37.16 -5.25 -22.89
CA CYS A 89 -37.09 -3.85 -22.52
C CYS A 89 -37.34 -3.65 -21.02
N PRO A 90 -36.36 -4.03 -20.18
CA PRO A 90 -36.46 -3.87 -18.74
C PRO A 90 -36.06 -2.46 -18.30
N LYS A 91 -36.44 -2.06 -17.10
CA LYS A 91 -36.06 -0.75 -16.58
C LYS A 91 -34.96 -0.84 -15.54
N VAL A 92 -33.92 -0.03 -15.74
CA VAL A 92 -32.77 -0.03 -14.85
C VAL A 92 -32.52 1.38 -14.31
N SER A 93 -31.71 1.48 -13.25
CA SER A 93 -31.31 2.78 -12.73
C SER A 93 -30.46 3.49 -13.77
N PHE A 94 -30.56 4.82 -13.81
CA PHE A 94 -29.90 5.61 -14.84
C PHE A 94 -29.44 6.97 -14.31
N ASP A 95 -28.16 7.08 -13.97
CA ASP A 95 -27.60 8.35 -13.54
C ASP A 95 -26.14 8.46 -14.00
N PRO A 96 -25.83 9.46 -14.82
CA PRO A 96 -24.51 9.66 -15.41
C PRO A 96 -23.41 9.83 -14.37
N ILE A 97 -22.21 9.32 -14.67
CA ILE A 97 -21.09 9.34 -13.75
C ILE A 97 -19.85 9.94 -14.42
N PRO A 98 -18.91 10.46 -13.61
CA PRO A 98 -17.65 10.99 -14.15
C PRO A 98 -16.90 9.97 -14.99
N ILE A 99 -16.62 10.33 -16.25
CA ILE A 99 -15.84 9.49 -17.14
C ILE A 99 -14.62 10.25 -17.64
N HIS A 100 -13.50 10.09 -16.93
CA HIS A 100 -12.24 10.72 -17.32
C HIS A 100 -11.67 10.00 -18.54
N TYR A 101 -11.39 10.75 -19.61
CA TYR A 101 -10.75 10.18 -20.78
C TYR A 101 -9.25 10.44 -20.75
N CYS A 102 -8.46 9.38 -20.90
CA CYS A 102 -7.01 9.48 -20.74
C CYS A 102 -6.24 9.14 -22.00
N ALA A 103 -4.97 9.56 -22.04
CA ALA A 103 -4.10 9.32 -23.17
C ALA A 103 -3.26 8.07 -22.96
N PRO A 104 -3.07 7.28 -24.04
CA PRO A 104 -2.35 6.01 -23.97
C PRO A 104 -0.84 6.19 -23.77
N ALA A 105 -0.11 5.08 -23.86
CA ALA A 105 1.34 5.11 -23.66
C ALA A 105 2.07 5.66 -24.89
N GLY A 106 2.56 6.90 -24.77
CA GLY A 106 3.32 7.51 -25.84
C GLY A 106 2.77 8.85 -26.30
N TYR A 107 1.61 9.23 -25.76
CA TYR A 107 0.96 10.46 -26.16
C TYR A 107 0.59 11.32 -24.95
N ALA A 108 0.01 12.49 -25.21
CA ALA A 108 -0.36 13.41 -24.15
C ALA A 108 -1.51 14.33 -24.54
N ILE A 109 -2.13 14.97 -23.54
CA ILE A 109 -3.22 15.89 -23.78
C ILE A 109 -2.90 17.25 -23.21
N LEU A 110 -3.43 18.30 -23.84
CA LEU A 110 -3.18 19.67 -23.41
C LEU A 110 -4.45 20.32 -22.86
N LYS A 111 -4.40 20.73 -21.60
CA LYS A 111 -5.53 21.39 -20.95
C LYS A 111 -5.30 22.89 -20.89
N CYS A 112 -5.95 23.63 -21.78
CA CYS A 112 -5.82 25.08 -21.84
C CYS A 112 -6.27 25.75 -20.54
N ASN A 113 -5.31 26.33 -19.82
CA ASN A 113 -5.60 26.97 -18.53
C ASN A 113 -6.40 28.26 -18.68
N ASN A 114 -6.30 28.87 -19.86
CA ASN A 114 -7.03 30.10 -20.12
C ASN A 114 -8.54 29.87 -20.04
N LYS A 115 -9.17 30.48 -19.04
CA LYS A 115 -10.58 30.25 -18.77
C LYS A 115 -11.48 30.84 -19.86
N THR A 116 -11.06 31.97 -20.42
CA THR A 116 -11.83 32.62 -21.48
C THR A 116 -11.36 32.18 -22.87
N PHE A 117 -11.24 30.87 -23.06
CA PHE A 117 -10.85 30.32 -24.34
C PHE A 117 -12.05 30.31 -25.29
N SER A 118 -11.84 30.77 -26.52
CA SER A 118 -12.93 30.91 -27.49
C SER A 118 -13.29 29.60 -28.16
N GLY A 119 -12.72 28.50 -27.67
CA GLY A 119 -13.04 27.18 -28.17
C GLY A 119 -12.18 26.75 -29.35
N LYS A 120 -11.79 27.71 -30.18
CA LYS A 120 -10.99 27.42 -31.35
C LYS A 120 -9.97 28.52 -31.61
N GLY A 121 -8.69 28.19 -31.39
CA GLY A 121 -7.63 29.15 -31.61
C GLY A 121 -6.46 28.97 -30.66
N PRO A 122 -5.71 30.05 -30.42
CA PRO A 122 -4.52 30.06 -29.57
C PRO A 122 -4.85 30.02 -28.08
N CYS A 123 -4.02 29.35 -27.30
CA CYS A 123 -4.19 29.31 -25.86
C CYS A 123 -3.02 29.99 -25.17
N SER A 124 -3.30 31.08 -24.46
CA SER A 124 -2.25 31.85 -23.79
C SER A 124 -1.53 31.00 -22.75
N ASN A 125 -2.28 30.52 -21.77
CA ASN A 125 -1.71 29.67 -20.71
C ASN A 125 -2.02 28.21 -20.96
N VAL A 126 -1.06 27.48 -21.51
CA VAL A 126 -1.25 26.06 -21.80
C VAL A 126 -0.63 25.19 -20.71
N SER A 127 -1.30 24.11 -20.37
CA SER A 127 -0.72 23.08 -19.50
C SER A 127 -0.97 21.71 -20.12
N THR A 128 -0.44 20.68 -19.49
CA THR A 128 -0.64 19.32 -19.98
C THR A 128 -1.07 18.37 -18.87
N VAL A 129 -1.84 17.36 -19.24
CA VAL A 129 -2.30 16.36 -18.29
C VAL A 129 -2.16 14.97 -18.91
N GLN A 130 -2.56 13.95 -18.15
CA GLN A 130 -2.58 12.59 -18.66
C GLN A 130 -4.00 12.21 -19.06
N CYS A 131 -4.97 12.62 -18.25
CA CYS A 131 -6.38 12.33 -18.50
C CYS A 131 -7.24 13.57 -18.29
N THR A 132 -8.47 13.52 -18.80
CA THR A 132 -9.44 14.58 -18.59
C THR A 132 -9.99 14.54 -17.16
N HIS A 133 -10.90 15.47 -16.88
CA HIS A 133 -11.52 15.55 -15.56
C HIS A 133 -12.80 14.74 -15.51
N GLY A 134 -13.55 14.88 -14.42
CA GLY A 134 -14.81 14.16 -14.25
C GLY A 134 -15.85 14.60 -15.26
N ILE A 135 -16.05 13.78 -16.28
CA ILE A 135 -17.01 14.10 -17.34
C ILE A 135 -18.19 13.15 -17.34
N ARG A 136 -19.37 13.68 -17.00
CA ARG A 136 -20.60 12.90 -16.99
C ARG A 136 -21.28 12.91 -18.35
N PRO A 137 -21.55 11.72 -18.90
CA PRO A 137 -22.19 11.55 -20.21
C PRO A 137 -23.61 12.09 -20.22
N VAL A 138 -23.77 13.39 -20.42
CA VAL A 138 -25.08 14.00 -20.43
C VAL A 138 -25.67 14.04 -21.83
N VAL A 139 -26.71 13.24 -22.03
CA VAL A 139 -27.36 13.14 -23.33
C VAL A 139 -28.67 13.92 -23.30
N SER A 140 -28.68 15.08 -23.96
CA SER A 140 -29.87 15.93 -23.98
C SER A 140 -29.87 16.90 -25.17
N THR A 141 -30.96 17.68 -25.27
CA THR A 141 -31.10 18.69 -26.30
C THR A 141 -31.40 20.03 -25.65
N GLN A 142 -31.23 21.12 -26.39
CA GLN A 142 -31.50 22.47 -25.91
C GLN A 142 -30.67 22.88 -24.68
N LEU A 143 -30.70 22.06 -23.64
CA LEU A 143 -29.96 22.34 -22.41
C LEU A 143 -28.89 21.29 -22.15
N LEU A 144 -27.86 21.68 -21.40
CA LEU A 144 -26.83 20.76 -20.92
C LEU A 144 -26.94 20.61 -19.41
N LEU A 145 -26.79 19.38 -18.93
CA LEU A 145 -26.96 19.08 -17.52
C LEU A 145 -25.66 18.59 -16.88
N ASN A 146 -25.65 18.52 -15.55
CA ASN A 146 -24.55 17.94 -14.76
C ASN A 146 -23.12 18.27 -15.17
N GLY A 147 -22.95 19.27 -16.04
CA GLY A 147 -21.63 19.61 -16.55
C GLY A 147 -20.81 20.43 -15.58
N SER A 148 -19.79 21.10 -16.11
CA SER A 148 -18.92 21.94 -15.30
C SER A 148 -19.12 23.42 -15.64
N LEU A 149 -19.33 24.23 -14.62
CA LEU A 149 -19.54 25.66 -14.80
C LEU A 149 -18.30 26.34 -15.35
N ALA A 150 -18.51 27.41 -16.12
CA ALA A 150 -17.40 28.23 -16.59
C ALA A 150 -16.86 29.06 -15.43
N GLU A 151 -15.55 29.12 -15.30
CA GLU A 151 -14.91 29.84 -14.20
C GLU A 151 -15.01 31.35 -14.40
N GLU A 152 -14.89 31.79 -15.65
CA GLU A 152 -14.94 33.22 -15.96
C GLU A 152 -16.31 33.66 -16.46
N GLU A 153 -16.33 34.84 -17.08
CA GLU A 153 -17.54 35.40 -17.66
C GLU A 153 -18.11 34.44 -18.71
N ILE A 154 -19.42 34.52 -18.92
CA ILE A 154 -20.12 33.62 -19.84
C ILE A 154 -19.43 33.50 -21.20
N VAL A 155 -19.02 32.28 -21.55
CA VAL A 155 -18.26 32.02 -22.76
C VAL A 155 -19.12 31.50 -23.90
N ILE A 156 -18.90 32.02 -25.10
CA ILE A 156 -19.60 31.56 -26.29
C ILE A 156 -18.60 30.89 -27.22
N ARG A 157 -19.06 29.89 -27.97
CA ARG A 157 -18.19 29.18 -28.91
C ARG A 157 -18.92 28.70 -30.17
N SER A 158 -18.32 29.00 -31.32
CA SER A 158 -18.89 28.59 -32.60
C SER A 158 -17.80 28.08 -33.55
N GLU A 159 -18.19 27.29 -34.54
CA GLU A 159 -17.25 26.78 -35.53
C GLU A 159 -17.00 27.81 -36.61
N ASN A 160 -18.09 28.42 -37.08
CA ASN A 160 -18.01 29.43 -38.12
C ASN A 160 -19.23 30.34 -38.07
N LEU A 161 -19.13 31.42 -37.30
CA LEU A 161 -20.24 32.36 -37.15
C LEU A 161 -20.61 33.04 -38.47
N THR A 162 -19.78 32.86 -39.49
CA THR A 162 -20.13 33.25 -40.84
C THR A 162 -21.42 32.54 -41.21
N ASP A 163 -21.46 31.24 -40.95
CA ASP A 163 -22.67 30.45 -41.14
C ASP A 163 -23.54 30.48 -39.88
N ASN A 164 -24.81 30.80 -40.06
CA ASN A 164 -25.77 30.76 -38.96
C ASN A 164 -26.27 29.33 -38.76
N ALA A 165 -25.86 28.44 -39.64
CA ALA A 165 -26.29 27.05 -39.60
C ALA A 165 -25.44 26.20 -38.65
N LYS A 166 -24.32 26.76 -38.21
CA LYS A 166 -23.46 26.07 -37.26
C LYS A 166 -23.88 26.37 -35.82
N THR A 167 -24.02 25.32 -35.03
CA THR A 167 -24.55 25.42 -33.67
C THR A 167 -23.68 26.29 -32.75
N ILE A 168 -24.30 26.86 -31.73
CA ILE A 168 -23.61 27.70 -30.76
C ILE A 168 -23.74 27.14 -29.35
N ILE A 169 -22.60 26.91 -28.69
CA ILE A 169 -22.58 26.37 -27.34
C ILE A 169 -22.23 27.45 -26.32
N VAL A 170 -22.87 27.41 -25.16
CA VAL A 170 -22.69 28.43 -24.12
C VAL A 170 -22.34 27.81 -22.77
N HIS A 171 -21.49 28.49 -22.00
CA HIS A 171 -21.20 28.11 -20.62
C HIS A 171 -21.62 29.21 -19.64
N LEU A 172 -21.63 28.89 -18.36
CA LEU A 172 -22.15 29.82 -17.34
C LEU A 172 -21.21 29.96 -16.15
N ASN A 173 -21.21 31.13 -15.52
CA ASN A 173 -20.41 31.35 -14.32
C ASN A 173 -21.17 31.13 -13.02
N LYS A 174 -22.37 30.55 -13.14
CA LYS A 174 -23.15 30.14 -11.98
C LYS A 174 -24.25 29.17 -12.41
N SER A 175 -24.48 28.13 -11.60
CA SER A 175 -25.42 27.08 -11.94
C SER A 175 -26.86 27.40 -11.53
N VAL A 176 -27.82 26.81 -12.24
CA VAL A 176 -29.24 26.93 -11.90
C VAL A 176 -29.86 25.54 -11.83
N GLU A 177 -30.54 25.24 -10.75
CA GLU A 177 -31.11 23.91 -10.54
C GLU A 177 -32.40 23.68 -11.32
N ILE A 178 -32.56 22.47 -11.86
CA ILE A 178 -33.80 22.08 -12.51
C ILE A 178 -34.40 20.86 -11.81
N GLU A 179 -35.73 20.80 -11.74
CA GLU A 179 -36.40 19.71 -11.03
C GLU A 179 -37.56 19.16 -11.85
N CYS A 180 -37.34 18.02 -12.50
CA CYS A 180 -38.39 17.36 -13.26
C CYS A 180 -38.92 16.14 -12.52
N ILE A 181 -40.16 16.24 -12.06
CA ILE A 181 -40.76 15.20 -11.22
C ILE A 181 -41.81 14.39 -11.96
N ARG A 182 -42.23 13.28 -11.35
CA ARG A 182 -43.31 12.46 -11.87
C ARG A 182 -44.00 11.84 -10.67
N PRO A 183 -45.07 12.50 -10.17
CA PRO A 183 -45.83 12.13 -8.98
C PRO A 183 -46.07 10.62 -8.85
N GLY A 184 -45.72 10.06 -7.69
CA GLY A 184 -45.80 8.63 -7.47
C GLY A 184 -47.18 8.12 -7.14
N ASN A 185 -48.20 8.67 -7.82
CA ASN A 185 -49.57 8.24 -7.62
C ASN A 185 -50.45 8.65 -8.80
N GLY A 192 -54.73 7.05 -13.22
CA GLY A 192 -54.77 8.37 -13.83
C GLY A 192 -53.85 8.48 -15.02
N ASP A 193 -53.15 9.60 -15.12
CA ASP A 193 -52.23 9.84 -16.23
C ASP A 193 -50.78 9.65 -15.79
N ILE A 194 -50.12 8.65 -16.37
CA ILE A 194 -48.73 8.36 -16.04
C ILE A 194 -47.79 9.35 -16.73
N ARG A 195 -47.97 9.51 -18.03
CA ARG A 195 -47.10 10.36 -18.83
C ARG A 195 -47.36 11.85 -18.57
N LYS A 196 -46.89 12.34 -17.42
CA LYS A 196 -47.00 13.74 -17.08
C LYS A 196 -45.91 14.12 -16.09
N ALA A 197 -45.33 15.31 -16.26
CA ALA A 197 -44.21 15.73 -15.43
C ALA A 197 -44.17 17.23 -15.22
N TYR A 198 -43.37 17.68 -14.26
CA TYR A 198 -43.26 19.10 -13.95
C TYR A 198 -41.80 19.54 -13.80
N CYS A 199 -41.37 20.49 -14.63
CA CYS A 199 -40.02 21.03 -14.55
C CYS A 199 -39.98 22.34 -13.75
N LYS A 200 -39.39 22.28 -12.57
CA LYS A 200 -39.29 23.47 -11.71
C LYS A 200 -37.94 24.16 -11.78
N ILE A 201 -37.99 25.49 -11.72
CA ILE A 201 -36.79 26.32 -11.79
C ILE A 201 -36.97 27.58 -10.95
N ASN A 202 -35.98 27.90 -10.13
CA ASN A 202 -36.02 29.14 -9.37
C ASN A 202 -35.92 30.34 -10.30
N GLY A 203 -37.03 31.05 -10.46
CA GLY A 203 -37.13 32.15 -11.40
C GLY A 203 -36.19 33.32 -11.17
N SER A 204 -35.95 33.64 -9.91
CA SER A 204 -35.07 34.76 -9.57
C SER A 204 -33.64 34.48 -10.04
N GLU A 205 -33.25 33.22 -9.99
CA GLU A 205 -31.93 32.81 -10.46
C GLU A 205 -31.94 32.58 -11.97
N TRP A 206 -33.06 32.87 -12.61
CA TRP A 206 -33.19 32.75 -14.05
C TRP A 206 -33.20 34.12 -14.73
N ASN A 207 -33.91 35.07 -14.13
CA ASN A 207 -33.96 36.44 -14.63
C ASN A 207 -32.62 37.15 -14.47
N GLU A 208 -31.62 36.40 -13.99
CA GLU A 208 -30.26 36.87 -13.87
C GLU A 208 -29.36 36.13 -14.84
N THR A 209 -29.52 34.81 -14.88
CA THR A 209 -28.65 33.95 -15.67
C THR A 209 -28.97 33.97 -17.16
N LEU A 210 -29.92 34.82 -17.54
CA LEU A 210 -30.21 35.06 -18.95
C LEU A 210 -30.07 36.55 -19.22
N THR A 211 -30.27 37.34 -18.17
CA THR A 211 -29.99 38.77 -18.24
C THR A 211 -28.52 38.98 -18.56
N LYS A 212 -27.67 38.17 -17.95
CA LYS A 212 -26.23 38.24 -18.16
C LYS A 212 -25.80 37.68 -19.52
N VAL A 213 -26.56 36.74 -20.05
CA VAL A 213 -26.21 36.09 -21.31
C VAL A 213 -26.23 37.04 -22.49
N SER A 214 -27.35 37.74 -22.67
CA SER A 214 -27.52 38.67 -23.79
C SER A 214 -26.51 39.82 -23.76
N GLU A 215 -25.81 39.98 -22.65
CA GLU A 215 -24.78 41.01 -22.52
C GLU A 215 -23.53 40.63 -23.29
N LYS A 216 -23.00 39.45 -23.01
CA LYS A 216 -21.84 38.95 -23.73
C LYS A 216 -22.21 38.66 -25.18
N LEU A 217 -23.50 38.47 -25.42
CA LEU A 217 -24.02 38.27 -26.77
C LEU A 217 -23.88 39.54 -27.60
N LYS A 218 -23.69 40.68 -26.92
CA LYS A 218 -23.55 41.95 -27.61
C LYS A 218 -22.19 42.10 -28.30
N LYS A 223 -26.07 44.90 -31.59
CA LYS A 223 -27.47 45.05 -31.97
C LYS A 223 -28.40 44.59 -30.85
N THR A 224 -29.61 44.18 -31.24
CA THR A 224 -30.62 43.78 -30.30
C THR A 224 -30.82 42.27 -30.29
N ILE A 225 -31.26 41.73 -29.15
CA ILE A 225 -31.36 40.29 -28.98
C ILE A 225 -32.80 39.82 -28.75
N ARG A 226 -33.21 38.82 -29.51
CA ARG A 226 -34.56 38.25 -29.39
C ARG A 226 -34.48 36.73 -29.22
N PHE A 227 -35.30 36.20 -28.32
CA PHE A 227 -35.33 34.77 -28.04
C PHE A 227 -36.67 34.16 -28.38
N ALA A 228 -36.66 32.95 -28.95
CA ALA A 228 -37.88 32.26 -29.34
C ALA A 228 -37.72 30.75 -29.26
N GLN A 229 -38.82 30.03 -29.40
CA GLN A 229 -38.78 28.57 -29.38
C GLN A 229 -38.24 28.04 -30.71
N HIS A 230 -37.90 26.77 -30.76
CA HIS A 230 -37.33 26.17 -31.96
C HIS A 230 -38.26 26.34 -33.16
N SER A 231 -37.67 26.58 -34.34
CA SER A 231 -38.44 26.86 -35.55
C SER A 231 -39.38 25.72 -35.91
N GLY A 232 -38.88 24.50 -35.89
CA GLY A 232 -39.68 23.34 -36.22
C GLY A 232 -38.85 22.17 -36.70
N GLY A 233 -38.74 21.15 -35.87
CA GLY A 233 -38.04 19.93 -36.22
C GLY A 233 -38.69 18.75 -35.54
N ASP A 234 -37.95 17.67 -35.34
CA ASP A 234 -38.45 16.53 -34.61
C ASP A 234 -38.75 16.95 -33.17
N LEU A 235 -39.64 16.21 -32.51
CA LEU A 235 -40.05 16.53 -31.15
C LEU A 235 -38.84 16.69 -30.23
N GLU A 236 -37.96 15.69 -30.25
CA GLU A 236 -36.79 15.65 -29.38
C GLU A 236 -35.93 16.91 -29.45
N VAL A 237 -36.00 17.61 -30.59
CA VAL A 237 -35.23 18.83 -30.79
C VAL A 237 -35.98 20.09 -30.35
N THR A 238 -37.23 20.22 -30.80
CA THR A 238 -38.03 21.40 -30.51
C THR A 238 -38.46 21.49 -29.05
N THR A 239 -38.18 20.44 -28.28
CA THR A 239 -38.38 20.47 -26.84
C THR A 239 -37.10 20.01 -26.12
N HIS A 240 -37.20 19.81 -24.81
CA HIS A 240 -36.05 19.40 -24.02
C HIS A 240 -36.07 17.89 -23.75
N SER A 241 -35.33 17.15 -24.57
CA SER A 241 -35.27 15.69 -24.44
C SER A 241 -34.16 15.25 -23.52
N PHE A 242 -34.51 14.45 -22.51
CA PHE A 242 -33.52 13.89 -21.60
C PHE A 242 -34.07 12.66 -20.89
N ASN A 243 -33.15 11.84 -20.39
CA ASN A 243 -33.51 10.59 -19.75
C ASN A 243 -33.43 10.70 -18.24
N CYS A 244 -34.47 10.24 -17.56
CA CYS A 244 -34.53 10.32 -16.10
C CYS A 244 -34.89 8.95 -15.53
N ARG A 245 -33.90 8.29 -14.93
CA ARG A 245 -34.05 6.93 -14.38
C ARG A 245 -34.45 5.88 -15.42
N GLY A 246 -34.41 6.26 -16.69
CA GLY A 246 -34.76 5.35 -17.77
C GLY A 246 -35.95 5.81 -18.59
N GLU A 247 -36.56 6.91 -18.17
CA GLU A 247 -37.72 7.46 -18.87
C GLU A 247 -37.37 8.71 -19.66
N PHE A 248 -37.82 8.76 -20.92
CA PHE A 248 -37.49 9.86 -21.81
C PHE A 248 -38.44 11.04 -21.64
N PHE A 249 -37.97 12.05 -20.91
CA PHE A 249 -38.77 13.25 -20.64
C PHE A 249 -38.75 14.22 -21.80
N TYR A 250 -39.84 14.99 -21.91
CA TYR A 250 -39.96 16.02 -22.94
C TYR A 250 -40.64 17.24 -22.35
N CYS A 251 -39.85 18.23 -21.96
CA CYS A 251 -40.39 19.41 -21.28
C CYS A 251 -40.54 20.59 -22.22
N ASN A 252 -41.78 21.08 -22.34
CA ASN A 252 -42.10 22.18 -23.24
C ASN A 252 -41.46 23.49 -22.81
N THR A 253 -40.47 23.94 -23.59
CA THR A 253 -39.74 25.17 -23.27
C THR A 253 -40.32 26.37 -24.00
N SER A 254 -41.52 26.78 -23.62
CA SER A 254 -42.17 27.92 -24.25
C SER A 254 -42.22 29.13 -23.33
N GLU A 255 -42.44 28.88 -22.03
CA GLU A 255 -42.57 29.94 -21.06
C GLU A 255 -41.26 30.69 -20.83
N LEU A 256 -40.15 29.98 -20.95
CA LEU A 256 -38.83 30.56 -20.75
C LEU A 256 -38.50 31.65 -21.76
N PHE A 257 -39.03 31.50 -22.98
CA PHE A 257 -38.68 32.39 -24.08
C PHE A 257 -39.85 33.27 -24.51
N ASN A 258 -40.30 34.12 -23.60
CA ASN A 258 -41.41 35.03 -23.88
C ASN A 258 -40.99 36.49 -23.86
N SER A 259 -41.83 37.35 -24.41
CA SER A 259 -41.54 38.79 -24.46
C SER A 259 -42.00 39.48 -23.18
N SER A 264 -41.16 34.53 -11.51
CA SER A 264 -40.44 33.56 -10.68
C SER A 264 -41.21 32.25 -10.56
N ASN A 265 -40.58 31.26 -9.93
CA ASN A 265 -41.17 29.92 -9.78
C ASN A 265 -41.66 29.34 -11.11
N ILE A 266 -40.88 29.53 -12.16
CA ILE A 266 -41.26 29.07 -13.49
C ILE A 266 -41.30 27.55 -13.59
N THR A 267 -42.48 27.01 -13.87
CA THR A 267 -42.64 25.58 -14.05
C THR A 267 -42.93 25.24 -15.51
N LEU A 268 -42.69 23.99 -15.88
CA LEU A 268 -42.89 23.55 -17.25
C LEU A 268 -43.68 22.25 -17.34
N PRO A 269 -44.55 22.14 -18.36
CA PRO A 269 -45.37 20.94 -18.60
C PRO A 269 -44.61 19.85 -19.35
N CYS A 270 -43.88 19.01 -18.62
CA CYS A 270 -43.14 17.91 -19.23
C CYS A 270 -44.03 16.68 -19.37
N ARG A 271 -43.77 15.87 -20.39
CA ARG A 271 -44.58 14.70 -20.64
C ARG A 271 -43.73 13.53 -21.13
N ILE A 272 -43.70 12.46 -20.33
CA ILE A 272 -42.91 11.27 -20.65
C ILE A 272 -43.42 10.60 -21.92
N LYS A 273 -42.49 10.23 -22.80
CA LYS A 273 -42.84 9.47 -24.00
C LYS A 273 -42.15 8.11 -24.03
N GLN A 274 -42.52 7.31 -25.02
CA GLN A 274 -41.89 6.00 -25.22
C GLN A 274 -41.42 5.88 -26.66
N ILE A 275 -42.03 6.67 -27.54
CA ILE A 275 -41.67 6.66 -28.95
C ILE A 275 -40.64 7.74 -29.25
N ILE A 276 -39.37 7.42 -29.03
CA ILE A 276 -38.30 8.37 -29.25
C ILE A 276 -37.73 8.26 -30.65
N ASN A 277 -37.25 9.37 -31.19
CA ASN A 277 -36.51 9.37 -32.45
C ASN A 277 -35.02 9.32 -32.13
N MET A 278 -34.41 8.16 -32.36
CA MET A 278 -33.03 7.91 -31.95
C MET A 278 -32.03 8.98 -32.35
N TRP A 279 -31.20 9.38 -31.39
CA TRP A 279 -30.18 10.40 -31.61
C TRP A 279 -28.92 9.79 -32.20
N GLN A 280 -28.77 8.48 -32.05
CA GLN A 280 -27.63 7.76 -32.60
C GLN A 280 -27.54 7.96 -34.12
N GLY A 281 -28.62 7.63 -34.81
CA GLY A 281 -28.68 7.80 -36.26
C GLY A 281 -30.10 7.96 -36.76
N VAL A 282 -30.59 6.95 -37.47
CA VAL A 282 -31.93 6.98 -38.03
C VAL A 282 -32.79 5.86 -37.46
N GLY A 283 -34.04 6.17 -37.16
CA GLY A 283 -34.97 5.16 -36.68
C GLY A 283 -35.56 5.52 -35.32
N ARG A 284 -36.72 4.95 -35.03
CA ARG A 284 -37.40 5.21 -33.76
C ARG A 284 -37.40 3.97 -32.89
N ALA A 285 -37.67 4.15 -31.60
CA ALA A 285 -37.67 3.04 -30.66
C ALA A 285 -38.74 3.25 -29.58
N MET A 286 -39.36 2.14 -29.18
CA MET A 286 -40.39 2.18 -28.14
C MET A 286 -39.96 1.41 -26.91
N TYR A 287 -39.91 2.09 -25.76
CA TYR A 287 -39.49 1.48 -24.52
C TYR A 287 -40.68 1.17 -23.62
N ALA A 288 -40.47 0.29 -22.64
CA ALA A 288 -41.53 -0.09 -21.72
C ALA A 288 -41.99 1.11 -20.89
N PRO A 289 -43.31 1.24 -20.70
CA PRO A 289 -43.93 2.33 -19.94
C PRO A 289 -43.30 2.55 -18.58
N PRO A 290 -43.31 3.81 -18.09
CA PRO A 290 -42.71 4.23 -16.83
C PRO A 290 -43.14 3.38 -15.64
N ILE A 291 -42.23 3.20 -14.68
CA ILE A 291 -42.54 2.48 -13.46
C ILE A 291 -43.26 3.40 -12.48
N ARG A 292 -44.12 2.82 -11.64
CA ARG A 292 -44.82 3.60 -10.63
C ARG A 292 -43.85 4.12 -9.57
N GLY A 293 -44.08 5.34 -9.13
CA GLY A 293 -43.22 5.96 -8.13
C GLY A 293 -42.74 7.32 -8.55
N GLU A 294 -42.35 8.14 -7.58
CA GLU A 294 -41.89 9.49 -7.85
C GLU A 294 -40.57 9.50 -8.63
N ILE A 295 -40.68 9.74 -9.93
CA ILE A 295 -39.50 9.85 -10.79
C ILE A 295 -39.07 11.31 -10.94
N LYS A 296 -38.24 11.76 -10.00
CA LYS A 296 -37.71 13.11 -10.02
C LYS A 296 -36.19 13.12 -10.09
N CYS A 297 -35.66 13.32 -11.29
CA CYS A 297 -34.22 13.49 -11.46
C CYS A 297 -33.82 14.94 -11.29
N THR A 298 -32.86 15.18 -10.42
CA THR A 298 -32.37 16.52 -10.17
C THR A 298 -30.94 16.62 -10.66
N SER A 299 -30.72 17.44 -11.69
CA SER A 299 -29.39 17.67 -12.23
C SER A 299 -29.18 19.16 -12.51
N ASN A 300 -27.95 19.62 -12.32
CA ASN A 300 -27.61 21.03 -12.53
C ASN A 300 -27.67 21.44 -14.00
N ILE A 301 -27.87 22.73 -14.24
CA ILE A 301 -27.82 23.28 -15.59
C ILE A 301 -26.52 24.02 -15.80
N THR A 302 -25.77 23.64 -16.83
CA THR A 302 -24.42 24.18 -17.02
C THR A 302 -24.15 24.73 -18.42
N GLY A 303 -24.90 24.26 -19.40
CA GLY A 303 -24.66 24.66 -20.78
C GLY A 303 -25.92 24.75 -21.62
N ILE A 304 -25.83 25.51 -22.72
CA ILE A 304 -26.99 25.74 -23.58
C ILE A 304 -26.59 25.65 -25.06
N LEU A 305 -27.46 25.04 -25.87
CA LEU A 305 -27.24 24.94 -27.31
C LEU A 305 -28.32 25.72 -28.05
N LEU A 306 -27.91 26.47 -29.09
CA LEU A 306 -28.86 27.30 -29.83
C LEU A 306 -28.62 27.28 -31.34
N THR A 307 -29.16 28.28 -32.02
CA THR A 307 -28.93 28.48 -33.45
C THR A 307 -29.28 29.93 -33.82
N ARG A 308 -28.72 30.41 -34.93
CA ARG A 308 -28.98 31.77 -35.38
C ARG A 308 -29.83 31.79 -36.64
N ASP A 309 -30.75 32.74 -36.72
CA ASP A 309 -31.61 32.88 -37.90
C ASP A 309 -30.94 33.70 -38.99
N GLY A 310 -30.81 33.10 -40.16
CA GLY A 310 -30.19 33.76 -41.30
C GLY A 310 -31.22 34.34 -42.26
N SER A 316 -33.04 43.63 -40.66
CA SER A 316 -33.81 43.90 -39.45
C SER A 316 -32.87 44.37 -38.34
N THR A 317 -33.45 44.95 -37.29
CA THR A 317 -32.66 45.49 -36.19
C THR A 317 -32.41 44.47 -35.10
N GLU A 318 -33.08 43.32 -35.18
CA GLU A 318 -32.94 42.28 -34.18
C GLU A 318 -32.24 41.02 -34.69
N GLU A 319 -31.71 40.24 -33.76
CA GLU A 319 -31.12 38.95 -34.08
C GLU A 319 -31.84 37.84 -33.32
N ILE A 320 -32.29 36.83 -34.06
CA ILE A 320 -33.11 35.77 -33.49
C ILE A 320 -32.28 34.53 -33.14
N PHE A 321 -32.51 34.01 -31.93
CA PHE A 321 -31.77 32.85 -31.46
C PHE A 321 -32.72 31.74 -30.98
N ARG A 322 -32.61 30.57 -31.61
CA ARG A 322 -33.48 29.43 -31.30
C ARG A 322 -32.69 28.27 -30.73
N PRO A 323 -33.14 27.73 -29.58
CA PRO A 323 -32.51 26.56 -28.98
C PRO A 323 -32.56 25.35 -29.90
N GLU A 324 -31.46 24.61 -29.98
CA GLU A 324 -31.38 23.46 -30.87
C GLU A 324 -30.69 22.29 -30.18
N GLY A 325 -31.09 21.08 -30.54
CA GLY A 325 -30.46 19.87 -30.02
C GLY A 325 -29.58 19.21 -31.05
N GLY A 326 -29.79 19.58 -32.32
CA GLY A 326 -29.03 19.12 -33.47
C GLY A 326 -28.30 17.80 -33.32
N ASN A 327 -26.99 17.83 -33.55
CA ASN A 327 -26.15 16.66 -33.33
C ASN A 327 -25.74 16.56 -31.87
N MET A 328 -25.62 15.32 -31.38
CA MET A 328 -25.29 15.10 -29.99
C MET A 328 -23.81 15.38 -29.69
N ARG A 329 -23.00 15.35 -30.74
CA ARG A 329 -21.55 15.55 -30.62
C ARG A 329 -21.18 16.86 -29.92
N ASP A 330 -22.05 17.86 -30.01
CA ASP A 330 -21.83 19.15 -29.36
C ASP A 330 -21.88 19.03 -27.84
N ASN A 331 -22.71 18.11 -27.35
CA ASN A 331 -22.89 17.91 -25.92
C ASN A 331 -21.59 17.47 -25.24
N TRP A 332 -20.72 16.81 -25.99
CA TRP A 332 -19.41 16.42 -25.49
C TRP A 332 -18.38 17.48 -25.84
N ARG A 333 -18.67 18.21 -26.91
CA ARG A 333 -17.78 19.26 -27.40
C ARG A 333 -17.73 20.44 -26.43
N SER A 334 -18.65 20.46 -25.48
CA SER A 334 -18.71 21.52 -24.47
C SER A 334 -17.90 21.15 -23.24
N GLU A 335 -17.25 20.00 -23.28
CA GLU A 335 -16.45 19.51 -22.16
C GLU A 335 -15.07 19.04 -22.61
N LEU A 336 -14.89 18.96 -23.93
CA LEU A 336 -13.62 18.51 -24.50
C LEU A 336 -12.97 19.60 -25.34
N TYR A 337 -13.52 20.80 -25.26
CA TYR A 337 -13.05 21.92 -26.09
C TYR A 337 -11.61 22.32 -25.76
N LYS A 338 -11.24 22.26 -24.49
CA LYS A 338 -9.91 22.68 -24.05
C LYS A 338 -8.93 21.51 -24.04
N TYR A 339 -9.14 20.55 -24.93
CA TYR A 339 -8.26 19.39 -25.04
C TYR A 339 -7.91 19.11 -26.50
N LYS A 340 -6.73 18.53 -26.72
CA LYS A 340 -6.36 18.04 -28.05
C LYS A 340 -5.26 16.98 -27.94
N VAL A 341 -5.29 16.00 -28.84
CA VAL A 341 -4.35 14.90 -28.82
C VAL A 341 -3.07 15.23 -29.59
N VAL A 342 -1.93 14.96 -28.97
CA VAL A 342 -0.63 15.17 -29.61
C VAL A 342 0.29 13.98 -29.40
N GLU A 343 1.10 13.69 -30.41
CA GLU A 343 2.12 12.66 -30.29
C GLU A 343 3.42 13.31 -29.85
N ILE A 344 3.88 12.98 -28.66
CA ILE A 344 5.10 13.59 -28.13
C ILE A 344 6.34 13.02 -28.83
N LYS A 345 7.13 13.90 -29.43
CA LYS A 345 8.31 13.48 -30.19
C LYS A 345 9.46 13.07 -29.26
N VAL B 1 56.91 23.60 2.21
CA VAL B 1 55.99 24.73 2.14
C VAL B 1 54.97 24.53 1.03
N TRP B 2 53.70 24.80 1.32
CA TRP B 2 52.64 24.62 0.34
C TRP B 2 51.64 25.77 0.45
N LYS B 3 50.64 25.77 -0.42
CA LYS B 3 49.60 26.79 -0.38
C LYS B 3 48.27 26.28 -0.93
N GLU B 4 47.19 26.70 -0.29
CA GLU B 4 45.85 26.26 -0.66
C GLU B 4 45.37 26.94 -1.94
N ALA B 5 45.67 26.33 -3.08
CA ALA B 5 45.25 26.89 -4.36
C ALA B 5 44.19 26.01 -5.01
N LYS B 6 43.48 26.57 -5.98
CA LYS B 6 42.40 25.86 -6.64
C LYS B 6 42.62 25.77 -8.15
N THR B 7 42.37 24.59 -8.71
CA THR B 7 42.57 24.38 -10.14
C THR B 7 41.54 23.39 -10.70
N THR B 8 41.67 23.09 -11.99
CA THR B 8 40.75 22.17 -12.66
C THR B 8 41.11 20.72 -12.34
N LEU B 9 40.15 19.99 -11.77
CA LEU B 9 40.34 18.59 -11.42
C LEU B 9 39.92 17.68 -12.57
N PHE B 10 39.93 16.38 -12.31
CA PHE B 10 39.46 15.40 -13.27
C PHE B 10 39.03 14.12 -12.56
N CYS B 11 38.13 13.38 -13.19
CA CYS B 11 37.57 12.18 -12.58
C CYS B 11 38.39 10.93 -12.91
N ALA B 12 38.20 9.89 -12.12
CA ALA B 12 38.84 8.60 -12.36
C ALA B 12 37.95 7.49 -11.84
N SER B 13 37.54 6.58 -12.72
CA SER B 13 36.61 5.53 -12.33
C SER B 13 36.83 4.22 -13.10
N ASP B 14 36.27 3.14 -12.57
CA ASP B 14 36.33 1.84 -13.24
C ASP B 14 35.29 1.77 -14.35
N ALA B 15 35.33 2.75 -15.25
CA ALA B 15 34.36 2.85 -16.33
C ALA B 15 34.50 1.70 -17.31
N LYS B 16 33.46 1.48 -18.09
CA LYS B 16 33.42 0.38 -19.04
C LYS B 16 33.02 0.87 -20.42
N SER B 17 33.81 0.52 -21.42
CA SER B 17 33.60 0.99 -22.79
C SER B 17 32.62 0.11 -23.55
N TYR B 18 31.51 -0.25 -22.92
CA TYR B 18 30.50 -1.09 -23.55
C TYR B 18 29.14 -0.97 -22.89
N GLU B 19 29.13 -0.84 -21.56
CA GLU B 19 27.89 -0.91 -20.80
C GLU B 19 26.98 0.27 -21.13
N ARG B 20 25.67 0.08 -20.93
CA ARG B 20 24.69 1.11 -21.24
C ARG B 20 24.18 1.83 -20.01
N GLU B 21 24.94 1.78 -18.91
CA GLU B 21 24.57 2.52 -17.72
C GLU B 21 24.78 4.01 -17.98
N VAL B 22 23.95 4.85 -17.36
CA VAL B 22 24.06 6.30 -17.53
C VAL B 22 25.44 6.76 -17.15
N HIS B 23 25.90 6.29 -16.00
CA HIS B 23 27.18 6.69 -15.47
C HIS B 23 28.31 6.07 -16.28
N ASN B 24 28.24 4.77 -16.49
CA ASN B 24 29.29 4.02 -17.20
C ASN B 24 29.44 4.39 -18.69
N VAL B 25 28.70 5.41 -19.12
CA VAL B 25 28.82 5.94 -20.47
C VAL B 25 29.43 7.33 -20.45
N TRP B 26 29.00 8.15 -19.49
CA TRP B 26 29.58 9.48 -19.33
C TRP B 26 30.90 9.42 -18.57
N ALA B 27 31.00 8.49 -17.62
CA ALA B 27 32.21 8.34 -16.82
C ALA B 27 33.33 7.65 -17.59
N THR B 28 33.20 7.59 -18.91
CA THR B 28 34.25 7.07 -19.77
C THR B 28 34.41 8.01 -20.96
N HIS B 29 33.55 9.03 -21.00
CA HIS B 29 33.59 10.03 -22.06
C HIS B 29 34.54 11.17 -21.71
N ALA B 30 34.55 11.56 -20.44
CA ALA B 30 35.41 12.63 -19.98
C ALA B 30 36.07 12.23 -18.66
N CYS B 31 36.37 10.94 -18.52
CA CYS B 31 36.89 10.39 -17.28
C CYS B 31 37.95 9.34 -17.59
N VAL B 32 38.77 9.00 -16.60
CA VAL B 32 39.89 8.08 -16.82
C VAL B 32 39.78 6.81 -15.96
N PRO B 33 40.49 5.74 -16.35
CA PRO B 33 40.55 4.52 -15.52
C PRO B 33 41.18 4.80 -14.16
N THR B 34 40.68 4.14 -13.13
CA THR B 34 41.21 4.31 -11.78
C THR B 34 42.66 3.80 -11.69
N ASP B 35 43.54 4.64 -11.17
CA ASP B 35 44.94 4.26 -11.01
C ASP B 35 45.07 3.08 -10.07
N PRO B 36 45.60 1.96 -10.58
CA PRO B 36 45.65 0.68 -9.87
C PRO B 36 46.54 0.69 -8.62
N ASP B 37 47.68 1.35 -8.70
CA ASP B 37 48.62 1.40 -7.57
C ASP B 37 48.58 2.75 -6.88
N PRO B 38 47.78 2.87 -5.81
CA PRO B 38 47.62 4.14 -5.11
C PRO B 38 48.85 4.46 -4.28
N GLN B 39 49.01 5.72 -3.89
CA GLN B 39 50.16 6.12 -3.08
C GLN B 39 49.83 7.20 -2.06
N GLU B 40 49.76 6.79 -0.80
CA GLU B 40 49.43 7.69 0.31
C GLU B 40 50.67 7.87 1.19
N LEU B 41 50.84 9.06 1.74
CA LEU B 41 51.97 9.35 2.59
C LEU B 41 51.53 9.91 3.95
N VAL B 42 51.79 9.16 5.00
CA VAL B 42 51.38 9.55 6.35
C VAL B 42 52.28 10.62 6.93
N MET B 43 51.82 11.87 6.86
CA MET B 43 52.57 12.99 7.40
C MET B 43 52.57 12.94 8.92
N ALA B 44 53.76 13.04 9.52
CA ALA B 44 53.90 12.95 10.97
C ALA B 44 54.06 14.33 11.62
N ASN B 45 53.37 14.54 12.73
CA ASN B 45 53.34 15.83 13.42
C ASN B 45 52.97 17.00 12.50
N VAL B 46 52.03 16.75 11.60
CA VAL B 46 51.57 17.76 10.66
C VAL B 46 50.11 18.11 10.90
N THR B 47 49.81 19.40 10.93
CA THR B 47 48.44 19.87 11.08
C THR B 47 48.06 20.88 10.01
N GLU B 48 46.85 20.76 9.48
CA GLU B 48 46.35 21.67 8.45
C GLU B 48 44.89 22.03 8.66
N ASN B 49 44.51 23.22 8.20
CA ASN B 49 43.14 23.69 8.37
C ASN B 49 42.25 23.38 7.17
N PHE B 50 41.53 22.28 7.25
CA PHE B 50 40.57 21.92 6.21
C PHE B 50 39.30 22.73 6.34
N ASN B 51 38.43 22.59 5.34
CA ASN B 51 37.09 23.16 5.37
C ASN B 51 36.25 22.56 4.26
N MET B 52 35.04 22.13 4.60
CA MET B 52 34.16 21.47 3.65
C MET B 52 33.18 22.44 3.02
N TRP B 53 32.83 23.49 3.76
CA TRP B 53 31.79 24.42 3.33
C TRP B 53 32.33 25.47 2.35
N LYS B 54 33.51 25.99 2.63
CA LYS B 54 34.15 26.95 1.75
C LYS B 54 35.13 26.23 0.82
N ASN B 55 34.90 24.92 0.66
CA ASN B 55 35.69 24.09 -0.23
C ASN B 55 35.26 24.30 -1.68
N ASP B 56 36.15 23.98 -2.62
CA ASP B 56 35.86 24.14 -4.03
C ASP B 56 35.68 22.78 -4.71
N MET B 57 36.24 21.74 -4.10
CA MET B 57 36.10 20.39 -4.62
C MET B 57 34.64 19.97 -4.70
N VAL B 58 33.85 20.48 -3.76
CA VAL B 58 32.41 20.24 -3.75
C VAL B 58 31.78 20.86 -4.99
N ASP B 59 32.04 22.14 -5.20
CA ASP B 59 31.51 22.86 -6.36
C ASP B 59 32.03 22.29 -7.68
N GLN B 60 33.21 21.68 -7.65
CA GLN B 60 33.77 21.03 -8.83
C GLN B 60 32.91 19.84 -9.25
N MET B 61 32.75 18.89 -8.34
CA MET B 61 31.99 17.68 -8.61
C MET B 61 30.51 17.97 -8.81
N HIS B 62 29.99 18.94 -8.05
CA HIS B 62 28.58 19.34 -8.14
C HIS B 62 28.21 19.78 -9.56
N GLU B 63 29.08 20.57 -10.18
CA GLU B 63 28.86 21.04 -11.53
C GLU B 63 29.03 19.92 -12.57
N ASP B 64 29.98 19.03 -12.32
CA ASP B 64 30.28 17.93 -13.24
C ASP B 64 29.14 16.93 -13.34
N ILE B 65 28.34 16.82 -12.28
CA ILE B 65 27.24 15.85 -12.25
C ILE B 65 25.95 16.46 -12.76
N ILE B 66 25.79 17.77 -12.59
CA ILE B 66 24.67 18.48 -13.19
C ILE B 66 24.71 18.33 -14.70
N SER B 67 25.92 18.41 -15.25
CA SER B 67 26.13 18.23 -16.68
C SER B 67 25.73 16.82 -17.10
N LEU B 68 26.06 15.85 -16.25
CA LEU B 68 25.75 14.45 -16.50
C LEU B 68 24.24 14.26 -16.71
N TRP B 69 23.45 14.80 -15.81
CA TRP B 69 22.00 14.62 -15.85
C TRP B 69 21.32 15.45 -16.93
N ASP B 70 21.93 16.58 -17.27
CA ASP B 70 21.37 17.44 -18.32
C ASP B 70 21.65 16.90 -19.73
N GLN B 71 22.38 15.80 -19.81
CA GLN B 71 22.67 15.17 -21.08
C GLN B 71 22.54 13.65 -21.05
N SER B 72 21.79 13.15 -20.08
CA SER B 72 21.55 11.72 -19.97
C SER B 72 20.09 11.44 -19.59
N LEU B 73 19.67 11.96 -18.45
CA LEU B 73 18.27 11.86 -18.04
C LEU B 73 17.43 12.91 -18.76
N LYS B 74 17.12 12.64 -20.03
CA LYS B 74 16.35 13.58 -20.84
C LYS B 74 14.86 13.55 -20.50
N PRO B 75 14.36 14.66 -19.97
CA PRO B 75 12.93 14.77 -19.65
C PRO B 75 12.10 14.95 -20.92
N CYS B 76 10.89 14.41 -20.92
CA CYS B 76 10.00 14.54 -22.07
C CYS B 76 9.66 16.01 -22.30
N VAL B 77 9.73 16.78 -21.23
CA VAL B 77 9.55 18.23 -21.30
C VAL B 77 10.39 18.92 -20.24
N LYS B 78 11.41 19.64 -20.68
CA LYS B 78 12.24 20.42 -19.78
C LYS B 78 11.73 21.86 -19.75
N LEU B 79 11.12 22.24 -18.63
CA LEU B 79 10.48 23.55 -18.53
C LEU B 79 11.13 24.45 -17.49
N THR B 80 11.77 25.52 -17.96
CA THR B 80 12.35 26.52 -17.07
C THR B 80 12.04 27.94 -17.55
N GLY B 81 11.47 28.75 -16.67
CA GLY B 81 11.12 30.11 -17.00
C GLY B 81 10.10 30.20 -18.12
N GLY B 82 10.25 31.21 -18.97
CA GLY B 82 9.35 31.41 -20.08
C GLY B 82 9.53 30.41 -21.20
N SER B 83 10.74 30.35 -21.75
CA SER B 83 11.05 29.43 -22.84
C SER B 83 10.83 27.98 -22.42
N THR B 84 10.52 27.13 -23.40
CA THR B 84 10.24 25.72 -23.11
C THR B 84 10.80 24.79 -24.19
N ILE B 85 11.24 23.62 -23.77
CA ILE B 85 11.77 22.61 -24.68
C ILE B 85 11.26 21.23 -24.31
N THR B 86 10.82 20.47 -25.32
CA THR B 86 10.33 19.12 -25.11
C THR B 86 11.02 18.15 -26.07
N GLN B 87 11.71 17.16 -25.53
CA GLN B 87 12.41 16.17 -26.36
C GLN B 87 12.10 14.74 -25.93
N ALA B 88 12.90 13.80 -26.43
CA ALA B 88 12.71 12.38 -26.15
C ALA B 88 12.92 12.06 -24.67
N CYS B 89 12.33 10.96 -24.21
CA CYS B 89 12.43 10.55 -22.82
C CYS B 89 12.42 9.03 -22.68
N PRO B 90 13.53 8.38 -23.05
CA PRO B 90 13.64 6.92 -22.94
C PRO B 90 14.09 6.51 -21.53
N LYS B 91 13.88 5.25 -21.17
CA LYS B 91 14.30 4.76 -19.86
C LYS B 91 15.56 3.91 -19.95
N VAL B 92 16.53 4.23 -19.11
CA VAL B 92 17.81 3.54 -19.11
C VAL B 92 18.10 3.00 -17.71
N SER B 93 19.06 2.08 -17.61
CA SER B 93 19.52 1.58 -16.32
C SER B 93 20.17 2.72 -15.54
N PHE B 94 20.04 2.70 -14.22
CA PHE B 94 20.52 3.80 -13.38
C PHE B 94 21.01 3.30 -12.03
N ASP B 95 22.33 3.16 -11.89
CA ASP B 95 22.93 2.78 -10.62
C ASP B 95 24.29 3.46 -10.47
N PRO B 96 24.44 4.29 -9.42
CA PRO B 96 25.65 5.07 -9.18
C PRO B 96 26.90 4.20 -9.00
N ILE B 97 28.03 4.71 -9.47
CA ILE B 97 29.30 3.98 -9.43
C ILE B 97 30.40 4.81 -8.79
N PRO B 98 31.44 4.14 -8.26
CA PRO B 98 32.59 4.85 -7.68
C PRO B 98 33.22 5.84 -8.65
N ILE B 99 33.29 7.10 -8.25
CA ILE B 99 33.93 8.14 -9.05
C ILE B 99 35.06 8.79 -8.23
N HIS B 100 36.27 8.27 -8.38
CA HIS B 100 37.43 8.84 -7.70
C HIS B 100 37.81 10.15 -8.37
N TYR B 101 37.91 11.22 -7.58
CA TYR B 101 38.37 12.50 -8.10
C TYR B 101 39.85 12.70 -7.80
N CYS B 102 40.63 12.99 -8.84
CA CYS B 102 42.09 13.07 -8.70
C CYS B 102 42.66 14.45 -8.97
N ALA B 103 43.89 14.67 -8.52
CA ALA B 103 44.58 15.93 -8.70
C ALA B 103 45.47 15.90 -9.94
N PRO B 104 45.51 17.02 -10.69
CA PRO B 104 46.27 17.11 -11.94
C PRO B 104 47.78 17.14 -11.72
N ALA B 105 48.53 17.37 -12.80
CA ALA B 105 49.98 17.40 -12.73
C ALA B 105 50.48 18.71 -12.12
N GLY B 106 50.96 18.63 -10.88
CA GLY B 106 51.53 19.80 -10.22
C GLY B 106 50.88 20.11 -8.89
N TYR B 107 49.82 19.39 -8.55
CA TYR B 107 49.07 19.64 -7.33
C TYR B 107 48.88 18.36 -6.52
N ALA B 108 48.24 18.49 -5.35
CA ALA B 108 48.03 17.34 -4.48
C ALA B 108 46.80 17.53 -3.58
N ILE B 109 46.34 16.43 -3.00
CA ILE B 109 45.20 16.45 -2.10
C ILE B 109 45.58 15.89 -0.73
N LEU B 110 44.93 16.41 0.31
CA LEU B 110 45.21 15.96 1.67
C LEU B 110 44.03 15.21 2.27
N LYS B 111 44.26 13.95 2.65
CA LYS B 111 43.23 13.12 3.25
C LYS B 111 43.44 13.04 4.76
N CYS B 112 42.64 13.80 5.51
CA CYS B 112 42.72 13.83 6.96
C CYS B 112 42.46 12.46 7.57
N ASN B 113 43.51 11.87 8.15
CA ASN B 113 43.40 10.54 8.75
C ASN B 113 42.57 10.52 10.03
N ASN B 114 42.46 11.67 10.68
CA ASN B 114 41.68 11.78 11.90
C ASN B 114 40.21 11.47 11.61
N LYS B 115 39.73 10.38 12.18
CA LYS B 115 38.38 9.89 11.90
C LYS B 115 37.31 10.80 12.49
N THR B 116 37.61 11.38 13.65
CA THR B 116 36.67 12.29 14.30
C THR B 116 36.92 13.74 13.92
N PHE B 117 37.03 13.99 12.62
CA PHE B 117 37.23 15.35 12.13
C PHE B 117 35.91 16.09 12.10
N SER B 118 35.91 17.32 12.61
CA SER B 118 34.69 18.10 12.74
C SER B 118 34.24 18.75 11.43
N GLY B 119 34.91 18.39 10.34
CA GLY B 119 34.54 18.88 9.03
C GLY B 119 35.22 20.18 8.66
N LYS B 120 35.45 21.03 9.65
CA LYS B 120 36.06 22.34 9.42
C LYS B 120 37.00 22.71 10.55
N GLY B 121 38.30 22.71 10.27
CA GLY B 121 39.31 23.06 11.26
C GLY B 121 40.62 22.31 11.08
N PRO B 122 41.36 22.15 12.18
CA PRO B 122 42.68 21.51 12.19
C PRO B 122 42.58 19.99 12.10
N CYS B 123 43.55 19.36 11.44
CA CYS B 123 43.59 17.91 11.34
C CYS B 123 44.84 17.39 12.04
N SER B 124 44.65 16.61 13.10
CA SER B 124 45.78 16.10 13.87
C SER B 124 46.68 15.20 13.02
N ASN B 125 46.11 14.13 12.49
CA ASN B 125 46.84 13.22 11.63
C ASN B 125 46.53 13.46 10.16
N VAL B 126 47.42 14.17 9.47
CA VAL B 126 47.22 14.47 8.06
C VAL B 126 48.02 13.52 7.19
N SER B 127 47.43 13.11 6.06
CA SER B 127 48.16 12.39 5.04
C SER B 127 47.86 13.00 3.68
N THR B 128 48.51 12.50 2.65
CA THR B 128 48.27 13.00 1.30
C THR B 128 48.05 11.87 0.30
N VAL B 129 47.24 12.14 -0.72
CA VAL B 129 46.96 11.17 -1.76
C VAL B 129 47.03 11.84 -3.13
N GLN B 130 46.77 11.07 -4.17
CA GLN B 130 46.71 11.61 -5.52
C GLN B 130 45.26 11.80 -5.94
N CYS B 131 44.42 10.83 -5.57
CA CYS B 131 43.00 10.86 -5.89
C CYS B 131 42.15 10.48 -4.68
N THR B 132 40.86 10.79 -4.76
CA THR B 132 39.91 10.40 -3.73
C THR B 132 39.59 8.92 -3.82
N HIS B 133 38.71 8.45 -2.94
CA HIS B 133 38.31 7.05 -2.91
C HIS B 133 37.06 6.82 -3.76
N GLY B 134 36.49 5.62 -3.66
CA GLY B 134 35.30 5.28 -4.43
C GLY B 134 34.11 6.11 -4.00
N ILE B 135 33.76 7.12 -4.79
CA ILE B 135 32.65 8.00 -4.46
C ILE B 135 31.49 7.84 -5.45
N ARG B 136 30.37 7.32 -4.96
CA ARG B 136 29.19 7.12 -5.77
C ARG B 136 28.30 8.36 -5.74
N PRO B 137 27.97 8.91 -6.93
CA PRO B 137 27.14 10.11 -7.07
C PRO B 137 25.72 9.87 -6.59
N VAL B 138 25.51 10.00 -5.29
CA VAL B 138 24.19 9.78 -4.70
C VAL B 138 23.39 11.07 -4.64
N VAL B 139 22.35 11.14 -5.47
CA VAL B 139 21.50 12.32 -5.54
C VAL B 139 20.19 12.06 -4.80
N SER B 140 20.06 12.67 -3.63
CA SER B 140 18.86 12.48 -2.81
C SER B 140 18.63 13.62 -1.80
N THR B 141 17.54 13.52 -1.06
CA THR B 141 17.22 14.48 -0.01
C THR B 141 16.98 13.75 1.29
N GLN B 142 17.01 14.48 2.40
CA GLN B 142 16.78 13.91 3.74
C GLN B 142 17.79 12.82 4.13
N LEU B 143 17.95 11.81 3.28
CA LEU B 143 18.87 10.71 3.54
C LEU B 143 19.99 10.64 2.52
N LEU B 144 21.12 10.06 2.92
CA LEU B 144 22.22 9.78 2.01
C LEU B 144 22.35 8.28 1.82
N LEU B 145 22.61 7.87 0.57
CA LEU B 145 22.68 6.45 0.24
C LEU B 145 24.06 6.03 -0.23
N ASN B 146 24.28 4.73 -0.34
CA ASN B 146 25.51 4.14 -0.91
C ASN B 146 26.86 4.77 -0.53
N GLY B 147 26.86 5.60 0.50
CA GLY B 147 28.07 6.31 0.89
C GLY B 147 29.02 5.46 1.71
N SER B 148 29.92 6.12 2.42
CA SER B 148 30.89 5.43 3.25
C SER B 148 30.61 5.69 4.73
N LEU B 149 30.54 4.61 5.51
CA LEU B 149 30.28 4.72 6.94
C LEU B 149 31.39 5.44 7.68
N ALA B 150 31.04 6.12 8.77
CA ALA B 150 32.04 6.73 9.63
C ALA B 150 32.73 5.64 10.44
N GLU B 151 34.05 5.72 10.52
CA GLU B 151 34.83 4.71 11.23
C GLU B 151 34.67 4.83 12.74
N GLU B 152 34.58 6.07 13.23
CA GLU B 152 34.45 6.32 14.65
C GLU B 152 33.01 6.60 15.08
N GLU B 153 32.86 7.15 16.27
CA GLU B 153 31.56 7.53 16.81
C GLU B 153 30.86 8.49 15.86
N ILE B 154 29.53 8.51 15.91
CA ILE B 154 28.72 9.34 15.02
C ILE B 154 29.18 10.79 14.97
N VAL B 155 29.55 11.24 13.77
CA VAL B 155 30.14 12.57 13.57
C VAL B 155 29.11 13.57 13.04
N ILE B 156 29.14 14.77 13.61
CA ILE B 156 28.26 15.86 13.18
C ILE B 156 29.12 16.95 12.56
N ARG B 157 28.57 17.66 11.57
CA ARG B 157 29.30 18.73 10.91
C ARG B 157 28.39 19.88 10.44
N SER B 158 28.79 21.10 10.78
CA SER B 158 28.05 22.29 10.40
C SER B 158 28.99 23.41 9.96
N GLU B 159 28.46 24.36 9.19
CA GLU B 159 29.25 25.49 8.73
C GLU B 159 29.29 26.58 9.79
N ASN B 160 28.13 26.83 10.39
CA ASN B 160 28.02 27.84 11.42
C ASN B 160 26.80 27.57 12.29
N LEU B 161 27.01 26.79 13.36
CA LEU B 161 25.91 26.44 14.26
C LEU B 161 25.31 27.66 14.98
N THR B 162 25.98 28.81 14.84
CA THR B 162 25.41 30.07 15.26
C THR B 162 24.09 30.26 14.53
N ASP B 163 24.13 30.04 13.21
CA ASP B 163 22.93 30.06 12.39
C ASP B 163 22.26 28.69 12.37
N ASN B 164 20.97 28.66 12.66
CA ASN B 164 20.20 27.43 12.55
C ASN B 164 19.77 27.18 11.12
N ALA B 165 20.06 28.15 10.25
CA ALA B 165 19.66 28.09 8.85
C ALA B 165 20.68 27.31 8.00
N LYS B 166 21.84 27.03 8.58
CA LYS B 166 22.87 26.26 7.88
C LYS B 166 22.66 24.76 8.14
N THR B 167 22.67 23.99 7.05
CA THR B 167 22.36 22.56 7.10
C THR B 167 23.34 21.77 7.97
N ILE B 168 22.87 20.63 8.50
CA ILE B 168 23.69 19.76 9.33
C ILE B 168 23.80 18.36 8.72
N ILE B 169 25.02 17.90 8.52
CA ILE B 169 25.27 16.59 7.92
C ILE B 169 25.76 15.60 8.98
N VAL B 170 25.31 14.35 8.89
CA VAL B 170 25.63 13.33 9.89
C VAL B 170 26.20 12.07 9.24
N HIS B 171 27.14 11.42 9.93
CA HIS B 171 27.66 10.12 9.51
C HIS B 171 27.38 9.05 10.57
N LEU B 172 27.58 7.78 10.21
CA LEU B 172 27.20 6.68 11.09
C LEU B 172 28.31 5.64 11.23
N ASN B 173 28.37 4.98 12.38
CA ASN B 173 29.35 3.92 12.60
C ASN B 173 28.81 2.52 12.30
N LYS B 174 27.62 2.46 11.70
CA LYS B 174 27.03 1.21 11.23
C LYS B 174 25.90 1.50 10.24
N SER B 175 25.84 0.70 9.18
CA SER B 175 24.88 0.93 8.11
C SER B 175 23.52 0.27 8.38
N VAL B 176 22.48 0.85 7.78
CA VAL B 176 21.13 0.29 7.86
C VAL B 176 20.55 0.18 6.44
N GLU B 177 20.06 -1.00 6.09
CA GLU B 177 19.56 -1.23 4.74
C GLU B 177 18.16 -0.68 4.50
N ILE B 178 17.95 -0.13 3.31
CA ILE B 178 16.63 0.34 2.89
C ILE B 178 16.19 -0.42 1.64
N GLU B 179 14.88 -0.67 1.53
CA GLU B 179 14.36 -1.45 0.41
C GLU B 179 13.09 -0.81 -0.16
N CYS B 180 13.24 -0.09 -1.27
CA CYS B 180 12.09 0.51 -1.94
C CYS B 180 11.71 -0.26 -3.19
N ILE B 181 10.57 -0.91 -3.15
CA ILE B 181 10.14 -1.80 -4.22
C ILE B 181 9.00 -1.20 -5.04
N ARG B 182 8.71 -1.83 -6.17
CA ARG B 182 7.58 -1.48 -7.01
C ARG B 182 7.10 -2.75 -7.68
N PRO B 183 6.10 -3.41 -7.08
CA PRO B 183 5.56 -4.71 -7.50
C PRO B 183 5.37 -4.82 -9.01
N GLY B 184 5.92 -5.89 -9.60
CA GLY B 184 5.90 -6.06 -11.04
C GLY B 184 4.59 -6.60 -11.59
N ASN B 185 3.48 -6.11 -11.06
CA ASN B 185 2.16 -6.49 -11.53
C ASN B 185 1.09 -5.48 -11.11
N GLY B 192 -3.78 -1.74 -12.71
CA GLY B 192 -3.95 -1.20 -11.37
C GLY B 192 -3.23 0.13 -11.20
N ASP B 193 -2.58 0.30 -10.06
CA ASP B 193 -1.84 1.53 -9.76
C ASP B 193 -0.35 1.33 -9.92
N ILE B 194 0.24 2.03 -10.88
CA ILE B 194 1.67 1.94 -11.14
C ILE B 194 2.46 2.73 -10.10
N ARG B 195 2.08 3.98 -9.91
CA ARG B 195 2.79 4.88 -9.01
C ARG B 195 2.54 4.53 -7.55
N LYS B 196 3.17 3.45 -7.08
CA LYS B 196 3.09 3.06 -5.68
C LYS B 196 4.32 2.24 -5.31
N ALA B 197 4.82 2.45 -4.10
CA ALA B 197 6.05 1.80 -3.67
C ALA B 197 6.09 1.56 -2.16
N TYR B 198 7.02 0.72 -1.72
CA TYR B 198 7.15 0.37 -0.31
C TYR B 198 8.60 0.45 0.16
N CYS B 199 8.86 1.29 1.14
CA CYS B 199 10.20 1.42 1.73
C CYS B 199 10.33 0.59 3.00
N LYS B 200 11.11 -0.47 2.93
CA LYS B 200 11.30 -1.35 4.08
C LYS B 200 12.60 -1.09 4.83
N ILE B 201 12.54 -1.21 6.15
CA ILE B 201 13.70 -0.98 7.02
C ILE B 201 13.62 -1.87 8.26
N ASN B 202 14.72 -2.54 8.58
CA ASN B 202 14.78 -3.34 9.80
C ASN B 202 14.70 -2.44 11.03
N GLY B 203 13.56 -2.49 11.71
CA GLY B 203 13.29 -1.60 12.82
C GLY B 203 14.22 -1.73 14.01
N SER B 204 14.65 -2.96 14.31
CA SER B 204 15.55 -3.18 15.44
C SER B 204 16.88 -2.48 15.22
N GLU B 205 17.32 -2.43 13.96
CA GLU B 205 18.56 -1.74 13.61
C GLU B 205 18.31 -0.25 13.42
N TRP B 206 17.09 0.19 13.69
CA TRP B 206 16.75 1.61 13.61
C TRP B 206 16.59 2.23 15.01
N ASN B 207 15.96 1.49 15.92
CA ASN B 207 15.81 1.94 17.30
C ASN B 207 17.13 1.97 18.04
N GLU B 208 18.21 1.68 17.30
CA GLU B 208 19.57 1.74 17.80
C GLU B 208 20.32 2.87 17.12
N THR B 209 20.19 2.94 15.80
CA THR B 209 20.95 3.87 14.98
C THR B 209 20.40 5.29 15.04
N LEU B 210 19.38 5.49 15.87
CA LEU B 210 18.87 6.83 16.14
C LEU B 210 18.92 7.07 17.65
N THR B 211 18.87 5.98 18.40
CA THR B 211 19.10 6.04 19.84
C THR B 211 20.50 6.58 20.10
N LYS B 212 21.46 6.13 19.30
CA LYS B 212 22.83 6.58 19.42
C LYS B 212 23.06 8.00 18.91
N VAL B 213 22.24 8.43 17.97
CA VAL B 213 22.42 9.75 17.35
C VAL B 213 22.18 10.88 18.35
N SER B 214 21.03 10.85 19.02
CA SER B 214 20.67 11.91 19.97
C SER B 214 21.65 12.01 21.15
N GLU B 215 22.50 11.01 21.29
CA GLU B 215 23.51 11.00 22.34
C GLU B 215 24.65 11.97 22.04
N LYS B 216 25.23 11.82 20.86
CA LYS B 216 26.28 12.72 20.41
C LYS B 216 25.69 14.11 20.16
N LEU B 217 24.39 14.15 19.93
CA LEU B 217 23.67 15.41 19.76
C LEU B 217 23.64 16.21 21.06
N LYS B 218 23.91 15.54 22.18
CA LYS B 218 23.92 16.20 23.48
C LYS B 218 25.15 17.08 23.68
N LYS B 223 20.73 19.63 26.46
CA LYS B 223 19.29 19.78 26.58
C LYS B 223 18.54 18.55 26.07
N THR B 224 17.31 18.76 25.64
CA THR B 224 16.46 17.67 25.18
C THR B 224 16.31 17.69 23.66
N ILE B 225 16.06 16.52 23.08
CA ILE B 225 16.02 16.37 21.63
C ILE B 225 14.66 15.93 21.12
N ARG B 226 14.15 16.66 20.12
CA ARG B 226 12.85 16.35 19.51
C ARG B 226 12.99 16.25 17.99
N PHE B 227 12.33 15.24 17.41
CA PHE B 227 12.39 15.01 15.97
C PHE B 227 11.01 15.16 15.33
N ALA B 228 10.98 15.77 14.15
CA ALA B 228 9.72 15.97 13.44
C ALA B 228 9.94 15.97 11.93
N GLN B 229 8.84 15.96 11.17
CA GLN B 229 8.91 15.99 9.72
C GLN B 229 9.25 17.41 9.25
N HIS B 230 9.60 17.55 7.98
CA HIS B 230 9.99 18.86 7.44
C HIS B 230 8.88 19.89 7.60
N SER B 231 9.28 21.12 7.91
CA SER B 231 8.32 22.20 8.20
C SER B 231 7.35 22.44 7.05
N GLY B 232 7.90 22.55 5.84
CA GLY B 232 7.07 22.78 4.67
C GLY B 232 7.85 23.42 3.54
N GLY B 233 8.11 22.64 2.50
CA GLY B 233 8.78 23.14 1.31
C GLY B 233 8.26 22.40 0.10
N ASP B 234 9.06 22.38 -0.97
CA ASP B 234 8.71 21.60 -2.16
C ASP B 234 8.62 20.13 -1.78
N LEU B 235 7.87 19.37 -2.57
CA LEU B 235 7.67 17.95 -2.30
C LEU B 235 9.00 17.22 -2.13
N GLU B 236 9.89 17.41 -3.10
CA GLU B 236 11.18 16.74 -3.13
C GLU B 236 11.99 16.90 -1.84
N VAL B 237 11.72 17.98 -1.11
CA VAL B 237 12.43 18.27 0.13
C VAL B 237 11.72 17.68 1.35
N THR B 238 10.42 17.92 1.45
CA THR B 238 9.65 17.47 2.61
C THR B 238 9.45 15.95 2.65
N THR B 239 9.87 15.28 1.59
CA THR B 239 9.90 13.81 1.56
C THR B 239 11.28 13.32 1.12
N HIS B 240 11.39 12.02 0.89
CA HIS B 240 12.66 11.42 0.48
C HIS B 240 12.72 11.22 -1.04
N SER B 241 13.34 12.17 -1.73
CA SER B 241 13.45 12.11 -3.18
C SER B 241 14.71 11.37 -3.61
N PHE B 242 14.54 10.35 -4.45
CA PHE B 242 15.68 9.63 -5.02
C PHE B 242 15.28 8.88 -6.28
N ASN B 243 16.28 8.56 -7.10
CA ASN B 243 16.06 7.91 -8.38
C ASN B 243 16.37 6.41 -8.30
N CYS B 244 15.46 5.60 -8.80
CA CYS B 244 15.62 4.15 -8.78
C CYS B 244 15.40 3.58 -10.17
N ARG B 245 16.48 3.16 -10.83
CA ARG B 245 16.46 2.64 -12.20
C ARG B 245 15.92 3.64 -13.23
N GLY B 246 15.75 4.90 -12.82
CA GLY B 246 15.26 5.93 -13.71
C GLY B 246 13.95 6.54 -13.25
N GLU B 247 13.38 5.99 -12.18
CA GLU B 247 12.11 6.49 -11.64
C GLU B 247 12.31 7.28 -10.36
N PHE B 248 11.67 8.44 -10.29
CA PHE B 248 11.82 9.35 -9.15
C PHE B 248 10.88 8.99 -8.00
N PHE B 249 11.44 8.30 -7.01
CA PHE B 249 10.67 7.88 -5.84
C PHE B 249 10.47 8.99 -4.82
N TYR B 250 9.37 8.92 -4.10
CA TYR B 250 9.06 9.88 -3.05
C TYR B 250 8.45 9.15 -1.85
N CYS B 251 9.27 8.84 -0.86
CA CYS B 251 8.82 8.05 0.29
C CYS B 251 8.48 8.92 1.50
N ASN B 252 7.24 8.83 1.95
CA ASN B 252 6.75 9.63 3.06
C ASN B 252 7.42 9.26 4.38
N THR B 253 8.27 10.17 4.88
CA THR B 253 9.01 9.93 6.12
C THR B 253 8.29 10.52 7.32
N SER B 254 7.16 9.93 7.69
CA SER B 254 6.38 10.42 8.83
C SER B 254 6.46 9.46 10.00
N GLU B 255 6.45 8.17 9.71
CA GLU B 255 6.44 7.14 10.75
C GLU B 255 7.76 7.10 11.52
N LEU B 256 8.85 7.43 10.85
CA LEU B 256 10.17 7.40 11.46
C LEU B 256 10.30 8.42 12.58
N PHE B 257 9.60 9.54 12.45
CA PHE B 257 9.75 10.65 13.38
C PHE B 257 8.51 10.86 14.24
N ASN B 258 8.19 9.87 15.07
CA ASN B 258 7.02 9.94 15.93
C ASN B 258 7.42 9.94 17.41
N SER B 259 6.48 10.33 18.27
CA SER B 259 6.71 10.37 19.70
C SER B 259 6.45 9.01 20.35
N SER B 264 9.24 -2.21 15.09
CA SER B 264 10.10 -2.89 14.12
C SER B 264 9.38 -3.09 12.79
N ASN B 265 10.13 -3.58 11.79
CA ASN B 265 9.60 -3.77 10.44
C ASN B 265 8.92 -2.52 9.88
N ILE B 266 9.53 -1.36 10.12
CA ILE B 266 8.96 -0.09 9.69
C ILE B 266 8.94 0.06 8.18
N THR B 267 7.73 0.16 7.62
CA THR B 267 7.58 0.36 6.18
C THR B 267 7.08 1.77 5.88
N LEU B 268 7.29 2.21 4.64
CA LEU B 268 6.88 3.56 4.24
C LEU B 268 6.12 3.56 2.91
N PRO B 269 5.10 4.43 2.81
CA PRO B 269 4.28 4.57 1.59
C PRO B 269 4.94 5.47 0.55
N CYS B 270 5.81 4.89 -0.28
CA CYS B 270 6.46 5.65 -1.35
C CYS B 270 5.58 5.68 -2.59
N ARG B 271 5.70 6.76 -3.37
CA ARG B 271 4.89 6.92 -4.57
C ARG B 271 5.67 7.58 -5.70
N ILE B 272 5.86 6.82 -6.78
CA ILE B 272 6.61 7.31 -7.93
C ILE B 272 5.93 8.50 -8.58
N LYS B 273 6.72 9.53 -8.91
CA LYS B 273 6.20 10.68 -9.63
C LYS B 273 6.91 10.86 -10.97
N GLN B 274 6.42 11.81 -11.75
CA GLN B 274 7.03 12.14 -13.04
C GLN B 274 7.27 13.64 -13.10
N ILE B 275 6.51 14.40 -12.31
CA ILE B 275 6.64 15.84 -12.27
C ILE B 275 7.59 16.26 -11.15
N ILE B 276 8.89 16.25 -11.44
CA ILE B 276 9.88 16.61 -10.45
C ILE B 276 10.23 18.09 -10.51
N ASN B 277 10.59 18.65 -9.37
CA ASN B 277 11.11 20.01 -9.32
C ASN B 277 12.64 19.93 -9.33
N MET B 278 13.24 20.30 -10.46
CA MET B 278 14.68 20.11 -10.69
C MET B 278 15.57 20.64 -9.57
N TRP B 279 16.53 19.80 -9.18
CA TRP B 279 17.48 20.14 -8.12
C TRP B 279 18.65 20.94 -8.68
N GLN B 280 18.85 20.87 -9.99
CA GLN B 280 19.90 21.62 -10.66
C GLN B 280 19.75 23.11 -10.41
N GLY B 281 18.58 23.64 -10.75
CA GLY B 281 18.29 25.05 -10.55
C GLY B 281 16.81 25.32 -10.42
N VAL B 282 16.24 25.98 -11.41
CA VAL B 282 14.82 26.32 -11.40
C VAL B 282 14.10 25.66 -12.57
N GLY B 283 12.89 25.17 -12.31
CA GLY B 283 12.07 24.56 -13.35
C GLY B 283 11.70 23.13 -13.05
N ARG B 284 10.61 22.67 -13.65
CA ARG B 284 10.15 21.31 -13.46
C ARG B 284 10.30 20.48 -14.72
N ALA B 285 10.23 19.17 -14.58
CA ALA B 285 10.40 18.27 -15.72
C ALA B 285 9.53 17.04 -15.57
N MET B 286 9.00 16.57 -16.70
CA MET B 286 8.14 15.39 -16.73
C MET B 286 8.79 14.26 -17.53
N TYR B 287 8.99 13.13 -16.87
CA TYR B 287 9.62 11.98 -17.51
C TYR B 287 8.59 10.92 -17.88
N ALA B 288 8.96 10.02 -18.78
CA ALA B 288 8.08 8.94 -19.21
C ALA B 288 7.72 8.02 -18.06
N PRO B 289 6.45 7.62 -17.97
CA PRO B 289 5.93 6.74 -16.92
C PRO B 289 6.77 5.49 -16.72
N PRO B 290 6.80 4.97 -15.48
CA PRO B 290 7.59 3.79 -15.07
C PRO B 290 7.37 2.58 -15.97
N ILE B 291 8.41 1.79 -16.15
CA ILE B 291 8.33 0.55 -16.91
C ILE B 291 7.74 -0.56 -16.04
N ARG B 292 7.05 -1.50 -16.67
CA ARG B 292 6.49 -2.63 -15.94
C ARG B 292 7.61 -3.54 -15.43
N GLY B 293 7.42 -4.06 -14.22
CA GLY B 293 8.41 -4.94 -13.61
C GLY B 293 8.78 -4.48 -12.22
N GLU B 294 9.30 -5.41 -11.43
CA GLU B 294 9.69 -5.11 -10.06
C GLU B 294 10.86 -4.14 -9.99
N ILE B 295 10.54 -2.88 -9.71
CA ILE B 295 11.57 -1.85 -9.55
C ILE B 295 11.93 -1.68 -8.08
N LYS B 296 12.89 -2.49 -7.63
CA LYS B 296 13.38 -2.42 -6.26
C LYS B 296 14.87 -2.13 -6.20
N CYS B 297 15.21 -0.87 -5.94
CA CYS B 297 16.60 -0.48 -5.73
C CYS B 297 16.98 -0.62 -4.28
N THR B 298 18.06 -1.35 -4.04
CA THR B 298 18.54 -1.56 -2.69
C THR B 298 19.88 -0.86 -2.53
N SER B 299 19.91 0.16 -1.67
CA SER B 299 21.14 0.90 -1.40
C SER B 299 21.27 1.16 0.10
N ASN B 300 22.50 1.14 0.60
CA ASN B 300 22.77 1.36 2.02
C ASN B 300 22.47 2.79 2.48
N ILE B 301 22.20 2.95 3.77
CA ILE B 301 22.02 4.27 4.35
C ILE B 301 23.27 4.66 5.13
N THR B 302 23.85 5.82 4.81
CA THR B 302 25.14 6.19 5.39
C THR B 302 25.18 7.59 5.99
N GLY B 303 24.29 8.46 5.52
CA GLY B 303 24.30 9.85 5.96
C GLY B 303 22.92 10.48 6.04
N ILE B 304 22.81 11.55 6.84
CA ILE B 304 21.53 12.22 7.06
C ILE B 304 21.69 13.74 7.03
N LEU B 305 20.72 14.42 6.42
CA LEU B 305 20.72 15.88 6.36
C LEU B 305 19.51 16.42 7.14
N LEU B 306 19.74 17.48 7.92
CA LEU B 306 18.67 18.04 8.75
C LEU B 306 18.67 19.57 8.78
N THR B 307 18.00 20.12 9.79
CA THR B 307 18.00 21.57 10.04
C THR B 307 17.55 21.83 11.48
N ARG B 308 17.92 22.99 12.01
CA ARG B 308 17.56 23.34 13.38
C ARG B 308 16.53 24.47 13.41
N ASP B 309 15.58 24.37 14.33
CA ASP B 309 14.55 25.38 14.47
C ASP B 309 15.01 26.54 15.34
N GLY B 310 14.98 27.75 14.79
CA GLY B 310 15.40 28.94 15.50
C GLY B 310 14.22 29.70 16.07
N SER B 316 12.45 27.53 25.27
CA SER B 316 11.87 26.21 25.48
C SER B 316 12.95 25.24 25.94
N THR B 317 12.54 24.10 26.47
CA THR B 317 13.48 23.12 27.01
C THR B 317 13.93 22.11 25.95
N GLU B 318 13.27 22.14 24.79
CA GLU B 318 13.60 21.20 23.72
C GLU B 318 14.24 21.85 22.50
N GLU B 319 14.93 21.04 21.71
CA GLU B 319 15.49 21.49 20.45
C GLU B 319 14.93 20.66 19.29
N ILE B 320 14.38 21.36 18.29
CA ILE B 320 13.69 20.70 17.19
C ILE B 320 14.58 20.52 15.97
N PHE B 321 14.57 19.32 15.41
CA PHE B 321 15.40 19.00 14.26
C PHE B 321 14.57 18.42 13.11
N ARG B 322 14.61 19.09 11.95
CA ARG B 322 13.82 18.70 10.80
C ARG B 322 14.72 18.29 9.63
N PRO B 323 14.47 17.10 9.06
CA PRO B 323 15.21 16.64 7.88
C PRO B 323 15.05 17.59 6.69
N GLU B 324 16.13 17.87 5.99
CA GLU B 324 16.10 18.80 4.87
C GLU B 324 16.92 18.26 3.70
N GLY B 325 16.50 18.60 2.48
CA GLY B 325 17.22 18.21 1.28
C GLY B 325 17.95 19.39 0.68
N GLY B 326 17.53 20.59 1.08
CA GLY B 326 18.12 21.86 0.68
C GLY B 326 18.89 21.89 -0.64
N ASN B 327 20.15 22.31 -0.55
CA ASN B 327 21.03 22.27 -1.70
C ASN B 327 21.67 20.90 -1.84
N MET B 328 21.90 20.47 -3.08
CA MET B 328 22.46 19.15 -3.33
C MET B 328 23.95 19.08 -3.02
N ARG B 329 24.59 20.25 -3.00
CA ARG B 329 26.03 20.34 -2.76
C ARG B 329 26.48 19.66 -1.46
N ASP B 330 25.58 19.59 -0.48
CA ASP B 330 25.88 18.94 0.79
C ASP B 330 26.06 17.44 0.63
N ASN B 331 25.34 16.86 -0.33
CA ASN B 331 25.39 15.42 -0.58
C ASN B 331 26.79 14.96 -0.99
N TRP B 332 27.55 15.86 -1.61
CA TRP B 332 28.93 15.59 -1.98
C TRP B 332 29.86 16.06 -0.88
N ARG B 333 29.40 17.05 -0.12
CA ARG B 333 30.18 17.63 0.96
C ARG B 333 30.35 16.64 2.11
N SER B 334 29.58 15.56 2.08
CA SER B 334 29.66 14.53 3.10
C SER B 334 30.67 13.45 2.73
N GLU B 335 31.33 13.63 1.59
CA GLU B 335 32.31 12.66 1.11
C GLU B 335 33.61 13.34 0.69
N LEU B 336 33.59 14.67 0.65
CA LEU B 336 34.76 15.44 0.25
C LEU B 336 35.24 16.34 1.38
N TYR B 337 34.69 16.14 2.56
CA TYR B 337 35.00 17.00 3.71
C TYR B 337 36.46 16.88 4.16
N LYS B 338 37.01 15.69 4.06
CA LYS B 338 38.39 15.46 4.51
C LYS B 338 39.39 15.63 3.37
N TYR B 339 39.07 16.51 2.43
CA TYR B 339 39.95 16.79 1.29
C TYR B 339 40.07 18.30 1.07
N LYS B 340 41.21 18.72 0.54
CA LYS B 340 41.38 20.11 0.08
C LYS B 340 42.51 20.21 -0.94
N VAL B 341 42.36 21.13 -1.90
CA VAL B 341 43.32 21.29 -2.97
C VAL B 341 44.45 22.23 -2.58
N VAL B 342 45.68 21.81 -2.84
CA VAL B 342 46.85 22.63 -2.57
C VAL B 342 47.82 22.61 -3.74
N GLU B 343 48.47 23.75 -3.98
CA GLU B 343 49.53 23.82 -4.98
C GLU B 343 50.87 23.58 -4.31
N ILE B 344 51.52 22.48 -4.67
CA ILE B 344 52.78 22.13 -4.04
C ILE B 344 53.91 23.03 -4.55
N LYS B 345 54.58 23.72 -3.62
CA LYS B 345 55.61 24.68 -3.99
C LYS B 345 56.90 23.98 -4.41
N VAL C 1 -61.92 -1.02 22.79
CA VAL C 1 -61.43 0.19 23.42
C VAL C 1 -60.23 -0.12 24.33
N TRP C 2 -59.19 0.70 24.23
CA TRP C 2 -57.98 0.51 25.01
C TRP C 2 -57.45 1.85 25.49
N LYS C 3 -56.37 1.82 26.28
CA LYS C 3 -55.76 3.05 26.75
C LYS C 3 -54.27 2.87 27.00
N GLU C 4 -53.49 3.89 26.66
CA GLU C 4 -52.04 3.84 26.81
C GLU C 4 -51.62 4.00 28.27
N ALA C 5 -51.52 2.88 28.97
CA ALA C 5 -51.10 2.90 30.36
C ALA C 5 -49.73 2.28 30.53
N LYS C 6 -49.09 2.55 31.66
CA LYS C 6 -47.73 2.06 31.91
C LYS C 6 -47.67 1.22 33.19
N THR C 7 -46.97 0.10 33.12
CA THR C 7 -46.84 -0.79 34.27
C THR C 7 -45.48 -1.47 34.30
N THR C 8 -45.29 -2.34 35.29
CA THR C 8 -44.04 -3.06 35.44
C THR C 8 -43.93 -4.22 34.46
N LEU C 9 -42.90 -4.21 33.63
CA LEU C 9 -42.68 -5.25 32.63
C LEU C 9 -41.80 -6.36 33.21
N PHE C 10 -41.42 -7.30 32.35
CA PHE C 10 -40.51 -8.38 32.73
C PHE C 10 -39.80 -8.92 31.51
N CYS C 11 -38.61 -9.48 31.72
CA CYS C 11 -37.80 -9.97 30.61
C CYS C 11 -38.10 -11.44 30.29
N ALA C 12 -37.71 -11.86 29.08
CA ALA C 12 -37.84 -13.25 28.67
C ALA C 12 -36.72 -13.58 27.69
N SER C 13 -35.91 -14.58 28.03
CA SER C 13 -34.75 -14.92 27.20
C SER C 13 -34.41 -16.40 27.24
N ASP C 14 -33.62 -16.84 26.26
CA ASP C 14 -33.13 -18.21 26.22
C ASP C 14 -31.97 -18.40 27.18
N ALA C 15 -32.19 -18.02 28.44
CA ALA C 15 -31.14 -18.09 29.45
C ALA C 15 -30.74 -19.51 29.75
N LYS C 16 -29.56 -19.66 30.36
CA LYS C 16 -29.02 -20.98 30.66
C LYS C 16 -28.57 -21.07 32.11
N SER C 17 -29.05 -22.10 32.80
CA SER C 17 -28.78 -22.26 34.23
C SER C 17 -27.45 -22.97 34.49
N TYR C 18 -26.41 -22.56 33.78
CA TYR C 18 -25.10 -23.17 33.95
C TYR C 18 -23.97 -22.26 33.45
N GLU C 19 -24.23 -21.56 32.35
CA GLU C 19 -23.17 -20.80 31.68
C GLU C 19 -22.64 -19.67 32.56
N ARG C 20 -21.41 -19.26 32.31
CA ARG C 20 -20.79 -18.20 33.11
C ARG C 20 -20.74 -16.87 32.38
N GLU C 21 -21.61 -16.69 31.39
CA GLU C 21 -21.69 -15.41 30.70
C GLU C 21 -22.33 -14.41 31.64
N VAL C 22 -21.94 -13.15 31.52
CA VAL C 22 -22.47 -12.11 32.39
C VAL C 22 -23.98 -11.97 32.22
N HIS C 23 -24.44 -12.03 30.97
CA HIS C 23 -25.85 -11.94 30.68
C HIS C 23 -26.57 -13.24 31.08
N ASN C 24 -26.03 -14.37 30.64
CA ASN C 24 -26.66 -15.68 30.89
C ASN C 24 -26.69 -16.10 32.36
N VAL C 25 -26.27 -15.21 33.24
CA VAL C 25 -26.33 -15.45 34.68
C VAL C 25 -27.37 -14.53 35.32
N TRP C 26 -27.38 -13.26 34.89
CA TRP C 26 -28.39 -12.33 35.37
C TRP C 26 -29.72 -12.51 34.65
N ALA C 27 -29.66 -12.87 33.37
CA ALA C 27 -30.87 -13.06 32.58
C ALA C 27 -31.55 -14.39 32.89
N THR C 28 -31.20 -14.99 34.02
CA THR C 28 -31.87 -16.18 34.50
C THR C 28 -32.13 -16.02 35.99
N HIS C 29 -31.67 -14.90 36.54
CA HIS C 29 -31.86 -14.58 37.95
C HIS C 29 -33.18 -13.85 38.18
N ALA C 30 -33.51 -12.95 37.25
CA ALA C 30 -34.76 -12.20 37.34
C ALA C 30 -35.44 -12.16 35.98
N CYS C 31 -35.32 -13.25 35.24
CA CYS C 31 -35.81 -13.32 33.88
C CYS C 31 -36.40 -14.71 33.62
N VAL C 32 -37.22 -14.84 32.58
CA VAL C 32 -37.93 -16.08 32.30
C VAL C 32 -37.55 -16.67 30.94
N PRO C 33 -37.79 -17.99 30.75
CA PRO C 33 -37.58 -18.61 29.44
C PRO C 33 -38.48 -18.01 28.37
N THR C 34 -37.96 -17.89 27.14
CA THR C 34 -38.73 -17.34 26.03
C THR C 34 -39.92 -18.23 25.69
N ASP C 35 -41.11 -17.64 25.62
CA ASP C 35 -42.30 -18.38 25.28
C ASP C 35 -42.19 -18.96 23.88
N PRO C 36 -42.23 -20.30 23.77
CA PRO C 36 -41.97 -21.03 22.53
C PRO C 36 -43.00 -20.78 21.43
N ASP C 37 -44.27 -20.70 21.79
CA ASP C 37 -45.34 -20.49 20.81
C ASP C 37 -45.85 -19.05 20.87
N PRO C 38 -45.32 -18.18 20.00
CA PRO C 38 -45.71 -16.77 19.99
C PRO C 38 -47.09 -16.59 19.39
N GLN C 39 -47.72 -15.44 19.66
CA GLN C 39 -49.04 -15.17 19.12
C GLN C 39 -49.25 -13.70 18.76
N GLU C 40 -49.25 -13.43 17.45
CA GLU C 40 -49.44 -12.09 16.93
C GLU C 40 -50.78 -11.98 16.21
N LEU C 41 -51.42 -10.83 16.31
CA LEU C 41 -52.71 -10.62 15.69
C LEU C 41 -52.68 -9.39 14.78
N VAL C 42 -52.85 -9.62 13.48
CA VAL C 42 -52.82 -8.54 12.50
C VAL C 42 -54.10 -7.73 12.48
N MET C 43 -54.07 -6.58 13.16
CA MET C 43 -55.23 -5.69 13.21
C MET C 43 -55.46 -5.04 11.86
N ALA C 44 -56.68 -5.13 11.35
CA ALA C 44 -57.03 -4.58 10.04
C ALA C 44 -57.73 -3.23 10.14
N ASN C 45 -57.33 -2.30 9.28
CA ASN C 45 -57.85 -0.93 9.30
C ASN C 45 -57.74 -0.27 10.68
N VAL C 46 -56.63 -0.53 11.37
CA VAL C 46 -56.40 0.03 12.69
C VAL C 46 -55.18 0.95 12.68
N THR C 47 -55.34 2.12 13.28
CA THR C 47 -54.24 3.07 13.39
C THR C 47 -54.05 3.55 14.83
N GLU C 48 -52.79 3.65 15.26
CA GLU C 48 -52.47 4.10 16.61
C GLU C 48 -51.26 5.02 16.62
N ASN C 49 -51.22 5.92 17.60
CA ASN C 49 -50.13 6.88 17.72
C ASN C 49 -49.01 6.41 18.64
N PHE C 50 -47.98 5.82 18.04
CA PHE C 50 -46.80 5.39 18.79
C PHE C 50 -45.90 6.58 19.10
N ASN C 51 -44.89 6.32 19.93
CA ASN C 51 -43.84 7.29 20.21
C ASN C 51 -42.68 6.60 20.91
N MET C 52 -41.47 6.86 20.42
CA MET C 52 -40.28 6.20 20.95
C MET C 52 -39.59 7.07 22.00
N TRP C 53 -39.72 8.38 21.85
CA TRP C 53 -39.00 9.32 22.71
C TRP C 53 -39.68 9.53 24.05
N LYS C 54 -41.01 9.65 24.04
CA LYS C 54 -41.77 9.79 25.26
C LYS C 54 -42.29 8.42 25.71
N ASN C 55 -41.62 7.38 25.22
CA ASN C 55 -41.95 6.00 25.59
C ASN C 55 -41.38 5.67 26.97
N ASP C 56 -41.96 4.67 27.61
CA ASP C 56 -41.51 4.25 28.93
C ASP C 56 -40.79 2.91 28.88
N MET C 57 -41.06 2.13 27.83
CA MET C 57 -40.41 0.84 27.63
C MET C 57 -38.89 1.01 27.53
N VAL C 58 -38.48 2.14 26.95
CA VAL C 58 -37.06 2.47 26.88
C VAL C 58 -36.48 2.63 28.27
N ASP C 59 -37.12 3.49 29.08
CA ASP C 59 -36.67 3.74 30.45
C ASP C 59 -36.74 2.48 31.31
N GLN C 60 -37.65 1.57 30.96
CA GLN C 60 -37.78 0.31 31.67
C GLN C 60 -36.51 -0.54 31.48
N MET C 61 -36.20 -0.84 30.23
CA MET C 61 -35.05 -1.67 29.89
C MET C 61 -33.73 -0.98 30.25
N HIS C 62 -33.68 0.34 30.05
CA HIS C 62 -32.50 1.13 30.36
C HIS C 62 -32.06 0.98 31.82
N GLU C 63 -33.04 1.03 32.72
CA GLU C 63 -32.77 0.88 34.15
C GLU C 63 -32.39 -0.56 34.50
N ASP C 64 -33.03 -1.53 33.83
CA ASP C 64 -32.80 -2.94 34.12
C ASP C 64 -31.39 -3.39 33.73
N ILE C 65 -30.78 -2.70 32.77
CA ILE C 65 -29.45 -3.07 32.30
C ILE C 65 -28.35 -2.34 33.06
N ILE C 66 -28.67 -1.14 33.55
CA ILE C 66 -27.76 -0.42 34.43
C ILE C 66 -27.51 -1.25 35.69
N SER C 67 -28.58 -1.87 36.19
CA SER C 67 -28.48 -2.76 37.34
C SER C 67 -27.58 -3.94 37.04
N LEU C 68 -27.70 -4.47 35.81
CA LEU C 68 -26.90 -5.60 35.36
C LEU C 68 -25.41 -5.30 35.49
N TRP C 69 -24.99 -4.16 34.97
CA TRP C 69 -23.58 -3.80 34.95
C TRP C 69 -23.06 -3.38 36.32
N ASP C 70 -23.93 -2.83 37.15
CA ASP C 70 -23.53 -2.41 38.49
C ASP C 70 -23.39 -3.58 39.45
N GLN C 71 -23.69 -4.79 38.97
CA GLN C 71 -23.54 -5.98 39.80
C GLN C 71 -22.93 -7.15 39.03
N SER C 72 -22.22 -6.84 37.94
CA SER C 72 -21.55 -7.86 37.16
C SER C 72 -20.16 -7.38 36.73
N LEU C 73 -20.12 -6.28 35.99
CA LEU C 73 -18.85 -5.67 35.62
C LEU C 73 -18.30 -4.84 36.77
N LYS C 74 -17.72 -5.52 37.75
CA LYS C 74 -17.19 -4.85 38.94
C LYS C 74 -15.85 -4.18 38.66
N PRO C 75 -15.82 -2.84 38.73
CA PRO C 75 -14.58 -2.09 38.53
C PRO C 75 -13.67 -2.22 39.74
N CYS C 76 -12.36 -2.22 39.51
CA CYS C 76 -11.39 -2.32 40.59
C CYS C 76 -11.52 -1.10 41.51
N VAL C 77 -12.01 -0.01 40.95
CA VAL C 77 -12.30 1.20 41.72
C VAL C 77 -13.49 1.94 41.10
N LYS C 78 -14.61 1.95 41.82
CA LYS C 78 -15.78 2.69 41.38
C LYS C 78 -15.78 4.06 42.06
N LEU C 79 -15.51 5.10 41.28
CA LEU C 79 -15.36 6.44 41.84
C LEU C 79 -16.43 7.42 41.35
N THR C 80 -17.30 7.83 42.27
CA THR C 80 -18.32 8.83 41.95
C THR C 80 -18.42 9.87 43.07
N GLY C 81 -18.29 11.15 42.69
CA GLY C 81 -18.36 12.24 43.65
C GLY C 81 -17.26 12.17 44.69
N GLY C 82 -17.60 12.54 45.93
CA GLY C 82 -16.64 12.54 47.01
C GLY C 82 -16.30 11.14 47.51
N SER C 83 -17.32 10.41 47.93
CA SER C 83 -17.13 9.04 48.43
C SER C 83 -16.52 8.14 47.37
N THR C 84 -15.80 7.11 47.83
CA THR C 84 -15.11 6.21 46.91
C THR C 84 -15.15 4.75 47.39
N ILE C 85 -15.25 3.83 46.44
CA ILE C 85 -15.27 2.40 46.75
C ILE C 85 -14.40 1.64 45.76
N THR C 86 -13.58 0.73 46.29
CA THR C 86 -12.71 -0.10 45.46
C THR C 86 -12.88 -1.57 45.82
N GLN C 87 -13.29 -2.39 44.85
CA GLN C 87 -13.48 -3.82 45.09
C GLN C 87 -12.78 -4.68 44.03
N ALA C 88 -13.15 -5.97 44.01
CA ALA C 88 -12.56 -6.91 43.07
C ALA C 88 -12.88 -6.57 41.62
N CYS C 89 -12.04 -7.04 40.70
CA CYS C 89 -12.22 -6.78 39.28
C CYS C 89 -11.73 -7.94 38.42
N PRO C 90 -12.48 -9.05 38.41
CA PRO C 90 -12.13 -10.23 37.60
C PRO C 90 -12.64 -10.08 36.17
N LYS C 91 -12.09 -10.86 35.25
CA LYS C 91 -12.53 -10.81 33.86
C LYS C 91 -13.40 -12.01 33.50
N VAL C 92 -14.56 -11.72 32.90
CA VAL C 92 -15.52 -12.75 32.54
C VAL C 92 -15.84 -12.66 31.04
N SER C 93 -16.44 -13.70 30.50
CA SER C 93 -16.91 -13.69 29.11
C SER C 93 -18.02 -12.65 28.98
N PHE C 94 -18.11 -12.02 27.81
CA PHE C 94 -19.04 -10.92 27.60
C PHE C 94 -19.56 -10.89 26.17
N ASP C 95 -20.76 -11.41 25.95
CA ASP C 95 -21.40 -11.36 24.64
C ASP C 95 -22.90 -11.25 24.80
N PRO C 96 -23.49 -10.14 24.29
CA PRO C 96 -24.91 -9.84 24.43
C PRO C 96 -25.81 -10.93 23.84
N ILE C 97 -26.97 -11.13 24.47
CA ILE C 97 -27.90 -12.18 24.05
C ILE C 97 -29.31 -11.61 23.87
N PRO C 98 -30.14 -12.29 23.07
CA PRO C 98 -31.53 -11.87 22.88
C PRO C 98 -32.29 -11.75 24.20
N ILE C 99 -32.84 -10.56 24.46
CA ILE C 99 -33.65 -10.33 25.63
C ILE C 99 -35.03 -9.83 25.23
N HIS C 100 -35.97 -10.76 25.08
CA HIS C 100 -37.35 -10.41 24.73
C HIS C 100 -38.03 -9.79 25.94
N TYR C 101 -38.60 -8.61 25.76
CA TYR C 101 -39.37 -7.97 26.83
C TYR C 101 -40.86 -8.22 26.64
N CYS C 102 -41.52 -8.73 27.67
CA CYS C 102 -42.91 -9.13 27.55
C CYS C 102 -43.86 -8.35 28.46
N ALA C 103 -45.15 -8.42 28.13
CA ALA C 103 -46.19 -7.72 28.90
C ALA C 103 -46.80 -8.64 29.95
N PRO C 104 -47.07 -8.09 31.13
CA PRO C 104 -47.61 -8.86 32.27
C PRO C 104 -49.06 -9.29 32.05
N ALA C 105 -49.65 -9.86 33.09
CA ALA C 105 -51.04 -10.34 33.03
C ALA C 105 -52.03 -9.19 33.11
N GLY C 106 -52.65 -8.86 31.98
CA GLY C 106 -53.67 -7.82 31.95
C GLY C 106 -53.38 -6.73 30.95
N TYR C 107 -52.21 -6.77 30.33
CA TYR C 107 -51.79 -5.73 29.39
C TYR C 107 -51.33 -6.32 28.07
N ALA C 108 -50.96 -5.47 27.13
CA ALA C 108 -50.53 -5.91 25.81
C ALA C 108 -49.59 -4.91 25.13
N ILE C 109 -48.90 -5.37 24.10
CA ILE C 109 -47.98 -4.52 23.35
C ILE C 109 -48.37 -4.49 21.87
N LEU C 110 -48.10 -3.36 21.22
CA LEU C 110 -48.44 -3.20 19.81
C LEU C 110 -47.18 -3.11 18.94
N LYS C 111 -47.05 -4.04 18.01
CA LYS C 111 -45.92 -4.07 17.10
C LYS C 111 -46.32 -3.52 15.73
N CYS C 112 -45.95 -2.28 15.46
CA CYS C 112 -46.27 -1.62 14.20
C CYS C 112 -45.68 -2.35 13.01
N ASN C 113 -46.55 -2.94 12.19
CA ASN C 113 -46.12 -3.73 11.03
C ASN C 113 -45.54 -2.85 9.93
N ASN C 114 -45.91 -1.58 9.91
CA ASN C 114 -45.41 -0.66 8.91
C ASN C 114 -43.91 -0.50 9.04
N LYS C 115 -43.18 -0.95 8.02
CA LYS C 115 -41.73 -0.98 8.06
C LYS C 115 -41.12 0.42 7.99
N THR C 116 -41.78 1.31 7.26
CA THR C 116 -41.31 2.69 7.14
C THR C 116 -41.96 3.60 8.17
N PHE C 117 -41.94 3.17 9.43
CA PHE C 117 -42.49 3.97 10.51
C PHE C 117 -41.49 5.05 10.92
N SER C 118 -41.98 6.28 11.07
CA SER C 118 -41.12 7.42 11.36
C SER C 118 -40.71 7.51 12.82
N GLY C 119 -41.04 6.49 13.59
CA GLY C 119 -40.65 6.41 14.99
C GLY C 119 -41.64 7.05 15.93
N LYS C 120 -42.30 8.11 15.46
CA LYS C 120 -43.26 8.84 16.28
C LYS C 120 -44.45 9.32 15.45
N GLY C 121 -45.61 8.71 15.67
CA GLY C 121 -46.81 9.08 14.96
C GLY C 121 -47.75 7.92 14.72
N PRO C 122 -48.58 8.02 13.67
CA PRO C 122 -49.59 7.01 13.33
C PRO C 122 -48.98 5.77 12.67
N CYS C 123 -49.57 4.61 12.93
CA CYS C 123 -49.13 3.37 12.31
C CYS C 123 -50.24 2.82 11.43
N SER C 124 -49.97 2.73 10.12
CA SER C 124 -50.97 2.25 9.18
C SER C 124 -51.37 0.81 9.47
N ASN C 125 -50.40 -0.09 9.43
CA ASN C 125 -50.66 -1.49 9.73
C ASN C 125 -50.21 -1.86 11.14
N VAL C 126 -51.15 -1.91 12.07
CA VAL C 126 -50.84 -2.23 13.46
C VAL C 126 -51.14 -3.70 13.74
N SER C 127 -50.28 -4.33 14.54
CA SER C 127 -50.55 -5.65 15.07
C SER C 127 -50.26 -5.66 16.58
N THR C 128 -50.52 -6.79 17.22
CA THR C 128 -50.25 -6.91 18.65
C THR C 128 -49.50 -8.19 18.97
N VAL C 129 -48.69 -8.13 20.02
CA VAL C 129 -47.94 -9.29 20.47
C VAL C 129 -48.00 -9.41 21.99
N GLN C 130 -47.34 -10.42 22.53
CA GLN C 130 -47.25 -10.57 23.98
C GLN C 130 -45.89 -10.07 24.46
N CYS C 131 -44.85 -10.39 23.70
CA CYS C 131 -43.48 -9.98 24.02
C CYS C 131 -42.77 -9.43 22.79
N THR C 132 -41.66 -8.75 23.03
CA THR C 132 -40.81 -8.24 21.96
C THR C 132 -40.01 -9.37 21.33
N HIS C 133 -39.18 -9.02 20.35
CA HIS C 133 -38.35 -10.00 19.65
C HIS C 133 -36.98 -10.12 20.31
N GLY C 134 -36.07 -10.85 19.67
CA GLY C 134 -34.73 -11.02 20.19
C GLY C 134 -33.95 -9.72 20.23
N ILE C 135 -33.84 -9.15 21.42
CA ILE C 135 -33.14 -7.87 21.58
C ILE C 135 -31.86 -8.02 22.39
N ARG C 136 -30.73 -7.83 21.73
CA ARG C 136 -29.43 -7.91 22.38
C ARG C 136 -29.01 -6.57 22.96
N PRO C 137 -28.70 -6.55 24.27
CA PRO C 137 -28.28 -5.34 24.99
C PRO C 137 -26.96 -4.79 24.48
N VAL C 138 -27.03 -4.01 23.40
CA VAL C 138 -25.82 -3.44 22.81
C VAL C 138 -25.51 -2.07 23.41
N VAL C 139 -24.43 -2.02 24.18
CA VAL C 139 -24.01 -0.80 24.83
C VAL C 139 -22.83 -0.18 24.08
N SER C 140 -23.09 0.90 23.36
CA SER C 140 -22.06 1.55 22.56
C SER C 140 -22.38 3.01 22.24
N THR C 141 -21.44 3.68 21.57
CA THR C 141 -21.62 5.05 21.12
C THR C 141 -21.38 5.14 19.62
N GLN C 142 -21.82 6.23 19.00
CA GLN C 142 -21.64 6.45 17.56
C GLN C 142 -22.29 5.38 16.68
N LEU C 143 -21.95 4.12 16.93
CA LEU C 143 -22.49 3.01 16.15
C LEU C 143 -23.36 2.08 16.99
N LEU C 144 -24.28 1.37 16.33
CA LEU C 144 -25.06 0.33 16.98
C LEU C 144 -24.67 -1.03 16.42
N LEU C 145 -24.57 -2.02 17.30
CA LEU C 145 -24.11 -3.35 16.91
C LEU C 145 -25.19 -4.41 17.10
N ASN C 146 -24.95 -5.60 16.55
CA ASN C 146 -25.80 -6.78 16.75
C ASN C 146 -27.32 -6.59 16.69
N GLY C 147 -27.77 -5.44 16.20
CA GLY C 147 -29.18 -5.14 16.18
C GLY C 147 -29.91 -5.80 15.03
N SER C 148 -31.09 -5.27 14.70
CA SER C 148 -31.90 -5.80 13.62
C SER C 148 -31.97 -4.82 12.45
N LEU C 149 -31.67 -5.30 11.26
CA LEU C 149 -31.68 -4.48 10.05
C LEU C 149 -33.08 -3.97 9.73
N ALA C 150 -33.16 -2.79 9.13
CA ALA C 150 -34.42 -2.26 8.64
C ALA C 150 -34.84 -3.03 7.40
N GLU C 151 -36.11 -3.41 7.33
CA GLU C 151 -36.62 -4.20 6.21
C GLU C 151 -36.75 -3.34 4.95
N GLU C 152 -37.15 -2.08 5.13
CA GLU C 152 -37.33 -1.18 4.00
C GLU C 152 -36.16 -0.24 3.79
N GLU C 153 -36.39 0.81 3.02
CA GLU C 153 -35.39 1.84 2.75
C GLU C 153 -34.91 2.45 4.06
N ILE C 154 -33.68 2.96 4.04
CA ILE C 154 -33.05 3.52 5.24
C ILE C 154 -33.96 4.51 5.99
N VAL C 155 -34.25 4.20 7.25
CA VAL C 155 -35.20 4.98 8.04
C VAL C 155 -34.50 5.92 9.01
N ILE C 156 -35.01 7.14 9.09
CA ILE C 156 -34.48 8.14 10.01
C ILE C 156 -35.53 8.44 11.07
N ARG C 157 -35.09 8.76 12.29
CA ARG C 157 -36.02 9.06 13.37
C ARG C 157 -35.49 10.11 14.35
N SER C 158 -36.31 11.11 14.63
CA SER C 158 -35.95 12.18 15.55
C SER C 158 -37.12 12.55 16.46
N GLU C 159 -36.82 13.15 17.61
CA GLU C 159 -37.85 13.57 18.55
C GLU C 159 -38.41 14.93 18.14
N ASN C 160 -37.52 15.83 17.76
CA ASN C 160 -37.91 17.17 17.34
C ASN C 160 -36.82 17.78 16.47
N LEU C 161 -36.92 17.56 15.16
CA LEU C 161 -35.94 18.09 14.22
C LEU C 161 -35.91 19.62 14.19
N THR C 162 -36.88 20.25 14.85
CA THR C 162 -36.83 21.68 15.11
C THR C 162 -35.55 21.97 15.87
N ASP C 163 -35.30 21.18 16.91
CA ASP C 163 -34.05 21.27 17.66
C ASP C 163 -32.99 20.38 17.04
N ASN C 164 -31.82 20.96 16.79
CA ASN C 164 -30.67 20.20 16.31
C ASN C 164 -29.96 19.51 17.45
N ALA C 165 -30.41 19.79 18.67
CA ALA C 165 -29.80 19.24 19.87
C ALA C 165 -30.36 17.86 20.22
N LYS C 166 -31.44 17.46 19.56
CA LYS C 166 -32.02 16.15 19.77
C LYS C 166 -31.39 15.12 18.84
N THR C 167 -30.97 14.00 19.40
CA THR C 167 -30.22 12.98 18.68
C THR C 167 -31.01 12.36 17.52
N ILE C 168 -30.28 11.86 16.53
CA ILE C 168 -30.89 11.23 15.36
C ILE C 168 -30.43 9.78 15.21
N ILE C 169 -31.39 8.86 15.15
CA ILE C 169 -31.10 7.43 15.02
C ILE C 169 -31.39 6.94 13.61
N VAL C 170 -30.55 6.05 13.09
CA VAL C 170 -30.67 5.56 11.72
C VAL C 170 -30.68 4.03 11.67
N HIS C 171 -31.45 3.47 10.75
CA HIS C 171 -31.44 2.03 10.47
C HIS C 171 -31.00 1.75 9.04
N LEU C 172 -30.70 0.50 8.73
CA LEU C 172 -30.13 0.12 7.43
C LEU C 172 -30.86 -1.06 6.79
N ASN C 173 -30.87 -1.08 5.46
CA ASN C 173 -31.47 -2.22 4.74
C ASN C 173 -30.46 -3.28 4.33
N LYS C 174 -29.24 -3.16 4.85
CA LYS C 174 -28.21 -4.19 4.68
C LYS C 174 -27.09 -3.99 5.70
N SER C 175 -26.60 -5.10 6.24
CA SER C 175 -25.60 -5.05 7.32
C SER C 175 -24.17 -4.95 6.80
N VAL C 176 -23.29 -4.39 7.61
CA VAL C 176 -21.87 -4.31 7.30
C VAL C 176 -21.07 -4.83 8.49
N GLU C 177 -20.15 -5.77 8.24
CA GLU C 177 -19.41 -6.40 9.32
C GLU C 177 -18.25 -5.54 9.83
N ILE C 178 -18.04 -5.57 11.15
CA ILE C 178 -16.90 -4.89 11.76
C ILE C 178 -16.04 -5.91 12.50
N GLU C 179 -14.72 -5.70 12.49
CA GLU C 179 -13.80 -6.64 13.12
C GLU C 179 -12.74 -5.92 13.94
N CYS C 180 -12.93 -5.90 15.25
CA CYS C 180 -11.97 -5.29 16.15
C CYS C 180 -11.16 -6.34 16.89
N ILE C 181 -9.88 -6.43 16.56
CA ILE C 181 -9.02 -7.49 17.08
C ILE C 181 -8.02 -6.97 18.11
N ARG C 182 -7.36 -7.89 18.80
CA ARG C 182 -6.29 -7.56 19.73
C ARG C 182 -5.32 -8.73 19.72
N PRO C 183 -4.27 -8.63 18.88
CA PRO C 183 -3.26 -9.68 18.64
C PRO C 183 -2.81 -10.39 19.91
N GLY C 184 -2.88 -11.72 19.89
CA GLY C 184 -2.57 -12.52 21.07
C GLY C 184 -1.09 -12.72 21.33
N ASN C 185 -0.30 -11.67 21.12
CA ASN C 185 1.13 -11.72 21.37
C ASN C 185 1.72 -10.32 21.50
N GLY C 192 5.29 -6.22 24.81
CA GLY C 192 5.04 -5.11 23.92
C GLY C 192 3.92 -4.22 24.38
N ASP C 193 3.07 -3.80 23.45
CA ASP C 193 1.94 -2.93 23.77
C ASP C 193 0.62 -3.71 23.78
N ILE C 194 0.02 -3.80 24.95
CA ILE C 194 -1.24 -4.51 25.11
C ILE C 194 -2.41 -3.70 24.57
N ARG C 195 -2.49 -2.45 25.01
CA ARG C 195 -3.60 -1.57 24.63
C ARG C 195 -3.49 -1.08 23.19
N LYS C 196 -3.79 -1.98 22.26
CA LYS C 196 -3.81 -1.64 20.84
C LYS C 196 -4.74 -2.58 20.10
N ALA C 197 -5.49 -2.04 19.13
CA ALA C 197 -6.48 -2.83 18.41
C ALA C 197 -6.67 -2.36 16.97
N TYR C 198 -7.34 -3.18 16.17
CA TYR C 198 -7.57 -2.86 14.76
C TYR C 198 -9.02 -3.12 14.36
N CYS C 199 -9.71 -2.07 13.91
CA CYS C 199 -11.10 -2.18 13.46
C CYS C 199 -11.16 -2.32 11.93
N LYS C 200 -11.50 -3.52 11.45
CA LYS C 200 -11.57 -3.76 10.01
C LYS C 200 -12.99 -3.70 9.45
N ILE C 201 -13.11 -3.16 8.23
CA ILE C 201 -14.40 -3.01 7.56
C ILE C 201 -14.23 -3.14 6.06
N ASN C 202 -15.08 -3.93 5.42
CA ASN C 202 -15.07 -4.06 3.97
C ASN C 202 -15.50 -2.74 3.33
N GLY C 203 -14.53 -2.05 2.73
CA GLY C 203 -14.74 -0.72 2.19
C GLY C 203 -15.76 -0.63 1.06
N SER C 204 -15.81 -1.64 0.20
CA SER C 204 -16.75 -1.64 -0.91
C SER C 204 -18.18 -1.65 -0.40
N GLU C 205 -18.40 -2.35 0.72
CA GLU C 205 -19.73 -2.40 1.34
C GLU C 205 -19.96 -1.18 2.22
N TRP C 206 -19.02 -0.26 2.22
CA TRP C 206 -19.15 0.99 2.97
C TRP C 206 -19.42 2.17 2.07
N ASN C 207 -18.75 2.22 0.93
CA ASN C 207 -18.97 3.27 -0.06
C ASN C 207 -20.34 3.14 -0.73
N GLU C 208 -21.12 2.18 -0.25
CA GLU C 208 -22.49 1.98 -0.68
C GLU C 208 -23.44 2.30 0.45
N THR C 209 -23.13 1.79 1.64
CA THR C 209 -24.02 1.91 2.79
C THR C 209 -23.98 3.30 3.44
N LEU C 210 -23.23 4.21 2.82
CA LEU C 210 -23.24 5.60 3.24
C LEU C 210 -23.61 6.47 2.04
N THR C 211 -23.33 5.94 0.85
CA THR C 211 -23.79 6.55 -0.38
C THR C 211 -25.32 6.61 -0.37
N LYS C 212 -25.93 5.53 0.09
CA LYS C 212 -27.38 5.44 0.17
C LYS C 212 -27.98 6.27 1.31
N VAL C 213 -27.21 6.49 2.37
CA VAL C 213 -27.70 7.22 3.53
C VAL C 213 -28.01 8.68 3.20
N SER C 214 -27.05 9.39 2.62
CA SER C 214 -27.21 10.81 2.31
C SER C 214 -28.34 11.07 1.31
N GLU C 215 -28.82 10.00 0.68
CA GLU C 215 -29.93 10.12 -0.27
C GLU C 215 -31.25 10.34 0.45
N LYS C 216 -31.56 9.47 1.40
CA LYS C 216 -32.76 9.62 2.21
C LYS C 216 -32.64 10.84 3.11
N LEU C 217 -31.40 11.26 3.35
CA LEU C 217 -31.12 12.46 4.12
C LEU C 217 -31.56 13.71 3.38
N LYS C 218 -31.77 13.57 2.06
CA LYS C 218 -32.20 14.70 1.24
C LYS C 218 -33.66 15.06 1.47
N LYS C 223 -30.83 20.01 0.34
CA LYS C 223 -29.56 20.72 0.34
C LYS C 223 -28.39 19.76 0.22
N THR C 224 -27.24 20.18 0.72
CA THR C 224 -26.01 19.40 0.61
C THR C 224 -25.63 18.77 1.96
N ILE C 225 -24.93 17.65 1.90
CA ILE C 225 -24.61 16.89 3.10
C ILE C 225 -23.11 16.79 3.37
N ARG C 226 -22.72 17.12 4.60
CA ARG C 226 -21.32 17.06 5.01
C ARG C 226 -21.17 16.23 6.28
N PHE C 227 -20.13 15.40 6.32
CA PHE C 227 -19.87 14.53 7.47
C PHE C 227 -18.54 14.86 8.13
N ALA C 228 -18.51 14.83 9.45
CA ALA C 228 -17.30 15.13 10.20
C ALA C 228 -17.26 14.36 11.52
N GLN C 229 -16.11 14.41 12.19
CA GLN C 229 -15.96 13.75 13.49
C GLN C 229 -16.66 14.56 14.57
N HIS C 230 -16.83 13.97 15.75
CA HIS C 230 -17.53 14.64 16.84
C HIS C 230 -16.87 15.96 17.22
N SER C 231 -17.69 16.96 17.54
CA SER C 231 -17.21 18.31 17.81
C SER C 231 -16.20 18.33 18.97
N GLY C 232 -16.54 17.68 20.06
CA GLY C 232 -15.67 17.63 21.22
C GLY C 232 -16.43 17.36 22.50
N GLY C 233 -16.24 16.15 23.03
CA GLY C 233 -16.84 15.77 24.30
C GLY C 233 -15.91 14.80 25.02
N ASP C 234 -16.48 14.01 25.92
CA ASP C 234 -15.70 12.97 26.60
C ASP C 234 -15.20 11.97 25.56
N LEU C 235 -14.12 11.27 25.89
CA LEU C 235 -13.52 10.32 24.97
C LEU C 235 -14.53 9.31 24.45
N GLU C 236 -15.28 8.71 25.38
CA GLU C 236 -16.26 7.66 25.06
C GLU C 236 -17.27 8.09 23.99
N VAL C 237 -17.49 9.40 23.88
CA VAL C 237 -18.43 9.95 22.91
C VAL C 237 -17.78 10.28 21.56
N THR C 238 -16.66 11.00 21.62
CA THR C 238 -15.98 11.45 20.40
C THR C 238 -15.31 10.29 19.64
N THR C 239 -15.30 9.11 20.24
CA THR C 239 -14.86 7.90 19.55
C THR C 239 -15.90 6.79 19.69
N HIS C 240 -15.55 5.59 19.25
CA HIS C 240 -16.47 4.46 19.30
C HIS C 240 -16.20 3.58 20.52
N SER C 241 -16.98 3.81 21.58
CA SER C 241 -16.84 3.06 22.82
C SER C 241 -17.70 1.80 22.82
N PHE C 242 -17.07 0.65 23.07
CA PHE C 242 -17.80 -0.60 23.18
C PHE C 242 -16.97 -1.64 23.94
N ASN C 243 -17.67 -2.64 24.48
CA ASN C 243 -17.04 -3.67 25.29
C ASN C 243 -16.86 -4.96 24.49
N CYS C 244 -15.66 -5.52 24.56
CA CYS C 244 -15.34 -6.74 23.83
C CYS C 244 -14.72 -7.77 24.79
N ARG C 245 -15.49 -8.79 25.13
CA ARG C 245 -15.07 -9.83 26.09
C ARG C 245 -14.73 -9.29 27.48
N GLY C 246 -15.05 -8.03 27.72
CA GLY C 246 -14.79 -7.41 29.02
C GLY C 246 -13.85 -6.23 28.94
N GLU C 247 -13.31 -5.98 27.75
CA GLU C 247 -12.38 -4.87 27.53
C GLU C 247 -13.03 -3.71 26.79
N PHE C 248 -12.83 -2.50 27.31
CA PHE C 248 -13.45 -1.31 26.75
C PHE C 248 -12.64 -0.73 25.58
N PHE C 249 -13.10 -1.03 24.36
CA PHE C 249 -12.42 -0.57 23.16
C PHE C 249 -12.77 0.86 22.81
N TYR C 250 -11.84 1.54 22.15
CA TYR C 250 -12.03 2.91 21.70
C TYR C 250 -11.41 3.08 20.32
N CYS C 251 -12.24 2.97 19.28
CA CYS C 251 -11.75 3.01 17.90
C CYS C 251 -11.91 4.41 17.28
N ASN C 252 -10.79 4.99 16.88
CA ASN C 252 -10.78 6.34 16.29
C ASN C 252 -11.50 6.40 14.94
N THR C 253 -12.66 7.05 14.92
CA THR C 253 -13.47 7.15 13.72
C THR C 253 -13.20 8.44 12.95
N SER C 254 -12.01 8.55 12.37
CA SER C 254 -11.63 9.74 11.62
C SER C 254 -11.57 9.47 10.13
N GLU C 255 -11.09 8.29 9.77
CA GLU C 255 -10.91 7.93 8.36
C GLU C 255 -12.24 7.77 7.64
N LEU C 256 -13.27 7.32 8.36
CA LEU C 256 -14.58 7.10 7.78
C LEU C 256 -15.23 8.40 7.29
N PHE C 257 -14.92 9.50 7.97
CA PHE C 257 -15.58 10.78 7.68
C PHE C 257 -14.63 11.79 7.06
N ASN C 258 -14.13 11.48 5.86
CA ASN C 258 -13.24 12.38 5.16
C ASN C 258 -13.85 12.92 3.87
N SER C 259 -13.24 13.96 3.31
CA SER C 259 -13.71 14.54 2.05
C SER C 259 -13.14 13.82 0.82
N SER C 264 -11.14 1.29 -0.01
CA SER C 264 -11.56 0.00 0.50
C SER C 264 -10.62 -0.52 1.58
N ASN C 265 -10.99 -1.63 2.20
CA ASN C 265 -10.22 -2.22 3.30
C ASN C 265 -9.90 -1.21 4.41
N ILE C 266 -10.89 -0.39 4.74
CA ILE C 266 -10.70 0.67 5.74
C ILE C 266 -10.50 0.11 7.14
N THR C 267 -9.32 0.36 7.71
CA THR C 267 -9.01 -0.07 9.06
C THR C 267 -8.96 1.12 10.01
N LEU C 268 -9.10 0.84 11.31
CA LEU C 268 -9.10 1.90 12.33
C LEU C 268 -8.17 1.58 13.50
N PRO C 269 -7.50 2.60 14.03
CA PRO C 269 -6.60 2.46 15.18
C PRO C 269 -7.33 2.48 16.51
N CYS C 270 -7.82 1.31 16.94
CA CYS C 270 -8.53 1.19 18.20
C CYS C 270 -7.52 0.97 19.34
N ARG C 271 -7.85 1.47 20.54
CA ARG C 271 -6.94 1.35 21.68
C ARG C 271 -7.70 1.08 22.98
N ILE C 272 -7.46 -0.09 23.56
CA ILE C 272 -8.14 -0.50 24.79
C ILE C 272 -7.78 0.41 25.95
N LYS C 273 -8.80 0.81 26.71
CA LYS C 273 -8.59 1.61 27.91
C LYS C 273 -9.08 0.88 29.16
N GLN C 274 -8.81 1.48 30.32
CA GLN C 274 -9.29 0.95 31.59
C GLN C 274 -9.99 2.04 32.36
N ILE C 275 -9.66 3.29 32.05
CA ILE C 275 -10.27 4.44 32.71
C ILE C 275 -11.46 4.95 31.90
N ILE C 276 -12.62 4.33 32.13
CA ILE C 276 -13.83 4.71 31.42
C ILE C 276 -14.62 5.76 32.19
N ASN C 277 -15.34 6.60 31.45
CA ASN C 277 -16.27 7.53 32.05
C ASN C 277 -17.67 6.90 31.99
N MET C 278 -18.16 6.47 33.15
CA MET C 278 -19.40 5.69 33.23
C MET C 278 -20.59 6.29 32.49
N TRP C 279 -21.27 5.45 31.72
CA TRP C 279 -22.44 5.86 30.94
C TRP C 279 -23.70 5.82 31.79
N GLN C 280 -23.65 5.09 32.90
CA GLN C 280 -24.77 5.01 33.82
C GLN C 280 -25.15 6.39 34.34
N GLY C 281 -24.18 7.09 34.91
CA GLY C 281 -24.41 8.44 35.42
C GLY C 281 -23.14 9.27 35.46
N VAL C 282 -22.66 9.55 36.66
CA VAL C 282 -21.46 10.35 36.85
C VAL C 282 -20.38 9.55 37.57
N GLY C 283 -19.14 9.71 37.12
CA GLY C 283 -18.02 9.04 37.76
C GLY C 283 -17.24 8.15 36.82
N ARG C 284 -15.98 7.91 37.14
CA ARG C 284 -15.13 7.06 36.32
C ARG C 284 -14.80 5.75 37.03
N ALA C 285 -14.33 4.77 36.27
CA ALA C 285 -14.02 3.46 36.82
C ALA C 285 -12.81 2.85 36.12
N MET C 286 -11.98 2.15 36.90
CA MET C 286 -10.80 1.50 36.36
C MET C 286 -10.90 -0.02 36.51
N TYR C 287 -10.82 -0.72 35.38
CA TYR C 287 -10.93 -2.17 35.37
C TYR C 287 -9.55 -2.82 35.20
N ALA C 288 -9.46 -4.11 35.55
CA ALA C 288 -8.22 -4.85 35.44
C ALA C 288 -7.78 -4.94 33.98
N PRO C 289 -6.47 -4.77 33.73
CA PRO C 289 -5.87 -4.80 32.39
C PRO C 289 -6.26 -6.04 31.59
N PRO C 290 -6.32 -5.91 30.26
CA PRO C 290 -6.74 -6.97 29.33
C PRO C 290 -5.99 -8.28 29.53
N ILE C 291 -6.67 -9.39 29.29
CA ILE C 291 -6.06 -10.70 29.37
C ILE C 291 -5.30 -11.00 28.08
N ARG C 292 -4.24 -11.80 28.19
CA ARG C 292 -3.45 -12.18 27.01
C ARG C 292 -4.28 -13.08 26.10
N GLY C 293 -4.14 -12.89 24.79
CA GLY C 293 -4.86 -13.69 23.83
C GLY C 293 -5.58 -12.83 22.82
N GLU C 294 -5.89 -13.40 21.66
CA GLU C 294 -6.57 -12.67 20.59
C GLU C 294 -7.99 -12.27 20.99
N ILE C 295 -8.15 -11.01 21.35
CA ILE C 295 -9.47 -10.48 21.68
C ILE C 295 -10.10 -9.80 20.47
N LYS C 296 -10.80 -10.61 19.65
CA LYS C 296 -11.49 -10.12 18.48
C LYS C 296 -12.99 -10.39 18.56
N CYS C 297 -13.76 -9.38 18.95
CA CYS C 297 -15.22 -9.47 18.92
C CYS C 297 -15.77 -9.06 17.56
N THR C 298 -16.56 -9.94 16.98
CA THR C 298 -17.15 -9.67 15.69
C THR C 298 -18.66 -9.52 15.86
N SER C 299 -19.16 -8.31 15.60
CA SER C 299 -20.59 -8.04 15.70
C SER C 299 -21.04 -7.19 14.50
N ASN C 300 -22.26 -7.42 14.03
CA ASN C 300 -22.81 -6.70 12.89
C ASN C 300 -23.08 -5.23 13.19
N ILE C 301 -23.09 -4.40 12.15
CA ILE C 301 -23.45 -3.00 12.27
C ILE C 301 -24.86 -2.79 11.75
N THR C 302 -25.73 -2.21 12.57
CA THR C 302 -27.14 -2.11 12.23
C THR C 302 -27.73 -0.71 12.38
N GLY C 303 -27.12 0.11 13.22
CA GLY C 303 -27.65 1.43 13.50
C GLY C 303 -26.59 2.48 13.76
N ILE C 304 -26.97 3.75 13.59
CA ILE C 304 -26.04 4.86 13.74
C ILE C 304 -26.68 6.02 14.50
N LEU C 305 -25.90 6.65 15.39
CA LEU C 305 -26.37 7.81 16.14
C LEU C 305 -25.56 9.05 15.74
N LEU C 306 -26.23 10.18 15.57
CA LEU C 306 -25.56 11.41 15.13
C LEU C 306 -26.06 12.66 15.85
N THR C 307 -25.78 13.81 15.24
CA THR C 307 -26.30 15.10 15.71
C THR C 307 -26.20 16.13 14.60
N ARG C 308 -27.01 17.18 14.68
CA ARG C 308 -27.02 18.22 13.66
C ARG C 308 -26.42 19.52 14.20
N ASP C 309 -25.66 20.22 13.36
CA ASP C 309 -25.05 21.48 13.75
C ASP C 309 -26.01 22.65 13.53
N GLY C 310 -26.28 23.38 14.60
CA GLY C 310 -27.17 24.52 14.54
C GLY C 310 -26.42 25.84 14.43
N SER C 316 -25.54 28.91 5.38
CA SER C 316 -24.60 28.14 4.56
C SER C 316 -25.36 27.17 3.66
N THR C 317 -24.68 26.63 2.66
CA THR C 317 -25.32 25.74 1.70
C THR C 317 -25.24 24.28 2.13
N GLU C 318 -24.46 24.01 3.17
CA GLU C 318 -24.29 22.63 3.64
C GLU C 318 -24.89 22.38 5.01
N GLU C 319 -25.14 21.11 5.31
CA GLU C 319 -25.60 20.69 6.61
C GLU C 319 -24.63 19.71 7.25
N ILE C 320 -24.19 20.02 8.46
CA ILE C 320 -23.15 19.23 9.12
C ILE C 320 -23.73 18.20 10.09
N PHE C 321 -23.23 16.98 10.00
CA PHE C 321 -23.72 15.88 10.84
C PHE C 321 -22.56 15.20 11.58
N ARG C 322 -22.64 15.20 12.91
CA ARG C 322 -21.59 14.64 13.75
C ARG C 322 -22.10 13.45 14.55
N PRO C 323 -21.39 12.32 14.50
CA PRO C 323 -21.74 11.13 15.29
C PRO C 323 -21.70 11.43 16.79
N GLU C 324 -22.70 10.94 17.51
CA GLU C 324 -22.80 11.19 18.95
C GLU C 324 -23.19 9.92 19.70
N GLY C 325 -22.71 9.79 20.93
CA GLY C 325 -23.07 8.68 21.78
C GLY C 325 -24.05 9.09 22.86
N GLY C 326 -24.12 10.41 23.10
CA GLY C 326 -25.00 11.04 24.07
C GLY C 326 -25.53 10.18 25.20
N ASN C 327 -26.84 10.09 25.30
CA ASN C 327 -27.47 9.21 26.28
C ASN C 327 -27.59 7.80 25.72
N MET C 328 -27.47 6.80 26.60
CA MET C 328 -27.50 5.42 26.17
C MET C 328 -28.93 4.97 25.84
N ARG C 329 -29.91 5.68 26.37
CA ARG C 329 -31.32 5.33 26.18
C ARG C 329 -31.72 5.22 24.71
N ASP C 330 -31.02 5.93 23.83
CA ASP C 330 -31.28 5.87 22.40
C ASP C 330 -30.94 4.51 21.81
N ASN C 331 -29.92 3.87 22.38
CA ASN C 331 -29.46 2.57 21.90
C ASN C 331 -30.54 1.50 22.02
N TRP C 332 -31.45 1.67 22.98
CA TRP C 332 -32.58 0.78 23.14
C TRP C 332 -33.78 1.32 22.38
N ARG C 333 -33.79 2.63 22.21
CA ARG C 333 -34.89 3.32 21.53
C ARG C 333 -34.91 2.98 20.04
N SER C 334 -33.83 2.36 19.56
CA SER C 334 -33.73 1.97 18.16
C SER C 334 -34.25 0.55 17.96
N GLU C 335 -34.74 -0.06 19.02
CA GLU C 335 -35.25 -1.43 18.97
C GLU C 335 -36.62 -1.54 19.63
N LEU C 336 -37.03 -0.47 20.31
CA LEU C 336 -38.31 -0.46 21.01
C LEU C 336 -39.24 0.61 20.44
N TYR C 337 -38.85 1.19 19.32
CA TYR C 337 -39.60 2.30 18.72
C TYR C 337 -41.00 1.87 18.26
N LYS C 338 -41.11 0.65 17.75
CA LYS C 338 -42.37 0.16 17.22
C LYS C 338 -43.19 -0.57 18.27
N TYR C 339 -43.02 -0.17 19.54
CA TYR C 339 -43.75 -0.78 20.64
C TYR C 339 -44.33 0.29 21.56
N LYS C 340 -45.44 -0.02 22.21
CA LYS C 340 -45.98 0.83 23.28
C LYS C 340 -46.90 0.04 24.20
N VAL C 341 -46.91 0.41 25.48
CA VAL C 341 -47.68 -0.31 26.48
C VAL C 341 -49.11 0.22 26.58
N VAL C 342 -50.07 -0.69 26.58
CA VAL C 342 -51.48 -0.32 26.71
C VAL C 342 -52.18 -1.23 27.71
N GLU C 343 -53.12 -0.65 28.46
CA GLU C 343 -53.98 -1.43 29.35
C GLU C 343 -55.24 -1.82 28.61
N ILE C 344 -55.43 -3.10 28.37
CA ILE C 344 -56.59 -3.56 27.63
C ILE C 344 -57.86 -3.48 28.49
N LYS C 345 -58.86 -2.74 28.00
CA LYS C 345 -60.08 -2.53 28.76
C LYS C 345 -60.98 -3.76 28.74
N VAL D 1 -6.16 -37.18 7.13
CA VAL D 1 -5.39 -37.76 8.21
C VAL D 1 -4.13 -38.44 7.68
N TRP D 2 -3.01 -38.19 8.34
CA TRP D 2 -1.73 -38.75 7.93
C TRP D 2 -0.92 -39.18 9.15
N LYS D 3 0.25 -39.77 8.91
CA LYS D 3 1.12 -40.18 10.00
C LYS D 3 2.58 -40.16 9.59
N GLU D 4 3.45 -39.74 10.52
CA GLU D 4 4.87 -39.64 10.24
C GLU D 4 5.54 -41.00 10.25
N ALA D 5 5.57 -41.64 9.09
CA ALA D 5 6.21 -42.95 8.97
C ALA D 5 7.49 -42.86 8.13
N LYS D 6 8.33 -43.88 8.25
CA LYS D 6 9.62 -43.89 7.55
C LYS D 6 9.75 -45.11 6.64
N THR D 7 10.25 -44.88 5.43
CA THR D 7 10.43 -45.95 4.48
C THR D 7 11.65 -45.74 3.59
N THR D 8 11.86 -46.64 2.65
CA THR D 8 12.99 -46.56 1.74
C THR D 8 12.75 -45.54 0.63
N LEU D 9 13.64 -44.55 0.55
CA LEU D 9 13.53 -43.51 -0.46
C LEU D 9 14.31 -43.88 -1.72
N PHE D 10 14.39 -42.94 -2.66
CA PHE D 10 15.18 -43.13 -3.87
C PHE D 10 15.59 -41.78 -4.44
N CYS D 11 16.69 -41.77 -5.18
CA CYS D 11 17.23 -40.53 -5.72
C CYS D 11 16.65 -40.21 -7.11
N ALA D 12 16.77 -38.95 -7.50
CA ALA D 12 16.36 -38.52 -8.83
C ALA D 12 17.24 -37.35 -9.27
N SER D 13 17.94 -37.52 -10.40
CA SER D 13 18.88 -36.49 -10.86
C SER D 13 18.99 -36.43 -12.38
N ASP D 14 19.54 -35.33 -12.87
CA ASP D 14 19.78 -35.15 -14.29
C ASP D 14 21.05 -35.90 -14.71
N ALA D 15 21.09 -37.18 -14.37
CA ALA D 15 22.27 -38.00 -14.64
C ALA D 15 22.48 -38.20 -16.14
N LYS D 16 23.70 -38.58 -16.49
CA LYS D 16 24.08 -38.74 -17.89
C LYS D 16 24.73 -40.10 -18.12
N SER D 17 24.23 -40.82 -19.11
CA SER D 17 24.69 -42.18 -19.40
C SER D 17 25.92 -42.20 -20.30
N TYR D 18 26.87 -41.33 -20.01
CA TYR D 18 28.10 -41.26 -20.81
C TYR D 18 29.25 -40.61 -20.07
N GLU D 19 28.95 -39.60 -19.27
CA GLU D 19 29.98 -38.78 -18.63
C GLU D 19 30.81 -39.59 -17.65
N ARG D 20 32.04 -39.14 -17.40
CA ARG D 20 32.94 -39.85 -16.51
C ARG D 20 33.07 -39.18 -15.15
N GLU D 21 32.09 -38.35 -14.79
CA GLU D 21 32.09 -37.73 -13.48
C GLU D 21 31.78 -38.80 -12.44
N VAL D 22 32.33 -38.66 -11.25
CA VAL D 22 32.11 -39.64 -10.19
C VAL D 22 30.64 -39.73 -9.82
N HIS D 23 29.99 -38.58 -9.75
CA HIS D 23 28.57 -38.53 -9.43
C HIS D 23 27.74 -39.00 -10.63
N ASN D 24 28.01 -38.44 -11.80
CA ASN D 24 27.25 -38.75 -13.01
C ASN D 24 27.39 -40.18 -13.52
N VAL D 25 28.07 -41.01 -12.74
CA VAL D 25 28.20 -42.43 -13.06
C VAL D 25 27.44 -43.27 -12.03
N TRP D 26 27.55 -42.89 -10.75
CA TRP D 26 26.79 -43.56 -9.71
C TRP D 26 25.35 -43.07 -9.65
N ALA D 27 25.15 -41.79 -9.94
CA ALA D 27 23.82 -41.20 -9.91
C ALA D 27 22.99 -41.58 -11.13
N THR D 28 23.43 -42.61 -11.85
CA THR D 28 22.66 -43.17 -12.95
C THR D 28 22.68 -44.69 -12.84
N HIS D 29 23.38 -45.18 -11.84
CA HIS D 29 23.47 -46.61 -11.58
C HIS D 29 22.35 -47.09 -10.66
N ALA D 30 22.01 -46.27 -9.68
CA ALA D 30 20.93 -46.58 -8.76
C ALA D 30 20.05 -45.36 -8.54
N CYS D 31 19.88 -44.57 -9.60
CA CYS D 31 19.17 -43.31 -9.51
C CYS D 31 18.33 -43.11 -10.78
N VAL D 32 17.35 -42.21 -10.72
CA VAL D 32 16.43 -42.02 -11.84
C VAL D 32 16.48 -40.59 -12.40
N PRO D 33 16.01 -40.40 -13.65
CA PRO D 33 15.91 -39.06 -14.22
C PRO D 33 14.95 -38.17 -13.43
N THR D 34 15.28 -36.89 -13.31
CA THR D 34 14.44 -35.94 -12.58
C THR D 34 13.09 -35.77 -13.28
N ASP D 35 12.01 -35.93 -12.52
CA ASP D 35 10.67 -35.76 -13.05
C ASP D 35 10.47 -34.34 -13.56
N PRO D 36 10.20 -34.20 -14.87
CA PRO D 36 10.14 -32.90 -15.56
C PRO D 36 9.00 -32.01 -15.10
N ASP D 37 7.83 -32.58 -14.84
CA ASP D 37 6.66 -31.81 -14.43
C ASP D 37 6.39 -31.99 -12.94
N PRO D 38 6.91 -31.07 -12.10
CA PRO D 38 6.76 -31.18 -10.66
C PRO D 38 5.33 -30.83 -10.23
N GLN D 39 4.94 -31.23 -9.03
CA GLN D 39 3.60 -30.93 -8.53
C GLN D 39 3.57 -30.66 -7.03
N GLU D 40 3.39 -29.38 -6.69
CA GLU D 40 3.35 -28.94 -5.30
C GLU D 40 1.94 -28.48 -4.96
N LEU D 41 1.51 -28.71 -3.72
CA LEU D 41 0.18 -28.31 -3.29
C LEU D 41 0.25 -27.46 -2.03
N VAL D 42 -0.16 -26.20 -2.15
CA VAL D 42 -0.11 -25.26 -1.04
C VAL D 42 -1.25 -25.50 -0.05
N MET D 43 -0.93 -26.18 1.04
CA MET D 43 -1.90 -26.46 2.08
C MET D 43 -2.25 -25.18 2.84
N ALA D 44 -3.55 -24.90 2.97
CA ALA D 44 -4.00 -23.68 3.62
C ALA D 44 -4.46 -23.94 5.06
N ASN D 45 -4.06 -23.05 5.97
CA ASN D 45 -4.35 -23.21 7.40
C ASN D 45 -3.92 -24.56 7.95
N VAL D 46 -2.77 -25.04 7.49
CA VAL D 46 -2.24 -26.33 7.93
C VAL D 46 -0.92 -26.15 8.67
N THR D 47 -0.79 -26.81 9.82
CA THR D 47 0.45 -26.76 10.58
C THR D 47 0.94 -28.16 10.94
N GLU D 48 2.25 -28.38 10.82
CA GLU D 48 2.84 -29.67 11.15
C GLU D 48 4.18 -29.50 11.87
N ASN D 49 4.51 -30.50 12.70
CA ASN D 49 5.74 -30.46 13.49
C ASN D 49 6.91 -31.16 12.80
N PHE D 50 7.72 -30.38 12.10
CA PHE D 50 8.92 -30.91 11.46
C PHE D 50 10.04 -31.10 12.48
N ASN D 51 11.11 -31.74 12.03
CA ASN D 51 12.33 -31.87 12.81
C ASN D 51 13.47 -32.34 11.92
N MET D 52 14.61 -31.66 12.02
CA MET D 52 15.76 -31.96 11.17
C MET D 52 16.74 -32.90 11.86
N TRP D 53 16.78 -32.83 13.19
CA TRP D 53 17.77 -33.58 13.97
C TRP D 53 17.36 -35.03 14.19
N LYS D 54 16.08 -35.24 14.50
CA LYS D 54 15.55 -36.58 14.69
C LYS D 54 14.91 -37.05 13.39
N ASN D 55 15.31 -36.44 12.29
CA ASN D 55 14.85 -36.80 10.95
C ASN D 55 15.57 -38.06 10.46
N ASP D 56 14.95 -38.76 9.52
CA ASP D 56 15.54 -39.97 8.96
C ASP D 56 16.02 -39.75 7.53
N MET D 57 15.47 -38.73 6.88
CA MET D 57 15.88 -38.39 5.51
C MET D 57 17.36 -38.04 5.46
N VAL D 58 17.85 -37.45 6.55
CA VAL D 58 19.27 -37.13 6.67
C VAL D 58 20.08 -38.42 6.67
N ASP D 59 19.73 -39.34 7.55
CA ASP D 59 20.43 -40.62 7.66
C ASP D 59 20.29 -41.46 6.38
N GLN D 60 19.21 -41.23 5.64
CA GLN D 60 19.01 -41.91 4.36
C GLN D 60 20.07 -41.49 3.35
N MET D 61 20.14 -40.19 3.09
CA MET D 61 21.08 -39.64 2.12
C MET D 61 22.53 -39.78 2.58
N HIS D 62 22.74 -39.63 3.89
CA HIS D 62 24.08 -39.75 4.48
C HIS D 62 24.70 -41.12 4.18
N GLU D 63 23.90 -42.16 4.31
CA GLU D 63 24.38 -43.53 4.04
C GLU D 63 24.58 -43.77 2.54
N ASP D 64 23.70 -43.18 1.73
CA ASP D 64 23.75 -43.37 0.27
C ASP D 64 25.00 -42.75 -0.36
N ILE D 65 25.53 -41.72 0.30
CA ILE D 65 26.70 -41.01 -0.24
C ILE D 65 28.01 -41.62 0.28
N ILE D 66 27.96 -42.18 1.47
CA ILE D 66 29.11 -42.93 2.00
C ILE D 66 29.42 -44.09 1.07
N SER D 67 28.37 -44.74 0.59
CA SER D 67 28.51 -45.83 -0.36
C SER D 67 29.15 -45.33 -1.65
N LEU D 68 28.75 -44.14 -2.07
CA LEU D 68 29.28 -43.53 -3.29
C LEU D 68 30.80 -43.41 -3.22
N TRP D 69 31.30 -42.87 -2.12
CA TRP D 69 32.74 -42.63 -1.98
C TRP D 69 33.54 -43.89 -1.72
N ASP D 70 32.91 -44.88 -1.10
CA ASP D 70 33.58 -46.14 -0.82
C ASP D 70 33.69 -47.03 -2.05
N GLN D 71 33.13 -46.57 -3.16
CA GLN D 71 33.22 -47.31 -4.41
C GLN D 71 33.50 -46.42 -5.62
N SER D 72 34.07 -45.24 -5.34
CA SER D 72 34.44 -44.32 -6.41
C SER D 72 35.80 -43.68 -6.13
N LEU D 73 35.90 -42.99 -5.00
CA LEU D 73 37.17 -42.42 -4.56
C LEU D 73 38.02 -43.49 -3.90
N LYS D 74 38.64 -44.33 -4.70
CA LYS D 74 39.46 -45.43 -4.19
C LYS D 74 40.81 -44.95 -3.71
N PRO D 75 41.06 -45.07 -2.39
CA PRO D 75 42.35 -44.69 -1.82
C PRO D 75 43.42 -45.73 -2.16
N CYS D 76 44.66 -45.28 -2.34
CA CYS D 76 45.76 -46.18 -2.63
C CYS D 76 45.98 -47.15 -1.47
N VAL D 77 45.58 -46.70 -0.29
CA VAL D 77 45.60 -47.54 0.90
C VAL D 77 44.46 -47.17 1.85
N LYS D 78 43.49 -48.06 1.98
CA LYS D 78 42.39 -47.85 2.91
C LYS D 78 42.70 -48.57 4.22
N LEU D 79 43.00 -47.79 5.25
CA LEU D 79 43.45 -48.36 6.52
C LEU D 79 42.48 -48.08 7.67
N THR D 80 41.84 -49.14 8.15
CA THR D 80 40.96 -49.05 9.31
C THR D 80 41.20 -50.19 10.29
N GLY D 81 41.47 -49.85 11.55
CA GLY D 81 41.72 -50.83 12.58
C GLY D 81 42.94 -51.67 12.29
N GLY D 82 42.87 -52.96 12.64
CA GLY D 82 43.98 -53.87 12.43
C GLY D 82 44.18 -54.26 10.97
N SER D 83 43.14 -54.82 10.37
CA SER D 83 43.19 -55.24 8.97
C SER D 83 43.47 -54.06 8.05
N THR D 84 44.09 -54.35 6.90
CA THR D 84 44.47 -53.31 5.96
C THR D 84 44.28 -53.74 4.50
N ILE D 85 43.89 -52.79 3.66
CA ILE D 85 43.70 -53.04 2.24
C ILE D 85 44.28 -51.90 1.40
N THR D 86 45.01 -52.26 0.36
CA THR D 86 45.60 -51.28 -0.54
C THR D 86 45.26 -51.61 -1.99
N GLN D 87 44.59 -50.70 -2.67
CA GLN D 87 44.22 -50.91 -4.07
C GLN D 87 44.58 -49.72 -4.97
N ALA D 88 44.03 -49.72 -6.18
CA ALA D 88 44.31 -48.66 -7.15
C ALA D 88 43.81 -47.31 -6.68
N CYS D 89 44.41 -46.24 -7.22
CA CYS D 89 44.05 -44.88 -6.85
C CYS D 89 44.20 -43.91 -8.01
N PRO D 90 43.30 -43.99 -8.99
CA PRO D 90 43.33 -43.10 -10.16
C PRO D 90 42.63 -41.78 -9.85
N LYS D 91 42.89 -40.75 -10.66
CA LYS D 91 42.24 -39.45 -10.48
C LYS D 91 41.15 -39.21 -11.50
N VAL D 92 39.97 -38.83 -11.00
CA VAL D 92 38.82 -38.60 -11.86
C VAL D 92 38.28 -37.18 -11.63
N SER D 93 37.44 -36.71 -12.55
CA SER D 93 36.76 -35.43 -12.39
C SER D 93 35.82 -35.51 -11.19
N PHE D 94 35.65 -34.39 -10.48
CA PHE D 94 34.88 -34.38 -9.24
C PHE D 94 34.15 -33.06 -9.06
N ASP D 95 32.86 -33.03 -9.38
CA ASP D 95 32.04 -31.85 -9.18
C ASP D 95 30.61 -32.27 -8.84
N PRO D 96 30.13 -31.89 -7.64
CA PRO D 96 28.81 -32.29 -7.13
C PRO D 96 27.67 -31.81 -8.03
N ILE D 97 26.61 -32.62 -8.12
CA ILE D 97 25.48 -32.34 -8.98
C ILE D 97 24.16 -32.41 -8.21
N PRO D 98 23.12 -31.74 -8.71
CA PRO D 98 21.79 -31.80 -8.08
C PRO D 98 21.28 -33.23 -7.92
N ILE D 99 20.97 -33.61 -6.67
CA ILE D 99 20.41 -34.92 -6.39
C ILE D 99 19.07 -34.77 -5.68
N HIS D 100 17.98 -34.75 -6.45
CA HIS D 100 16.65 -34.65 -5.89
C HIS D 100 16.27 -35.98 -5.23
N TYR D 101 15.87 -35.94 -3.97
CA TYR D 101 15.40 -37.14 -3.29
C TYR D 101 13.87 -37.19 -3.31
N CYS D 102 13.32 -38.31 -3.77
CA CYS D 102 11.88 -38.41 -3.96
C CYS D 102 11.22 -39.48 -3.10
N ALA D 103 9.91 -39.38 -2.96
CA ALA D 103 9.12 -40.32 -2.17
C ALA D 103 8.55 -41.43 -3.03
N PRO D 104 8.56 -42.67 -2.53
CA PRO D 104 8.09 -43.84 -3.27
C PRO D 104 6.58 -43.87 -3.47
N ALA D 105 6.08 -44.98 -4.01
CA ALA D 105 4.66 -45.12 -4.27
C ALA D 105 3.88 -45.42 -2.99
N GLY D 106 3.14 -44.42 -2.51
CA GLY D 106 2.30 -44.59 -1.34
C GLY D 106 2.59 -43.59 -0.23
N TYR D 107 3.62 -42.78 -0.42
CA TYR D 107 4.04 -41.83 0.60
C TYR D 107 4.18 -40.43 0.02
N ALA D 108 4.52 -39.46 0.88
CA ALA D 108 4.66 -38.08 0.44
C ALA D 108 5.62 -37.29 1.33
N ILE D 109 6.08 -36.13 0.84
CA ILE D 109 6.98 -35.26 1.58
C ILE D 109 6.36 -33.89 1.76
N LEU D 110 6.69 -33.23 2.86
CA LEU D 110 6.16 -31.91 3.16
C LEU D 110 7.26 -30.84 3.11
N LYS D 111 7.09 -29.87 2.23
CA LYS D 111 8.04 -28.77 2.08
C LYS D 111 7.52 -27.52 2.76
N CYS D 112 8.03 -27.23 3.96
CA CYS D 112 7.61 -26.06 4.72
C CYS D 112 7.88 -24.76 3.98
N ASN D 113 6.81 -24.09 3.56
CA ASN D 113 6.94 -22.84 2.80
C ASN D 113 7.46 -21.68 3.65
N ASN D 114 7.27 -21.78 4.96
CA ASN D 114 7.75 -20.73 5.87
C ASN D 114 9.27 -20.61 5.80
N LYS D 115 9.73 -19.47 5.29
CA LYS D 115 11.15 -19.26 5.05
C LYS D 115 11.95 -19.15 6.35
N THR D 116 11.33 -18.57 7.36
CA THR D 116 11.98 -18.41 8.66
C THR D 116 11.65 -19.57 9.60
N PHE D 117 11.81 -20.79 9.09
CA PHE D 117 11.57 -21.97 9.90
C PHE D 117 12.77 -22.25 10.80
N SER D 118 12.51 -22.52 12.08
CA SER D 118 13.58 -22.69 13.06
C SER D 118 14.23 -24.06 13.00
N GLY D 119 13.87 -24.85 11.98
CA GLY D 119 14.47 -26.16 11.78
C GLY D 119 13.75 -27.28 12.51
N LYS D 120 13.20 -26.95 13.68
CA LYS D 120 12.51 -27.95 14.50
C LYS D 120 11.28 -27.35 15.18
N GLY D 121 10.10 -27.74 14.74
CA GLY D 121 8.87 -27.25 15.32
C GLY D 121 7.73 -27.14 14.33
N PRO D 122 6.77 -26.25 14.61
CA PRO D 122 5.58 -26.04 13.79
C PRO D 122 5.87 -25.25 12.52
N CYS D 123 5.16 -25.57 11.44
CA CYS D 123 5.30 -24.84 10.19
C CYS D 123 3.99 -24.14 9.85
N SER D 124 4.02 -22.82 9.80
CA SER D 124 2.83 -22.03 9.54
C SER D 124 2.26 -22.34 8.15
N ASN D 125 3.06 -22.11 7.11
CA ASN D 125 2.64 -22.40 5.76
C ASN D 125 3.25 -23.70 5.25
N VAL D 126 2.47 -24.78 5.28
CA VAL D 126 2.95 -26.08 4.83
C VAL D 126 2.47 -26.37 3.42
N SER D 127 3.35 -26.99 2.63
CA SER D 127 2.96 -27.52 1.33
C SER D 127 3.49 -28.94 1.19
N THR D 128 3.17 -29.58 0.08
CA THR D 128 3.64 -30.94 -0.16
C THR D 128 4.22 -31.09 -1.56
N VAL D 129 5.18 -31.99 -1.69
CA VAL D 129 5.81 -32.27 -2.98
C VAL D 129 5.98 -33.77 -3.15
N GLN D 130 6.55 -34.17 -4.28
CA GLN D 130 6.86 -35.57 -4.53
C GLN D 130 8.34 -35.83 -4.26
N CYS D 131 9.17 -34.89 -4.68
CA CYS D 131 10.62 -34.99 -4.51
C CYS D 131 11.21 -33.68 -4.00
N THR D 132 12.43 -33.75 -3.50
CA THR D 132 13.16 -32.58 -3.06
C THR D 132 13.67 -31.78 -4.26
N HIS D 133 14.37 -30.68 -3.99
CA HIS D 133 14.91 -29.83 -5.04
C HIS D 133 16.34 -30.24 -5.38
N GLY D 134 17.01 -29.43 -6.20
CA GLY D 134 18.37 -29.72 -6.61
C GLY D 134 19.34 -29.67 -5.44
N ILE D 135 19.73 -30.83 -4.95
CA ILE D 135 20.64 -30.92 -3.81
C ILE D 135 21.99 -31.50 -4.20
N ARG D 136 23.02 -30.67 -4.13
CA ARG D 136 24.38 -31.08 -4.45
C ARG D 136 25.09 -31.63 -3.21
N PRO D 137 25.61 -32.87 -3.32
CA PRO D 137 26.31 -33.55 -2.22
C PRO D 137 27.59 -32.84 -1.84
N VAL D 138 27.49 -31.81 -1.01
CA VAL D 138 28.65 -31.05 -0.60
C VAL D 138 29.27 -31.62 0.68
N VAL D 139 30.45 -32.21 0.53
CA VAL D 139 31.15 -32.82 1.65
C VAL D 139 32.28 -31.90 2.11
N SER D 140 32.08 -31.26 3.27
CA SER D 140 33.06 -30.33 3.81
C SER D 140 32.92 -30.12 5.31
N THR D 141 33.82 -29.32 5.87
CA THR D 141 33.79 -28.95 7.28
C THR D 141 33.80 -27.43 7.41
N GLN D 142 33.43 -26.94 8.59
CA GLN D 142 33.42 -25.50 8.87
C GLN D 142 32.48 -24.70 7.96
N LEU D 143 32.65 -24.85 6.64
CA LEU D 143 31.82 -24.14 5.67
C LEU D 143 30.97 -25.08 4.84
N LEU D 144 29.86 -24.56 4.31
CA LEU D 144 29.03 -25.30 3.37
C LEU D 144 29.13 -24.63 1.99
N LEU D 145 29.20 -25.45 0.95
CA LEU D 145 29.39 -24.95 -0.41
C LEU D 145 28.20 -25.28 -1.30
N ASN D 146 28.16 -24.67 -2.49
CA ASN D 146 27.18 -24.96 -3.54
C ASN D 146 25.72 -25.17 -3.12
N GLY D 147 25.38 -24.79 -1.90
CA GLY D 147 24.04 -25.02 -1.38
C GLY D 147 23.05 -23.99 -1.86
N SER D 148 21.93 -23.88 -1.15
CA SER D 148 20.88 -22.93 -1.49
C SER D 148 20.78 -21.83 -0.43
N LEU D 149 20.80 -20.59 -0.90
CA LEU D 149 20.72 -19.44 -0.01
C LEU D 149 19.38 -19.37 0.72
N ALA D 150 19.40 -18.82 1.93
CA ALA D 150 18.17 -18.58 2.66
C ALA D 150 17.45 -17.40 2.04
N GLU D 151 16.13 -17.53 1.85
CA GLU D 151 15.34 -16.49 1.23
C GLU D 151 15.14 -15.29 2.16
N GLU D 152 14.98 -15.57 3.45
CA GLU D 152 14.74 -14.52 4.44
C GLU D 152 16.01 -14.15 5.20
N GLU D 153 15.81 -13.46 6.32
CA GLU D 153 16.90 -13.07 7.19
C GLU D 153 17.69 -14.30 7.65
N ILE D 154 18.96 -14.10 7.98
CA ILE D 154 19.85 -15.18 8.37
C ILE D 154 19.25 -16.10 9.44
N VAL D 155 19.10 -17.38 9.09
CA VAL D 155 18.44 -18.35 9.96
C VAL D 155 19.43 -19.21 10.73
N ILE D 156 19.13 -19.43 12.01
CA ILE D 156 19.95 -20.27 12.87
C ILE D 156 19.13 -21.51 13.25
N ARG D 157 19.81 -22.63 13.44
CA ARG D 157 19.12 -23.87 13.81
C ARG D 157 19.96 -24.77 14.71
N SER D 158 19.36 -25.23 15.80
CA SER D 158 20.04 -26.11 16.75
C SER D 158 19.09 -27.22 17.23
N GLU D 159 19.67 -28.31 17.72
CA GLU D 159 18.88 -29.42 18.23
C GLU D 159 18.47 -29.16 19.67
N ASN D 160 19.43 -28.66 20.45
CA ASN D 160 19.19 -28.37 21.86
C ASN D 160 20.19 -27.35 22.36
N LEU D 161 19.85 -26.06 22.24
CA LEU D 161 20.75 -24.99 22.67
C LEU D 161 21.01 -25.01 24.17
N THR D 162 20.27 -25.84 24.89
CA THR D 162 20.57 -26.13 26.28
C THR D 162 22.00 -26.68 26.34
N ASP D 163 22.29 -27.63 25.47
CA ASP D 163 23.63 -28.16 25.32
C ASP D 163 24.43 -27.34 24.33
N ASN D 164 25.63 -26.92 24.74
CA ASN D 164 26.54 -26.22 23.85
C ASN D 164 27.32 -27.22 22.99
N ALA D 165 27.11 -28.50 23.27
CA ALA D 165 27.82 -29.56 22.56
C ALA D 165 27.12 -29.96 21.27
N LYS D 166 25.89 -29.47 21.07
CA LYS D 166 25.16 -29.74 19.85
C LYS D 166 25.46 -28.67 18.80
N THR D 167 25.80 -29.12 17.59
CA THR D 167 26.26 -28.25 16.51
C THR D 167 25.20 -27.23 16.09
N ILE D 168 25.67 -26.11 15.54
CA ILE D 168 24.78 -25.04 15.07
C ILE D 168 24.99 -24.78 13.58
N ILE D 169 23.90 -24.84 12.82
CA ILE D 169 23.94 -24.62 11.37
C ILE D 169 23.35 -23.26 11.02
N VAL D 170 23.95 -22.59 10.03
CA VAL D 170 23.54 -21.24 9.66
C VAL D 170 23.28 -21.14 8.15
N HIS D 171 22.29 -20.33 7.77
CA HIS D 171 22.04 -20.01 6.36
C HIS D 171 22.19 -18.52 6.10
N LEU D 172 22.23 -18.13 4.84
CA LEU D 172 22.52 -16.74 4.46
C LEU D 172 21.53 -16.19 3.43
N ASN D 173 21.29 -14.88 3.49
CA ASN D 173 20.42 -14.23 2.50
C ASN D 173 21.18 -13.62 1.32
N LYS D 174 22.47 -13.94 1.23
CA LYS D 174 23.29 -13.56 0.07
C LYS D 174 24.57 -14.39 0.05
N SER D 175 24.97 -14.80 -1.15
CA SER D 175 26.12 -15.69 -1.31
C SER D 175 27.44 -14.93 -1.40
N VAL D 176 28.52 -15.62 -1.01
CA VAL D 176 29.87 -15.07 -1.13
C VAL D 176 30.77 -16.10 -1.84
N GLU D 177 31.46 -15.66 -2.87
CA GLU D 177 32.27 -16.58 -3.68
C GLU D 177 33.62 -16.92 -3.02
N ILE D 178 34.02 -18.18 -3.15
CA ILE D 178 35.34 -18.61 -2.70
C ILE D 178 36.14 -19.17 -3.87
N GLU D 179 37.45 -18.94 -3.85
CA GLU D 179 38.31 -19.37 -4.95
C GLU D 179 39.59 -20.03 -4.44
N CYS D 180 39.62 -21.36 -4.48
CA CYS D 180 40.80 -22.10 -4.08
C CYS D 180 41.54 -22.65 -5.28
N ILE D 181 42.73 -22.10 -5.54
CA ILE D 181 43.48 -22.44 -6.74
C ILE D 181 44.70 -23.30 -6.43
N ARG D 182 45.30 -23.84 -7.47
CA ARG D 182 46.55 -24.60 -7.36
C ARG D 182 47.32 -24.38 -8.65
N PRO D 183 48.22 -23.38 -8.66
CA PRO D 183 49.00 -22.94 -9.82
C PRO D 183 49.53 -24.09 -10.68
N GLY D 184 49.27 -24.04 -11.97
CA GLY D 184 49.63 -25.12 -12.88
C GLY D 184 51.08 -25.13 -13.32
N ASN D 185 51.97 -24.82 -12.38
CA ASN D 185 53.40 -24.82 -12.65
C ASN D 185 54.22 -24.90 -11.37
N GLY D 192 58.87 -27.70 -8.05
CA GLY D 192 58.66 -26.89 -6.86
C GLY D 192 57.77 -27.58 -5.83
N ASP D 193 56.86 -26.81 -5.24
CA ASP D 193 55.95 -27.34 -4.24
C ASP D 193 54.55 -27.54 -4.81
N ILE D 194 54.12 -28.81 -4.88
CA ILE D 194 52.81 -29.14 -5.41
C ILE D 194 51.71 -28.84 -4.39
N ARG D 195 51.89 -29.33 -3.18
CA ARG D 195 50.89 -29.17 -2.12
C ARG D 195 50.84 -27.75 -1.59
N LYS D 196 50.26 -26.84 -2.36
CA LYS D 196 50.07 -25.46 -1.94
C LYS D 196 48.90 -24.85 -2.69
N ALA D 197 48.10 -24.05 -2.00
CA ALA D 197 46.89 -23.48 -2.59
C ALA D 197 46.54 -22.12 -2.00
N TYR D 198 45.64 -21.41 -2.67
CA TYR D 198 45.24 -20.07 -2.24
C TYR D 198 43.71 -19.90 -2.26
N CYS D 199 43.14 -19.60 -1.10
CA CYS D 199 41.71 -19.35 -0.99
C CYS D 199 41.38 -17.87 -1.03
N LYS D 200 40.76 -17.43 -2.12
CA LYS D 200 40.42 -16.03 -2.28
C LYS D 200 38.95 -15.72 -1.97
N ILE D 201 38.73 -14.56 -1.35
CA ILE D 201 37.39 -14.12 -0.96
C ILE D 201 37.30 -12.60 -1.03
N ASN D 202 36.24 -12.10 -1.66
CA ASN D 202 35.99 -10.67 -1.69
C ASN D 202 35.69 -10.14 -0.29
N GLY D 203 36.64 -9.41 0.28
CA GLY D 203 36.55 -8.95 1.66
C GLY D 203 35.39 -8.02 1.97
N SER D 204 35.05 -7.14 1.03
CA SER D 204 33.95 -6.22 1.23
C SER D 204 32.63 -6.95 1.39
N GLU D 205 32.49 -8.07 0.68
CA GLU D 205 31.29 -8.89 0.78
C GLU D 205 31.39 -9.85 1.97
N TRP D 206 32.46 -9.71 2.75
CA TRP D 206 32.65 -10.53 3.94
C TRP D 206 32.41 -9.72 5.21
N ASN D 207 32.90 -8.48 5.23
CA ASN D 207 32.69 -7.58 6.35
C ASN D 207 31.22 -7.14 6.47
N GLU D 208 30.39 -7.72 5.60
CA GLU D 208 28.95 -7.51 5.63
C GLU D 208 28.25 -8.81 6.03
N THR D 209 28.67 -9.91 5.41
CA THR D 209 28.01 -11.20 5.59
C THR D 209 28.37 -11.87 6.91
N LEU D 210 29.14 -11.17 7.74
CA LEU D 210 29.41 -11.63 9.10
C LEU D 210 28.99 -10.54 10.06
N THR D 211 29.00 -9.30 9.58
CA THR D 211 28.44 -8.18 10.33
C THR D 211 26.97 -8.45 10.60
N LYS D 212 26.28 -8.98 9.60
CA LYS D 212 24.86 -9.30 9.72
C LYS D 212 24.60 -10.54 10.57
N VAL D 213 25.55 -11.46 10.61
CA VAL D 213 25.37 -12.71 11.34
C VAL D 213 25.23 -12.50 12.84
N SER D 214 26.19 -11.79 13.43
CA SER D 214 26.20 -11.54 14.87
C SER D 214 24.99 -10.76 15.35
N GLU D 215 24.25 -10.19 14.41
CA GLU D 215 23.03 -9.45 14.74
C GLU D 215 21.90 -10.39 15.12
N LYS D 216 21.61 -11.35 14.25
CA LYS D 216 20.59 -12.34 14.53
C LYS D 216 21.05 -13.25 15.66
N LEU D 217 22.37 -13.30 15.87
CA LEU D 217 22.95 -14.04 16.98
C LEU D 217 22.59 -13.42 18.32
N LYS D 218 22.15 -12.17 18.30
CA LYS D 218 21.78 -11.47 19.52
C LYS D 218 20.44 -11.94 20.07
N LYS D 223 23.78 -10.53 24.61
CA LYS D 223 25.13 -10.33 25.12
C LYS D 223 26.10 -9.98 24.01
N THR D 224 27.37 -10.30 24.21
CA THR D 224 28.44 -9.96 23.28
C THR D 224 28.91 -11.19 22.53
N ILE D 225 29.42 -10.99 21.32
CA ILE D 225 29.81 -12.10 20.44
C ILE D 225 31.30 -12.10 20.12
N ARG D 226 31.93 -13.26 20.31
CA ARG D 226 33.35 -13.43 20.02
C ARG D 226 33.58 -14.62 19.10
N PHE D 227 34.47 -14.46 18.13
CA PHE D 227 34.76 -15.52 17.17
C PHE D 227 36.22 -15.95 17.26
N ALA D 228 36.46 -17.25 17.15
CA ALA D 228 37.81 -17.80 17.22
C ALA D 228 37.94 -19.07 16.38
N GLN D 229 39.17 -19.54 16.22
CA GLN D 229 39.43 -20.76 15.47
C GLN D 229 39.04 -21.97 16.31
N HIS D 230 38.97 -23.14 15.69
CA HIS D 230 38.57 -24.36 16.38
C HIS D 230 39.49 -24.66 17.58
N SER D 231 38.89 -25.15 18.66
CA SER D 231 39.62 -25.39 19.91
C SER D 231 40.79 -26.35 19.72
N GLY D 232 40.53 -27.48 19.05
CA GLY D 232 41.56 -28.46 18.81
C GLY D 232 40.99 -29.84 18.57
N GLY D 233 41.07 -30.29 17.33
CA GLY D 233 40.64 -31.63 16.96
C GLY D 233 41.49 -32.15 15.84
N ASP D 234 40.97 -33.11 15.08
CA ASP D 234 41.67 -33.61 13.91
C ASP D 234 41.83 -32.48 12.90
N LEU D 235 42.84 -32.60 12.04
CA LEU D 235 43.13 -31.56 11.06
C LEU D 235 41.90 -31.18 10.24
N GLU D 236 41.23 -32.20 9.69
CA GLU D 236 40.06 -32.01 8.83
C GLU D 236 38.97 -31.14 9.47
N VAL D 237 38.94 -31.11 10.79
CA VAL D 237 37.94 -30.33 11.54
C VAL D 237 38.42 -28.92 11.84
N THR D 238 39.63 -28.81 12.39
CA THR D 238 40.16 -27.52 12.79
C THR D 238 40.51 -26.61 11.61
N THR D 239 40.43 -27.16 10.40
CA THR D 239 40.57 -26.36 9.19
C THR D 239 39.40 -26.64 8.23
N HIS D 240 39.49 -26.10 7.03
CA HIS D 240 38.43 -26.27 6.04
C HIS D 240 38.74 -27.40 5.06
N SER D 241 38.19 -28.58 5.33
CA SER D 241 38.42 -29.75 4.50
C SER D 241 37.39 -29.86 3.39
N PHE D 242 37.85 -29.96 2.15
CA PHE D 242 36.97 -30.16 1.01
C PHE D 242 37.74 -30.73 -0.18
N ASN D 243 37.00 -31.35 -1.10
CA ASN D 243 37.57 -32.01 -2.25
C ASN D 243 37.42 -31.15 -3.52
N CYS D 244 38.52 -31.00 -4.25
CA CYS D 244 38.52 -30.18 -5.45
C CYS D 244 39.12 -30.98 -6.61
N ARG D 245 38.26 -31.42 -7.53
CA ARG D 245 38.67 -32.26 -8.66
C ARG D 245 39.31 -33.59 -8.27
N GLY D 246 39.23 -33.93 -6.98
CA GLY D 246 39.78 -35.18 -6.50
C GLY D 246 40.88 -34.97 -5.46
N GLU D 247 41.25 -33.73 -5.22
CA GLU D 247 42.30 -33.39 -4.26
C GLU D 247 41.72 -32.81 -2.97
N PHE D 248 42.19 -33.33 -1.84
CA PHE D 248 41.68 -32.92 -0.53
C PHE D 248 42.36 -31.65 -0.02
N PHE D 249 41.68 -30.52 -0.17
CA PHE D 249 42.21 -29.23 0.24
C PHE D 249 42.04 -29.00 1.74
N TYR D 250 42.95 -28.21 2.31
CA TYR D 250 42.90 -27.85 3.72
C TYR D 250 43.31 -26.40 3.88
N CYS D 251 42.33 -25.50 3.96
CA CYS D 251 42.59 -24.07 4.02
C CYS D 251 42.53 -23.52 5.44
N ASN D 252 43.65 -22.94 5.88
CA ASN D 252 43.78 -22.41 7.23
C ASN D 252 42.86 -21.21 7.47
N THR D 253 41.83 -21.41 8.29
CA THR D 253 40.87 -20.35 8.57
C THR D 253 41.20 -19.60 9.85
N SER D 254 42.29 -18.84 9.82
CA SER D 254 42.73 -18.07 10.98
C SER D 254 42.49 -16.58 10.80
N GLU D 255 42.73 -16.10 9.58
CA GLU D 255 42.62 -14.67 9.28
C GLU D 255 41.18 -14.19 9.36
N LEU D 256 40.24 -15.06 9.03
CA LEU D 256 38.82 -14.70 9.04
C LEU D 256 38.31 -14.36 10.44
N PHE D 257 38.89 -15.01 11.44
CA PHE D 257 38.41 -14.88 12.81
C PHE D 257 39.39 -14.15 13.71
N ASN D 258 39.63 -12.87 13.40
CA ASN D 258 40.55 -12.05 14.18
C ASN D 258 39.84 -10.89 14.86
N SER D 259 40.51 -10.28 15.84
CA SER D 259 39.95 -9.16 16.57
C SER D 259 40.22 -7.84 15.86
N SER D 264 40.02 -6.26 3.24
CA SER D 264 39.48 -6.77 1.99
C SER D 264 40.50 -7.66 1.28
N ASN D 265 40.06 -8.31 0.20
CA ASN D 265 40.90 -9.25 -0.55
C ASN D 265 41.55 -10.31 0.33
N ILE D 266 40.76 -10.84 1.28
CA ILE D 266 41.27 -11.82 2.23
C ILE D 266 41.61 -13.14 1.55
N THR D 267 42.89 -13.52 1.61
CA THR D 267 43.34 -14.78 1.06
C THR D 267 43.74 -15.76 2.17
N LEU D 268 43.76 -17.05 1.85
CA LEU D 268 44.10 -18.07 2.82
C LEU D 268 45.13 -19.06 2.30
N PRO D 269 46.03 -19.51 3.19
CA PRO D 269 47.08 -20.48 2.85
C PRO D 269 46.57 -21.93 2.89
N CYS D 270 45.99 -22.39 1.79
CA CYS D 270 45.52 -23.76 1.71
C CYS D 270 46.64 -24.71 1.28
N ARG D 271 46.58 -25.96 1.73
CA ARG D 271 47.62 -26.92 1.42
C ARG D 271 47.05 -28.32 1.19
N ILE D 272 47.18 -28.81 -0.04
CA ILE D 272 46.67 -30.12 -0.41
C ILE D 272 47.34 -31.24 0.38
N LYS D 273 46.53 -32.17 0.88
CA LYS D 273 47.06 -33.34 1.56
C LYS D 273 46.66 -34.64 0.85
N GLN D 274 47.20 -35.75 1.32
CA GLN D 274 46.86 -37.05 0.80
C GLN D 274 46.47 -37.98 1.94
N ILE D 275 46.94 -37.65 3.14
CA ILE D 275 46.63 -38.44 4.32
C ILE D 275 45.42 -37.87 5.04
N ILE D 276 44.23 -38.26 4.60
CA ILE D 276 42.99 -37.78 5.19
C ILE D 276 42.50 -38.70 6.30
N ASN D 277 41.82 -38.12 7.28
CA ASN D 277 41.15 -38.90 8.30
C ASN D 277 39.69 -39.06 7.90
N MET D 278 39.32 -40.27 7.47
CA MET D 278 38.01 -40.54 6.88
C MET D 278 36.82 -40.02 7.69
N TRP D 279 35.90 -39.35 7.00
CA TRP D 279 34.71 -38.79 7.62
C TRP D 279 33.61 -39.84 7.73
N GLN D 280 33.72 -40.90 6.93
CA GLN D 280 32.76 -42.00 6.96
C GLN D 280 32.68 -42.61 8.36
N GLY D 281 33.83 -43.04 8.88
CA GLY D 281 33.90 -43.63 10.20
C GLY D 281 35.28 -43.47 10.83
N VAL D 282 35.98 -44.59 10.97
CA VAL D 282 37.31 -44.60 11.58
C VAL D 282 38.35 -45.10 10.58
N GLY D 283 39.51 -44.45 10.58
CA GLY D 283 40.60 -44.88 9.72
C GLY D 283 41.07 -43.78 8.78
N ARG D 284 42.31 -43.88 8.33
CA ARG D 284 42.87 -42.90 7.42
C ARG D 284 43.12 -43.50 6.04
N ALA D 285 43.29 -42.65 5.04
CA ALA D 285 43.49 -43.09 3.68
C ALA D 285 44.46 -42.19 2.93
N MET D 286 45.28 -42.79 2.08
CA MET D 286 46.24 -42.03 1.28
C MET D 286 45.93 -42.14 -0.21
N TYR D 287 45.72 -41.00 -0.85
CA TYR D 287 45.39 -40.96 -2.27
C TYR D 287 46.60 -40.54 -3.10
N ALA D 288 46.54 -40.83 -4.40
CA ALA D 288 47.63 -40.48 -5.30
C ALA D 288 47.81 -38.96 -5.38
N PRO D 289 49.07 -38.51 -5.39
CA PRO D 289 49.44 -37.09 -5.44
C PRO D 289 48.73 -36.33 -6.55
N PRO D 290 48.48 -35.03 -6.33
CA PRO D 290 47.76 -34.15 -7.26
C PRO D 290 48.32 -34.18 -8.68
N ILE D 291 47.44 -34.02 -9.66
CA ILE D 291 47.85 -33.94 -11.06
C ILE D 291 48.34 -32.54 -11.38
N ARG D 292 49.26 -32.44 -12.34
CA ARG D 292 49.77 -31.14 -12.75
C ARG D 292 48.68 -30.35 -13.48
N GLY D 293 48.64 -29.04 -13.23
CA GLY D 293 47.65 -28.19 -13.85
C GLY D 293 46.93 -27.35 -12.83
N GLU D 294 46.35 -26.24 -13.29
CA GLU D 294 45.64 -25.32 -12.42
C GLU D 294 44.37 -25.97 -11.84
N ILE D 295 44.47 -26.40 -10.59
CA ILE D 295 43.32 -26.95 -9.88
C ILE D 295 42.61 -25.89 -9.07
N LYS D 296 41.68 -25.18 -9.70
CA LYS D 296 40.89 -24.15 -9.04
C LYS D 296 39.39 -24.48 -9.08
N CYS D 297 38.84 -25.02 -7.99
CA CYS D 297 37.40 -25.25 -7.86
C CYS D 297 36.74 -24.01 -7.31
N THR D 298 35.74 -23.51 -8.04
CA THR D 298 34.99 -22.36 -7.61
C THR D 298 33.56 -22.80 -7.25
N SER D 299 33.23 -22.67 -5.97
CA SER D 299 31.89 -23.01 -5.49
C SER D 299 31.39 -21.93 -4.52
N ASN D 300 30.09 -21.67 -4.54
CA ASN D 300 29.49 -20.66 -3.68
C ASN D 300 29.50 -21.05 -2.19
N ILE D 301 29.45 -20.05 -1.33
CA ILE D 301 29.34 -20.29 0.11
C ILE D 301 27.91 -20.01 0.55
N THR D 302 27.28 -20.99 1.21
CA THR D 302 25.87 -20.89 1.54
C THR D 302 25.54 -21.18 3.00
N GLY D 303 26.39 -21.95 3.66
CA GLY D 303 26.12 -22.35 5.03
C GLY D 303 27.36 -22.47 5.90
N ILE D 304 27.16 -22.39 7.21
CA ILE D 304 28.27 -22.42 8.17
C ILE D 304 27.94 -23.32 9.37
N LEU D 305 28.94 -24.07 9.82
CA LEU D 305 28.79 -24.94 10.99
C LEU D 305 29.70 -24.45 12.11
N LEU D 306 29.20 -24.43 13.34
CA LEU D 306 29.97 -23.92 14.48
C LEU D 306 29.79 -24.75 15.75
N THR D 307 30.15 -24.15 16.88
CA THR D 307 29.92 -24.74 18.20
C THR D 307 30.00 -23.65 19.26
N ARG D 308 29.38 -23.92 20.42
CA ARG D 308 29.37 -22.95 21.50
C ARG D 308 30.24 -23.41 22.67
N ASP D 309 30.95 -22.48 23.29
CA ASP D 309 31.82 -22.80 24.42
C ASP D 309 31.04 -22.79 25.73
N GLY D 310 31.05 -23.91 26.43
CA GLY D 310 30.35 -24.04 27.69
C GLY D 310 31.27 -23.85 28.89
N SER D 316 31.13 -14.88 32.32
CA SER D 316 31.80 -13.90 31.47
C SER D 316 30.76 -13.11 30.67
N THR D 317 31.17 -11.99 30.11
CA THR D 317 30.25 -11.12 29.38
C THR D 317 30.18 -11.48 27.89
N GLU D 318 31.07 -12.36 27.45
CA GLU D 318 31.11 -12.75 26.04
C GLU D 318 30.70 -14.21 25.81
N GLU D 319 30.30 -14.49 24.56
CA GLU D 319 30.00 -15.85 24.15
C GLU D 319 30.90 -16.27 23.00
N ILE D 320 31.56 -17.41 23.16
CA ILE D 320 32.56 -17.85 22.20
C ILE D 320 31.99 -18.86 21.21
N PHE D 321 32.27 -18.66 19.93
CA PHE D 321 31.78 -19.53 18.88
C PHE D 321 32.91 -20.05 17.99
N ARG D 322 33.05 -21.37 17.92
CA ARG D 322 34.13 -22.00 17.17
C ARG D 322 33.56 -22.84 16.01
N PRO D 323 34.07 -22.62 14.80
CA PRO D 323 33.67 -23.43 13.63
C PRO D 323 34.01 -24.90 13.83
N GLU D 324 33.07 -25.77 13.46
CA GLU D 324 33.24 -27.21 13.63
C GLU D 324 32.79 -27.97 12.40
N GLY D 325 33.44 -29.10 12.13
CA GLY D 325 33.05 -29.96 11.02
C GLY D 325 32.34 -31.20 11.52
N GLY D 326 32.51 -31.49 12.81
CA GLY D 326 31.90 -32.61 13.50
C GLY D 326 31.45 -33.79 12.67
N ASN D 327 30.16 -34.12 12.78
CA ASN D 327 29.57 -35.15 11.94
C ASN D 327 29.15 -34.58 10.60
N MET D 328 29.25 -35.39 9.55
CA MET D 328 28.93 -34.93 8.22
C MET D 328 27.42 -34.83 7.99
N ARG D 329 26.66 -35.54 8.81
CA ARG D 329 25.20 -35.58 8.69
C ARG D 329 24.54 -34.19 8.72
N ASP D 330 25.21 -33.24 9.37
CA ASP D 330 24.71 -31.86 9.43
C ASP D 330 24.75 -31.19 8.07
N ASN D 331 25.72 -31.56 7.25
CA ASN D 331 25.90 -30.97 5.93
C ASN D 331 24.70 -31.23 5.03
N TRP D 332 24.00 -32.33 5.28
CA TRP D 332 22.77 -32.65 4.56
C TRP D 332 21.57 -32.12 5.31
N ARG D 333 21.72 -31.99 6.62
CA ARG D 333 20.66 -31.54 7.50
C ARG D 333 20.35 -30.06 7.25
N SER D 334 21.22 -29.38 6.52
CA SER D 334 21.03 -27.97 6.19
C SER D 334 20.28 -27.82 4.88
N GLU D 335 19.87 -28.93 4.28
CA GLU D 335 19.16 -28.91 3.02
C GLU D 335 17.91 -29.79 3.06
N LEU D 336 17.78 -30.57 4.14
CA LEU D 336 16.65 -31.47 4.31
C LEU D 336 15.82 -31.11 5.53
N TYR D 337 16.11 -29.95 6.11
CA TYR D 337 15.45 -29.52 7.35
C TYR D 337 13.96 -29.28 7.17
N LYS D 338 13.58 -28.76 6.01
CA LYS D 338 12.18 -28.44 5.74
C LYS D 338 11.44 -29.60 5.06
N TYR D 339 11.88 -30.82 5.37
CA TYR D 339 11.24 -32.02 4.82
C TYR D 339 11.00 -33.05 5.90
N LYS D 340 9.96 -33.88 5.72
CA LYS D 340 9.74 -35.03 6.58
C LYS D 340 8.88 -36.07 5.88
N VAL D 341 9.14 -37.35 6.17
CA VAL D 341 8.42 -38.44 5.52
C VAL D 341 7.13 -38.79 6.25
N VAL D 342 6.04 -38.92 5.49
CA VAL D 342 4.76 -39.31 6.05
C VAL D 342 4.08 -40.38 5.20
N GLU D 343 3.38 -41.30 5.87
CA GLU D 343 2.58 -42.29 5.16
C GLU D 343 1.16 -41.76 5.03
N ILE D 344 0.75 -41.53 3.79
CA ILE D 344 -0.59 -40.97 3.55
C ILE D 344 -1.66 -42.04 3.77
N LYS D 345 -2.60 -41.74 4.67
CA LYS D 345 -3.64 -42.70 5.02
C LYS D 345 -4.71 -42.80 3.94
#